data_5FJL
# 
_entry.id   5FJL 
# 
_audit_conform.dict_name       mmcif_pdbx.dic 
_audit_conform.dict_version    5.383 
_audit_conform.dict_location   http://mmcif.pdb.org/dictionaries/ascii/mmcif_pdbx.dic 
# 
loop_
_database_2.database_id 
_database_2.database_code 
_database_2.pdbx_database_accession 
_database_2.pdbx_DOI 
PDB   5FJL         pdb_00005fjl 10.2210/pdb5fjl/pdb 
PDBE  EBI-65268    ?            ?                   
WWPDB D_1290065268 ?            ?                   
# 
loop_
_pdbx_audit_revision_history.ordinal 
_pdbx_audit_revision_history.data_content_type 
_pdbx_audit_revision_history.major_revision 
_pdbx_audit_revision_history.minor_revision 
_pdbx_audit_revision_history.revision_date 
1 'Structure model' 1 0 2016-06-29 
2 'Structure model' 1 1 2016-07-06 
3 'Structure model' 1 2 2017-12-13 
4 'Structure model' 1 3 2024-01-10 
# 
_pdbx_audit_revision_details.ordinal             1 
_pdbx_audit_revision_details.revision_ordinal    1 
_pdbx_audit_revision_details.data_content_type   'Structure model' 
_pdbx_audit_revision_details.provider            repository 
_pdbx_audit_revision_details.type                'Initial release' 
_pdbx_audit_revision_details.description         ? 
_pdbx_audit_revision_details.details             ? 
# 
loop_
_pdbx_audit_revision_group.ordinal 
_pdbx_audit_revision_group.revision_ordinal 
_pdbx_audit_revision_group.data_content_type 
_pdbx_audit_revision_group.group 
1 2 'Structure model' 'Database references'    
2 3 'Structure model' 'Database references'    
3 4 'Structure model' 'Data collection'        
4 4 'Structure model' 'Database references'    
5 4 'Structure model' 'Derived calculations'   
6 4 'Structure model' Other                    
7 4 'Structure model' 'Refinement description' 
# 
loop_
_pdbx_audit_revision_category.ordinal 
_pdbx_audit_revision_category.revision_ordinal 
_pdbx_audit_revision_category.data_content_type 
_pdbx_audit_revision_category.category 
1 3 'Structure model' citation_author               
2 4 'Structure model' chem_comp_atom                
3 4 'Structure model' chem_comp_bond                
4 4 'Structure model' database_2                    
5 4 'Structure model' pdbx_database_status          
6 4 'Structure model' pdbx_initial_refinement_model 
7 4 'Structure model' struct_site                   
# 
loop_
_pdbx_audit_revision_item.ordinal 
_pdbx_audit_revision_item.revision_ordinal 
_pdbx_audit_revision_item.data_content_type 
_pdbx_audit_revision_item.item 
1 3 'Structure model' '_citation_author.name'                
2 4 'Structure model' '_database_2.pdbx_DOI'                 
3 4 'Structure model' '_database_2.pdbx_database_accession'  
4 4 'Structure model' '_pdbx_database_status.status_code_sf' 
5 4 'Structure model' '_struct_site.pdbx_auth_asym_id'       
6 4 'Structure model' '_struct_site.pdbx_auth_comp_id'       
7 4 'Structure model' '_struct_site.pdbx_auth_seq_id'        
# 
_pdbx_database_status.status_code                     REL 
_pdbx_database_status.entry_id                        5FJL 
_pdbx_database_status.deposit_site                    PDBE 
_pdbx_database_status.process_site                    PDBE 
_pdbx_database_status.SG_entry                        . 
_pdbx_database_status.recvd_initial_deposition_date   2015-10-09 
_pdbx_database_status.pdb_format_compatible           Y 
_pdbx_database_status.status_code_sf                  REL 
_pdbx_database_status.status_code_mr                  ? 
_pdbx_database_status.status_code_cs                  ? 
_pdbx_database_status.methods_development_category    ? 
_pdbx_database_status.status_code_nmr_data            ? 
# 
loop_
_audit_author.name 
_audit_author.pdbx_ordinal 
_audit_author.identifier_ORCID 
'Nguyen, T.H.'    1 ? 
'van Raaij, M.J.' 2 ? 
# 
loop_
_citation.id 
_citation.title 
_citation.journal_abbrev 
_citation.journal_volume 
_citation.page_first 
_citation.page_last 
_citation.year 
_citation.journal_id_ASTM 
_citation.country 
_citation.journal_id_ISSN 
_citation.journal_id_CSD 
_citation.book_publisher 
_citation.pdbx_database_id_PubMed 
_citation.pdbx_database_id_DOI 
primary 'Crystal Structure of Raptor Adenovirus 1 Fibre Head and Role of the Beta-Hairpin in Siadenovirus Fibre Head Domains' 
Virol.J.          13 106  ? 2016 ? ? 1743-422X ? ? 27334597 10.1186/S12985-016-0558-7    
1       'Complete Sequence of Raptor Adenovirus 1 Confirms the Characteristic Genome Organization of Siadenoviruses.'         
Infect.Genet.Evol 11 1058 ? 2011 ? ? 1567-1348 ? ? 21463713 10.1016/J.MEEGID.2011.03.021 
# 
loop_
_citation_author.citation_id 
_citation_author.name 
_citation_author.ordinal 
_citation_author.identifier_ORCID 
primary 'Nguyen, T.H.'    1 ? 
primary 'Ballmann, M.Z.'  2 ? 
primary 'Do, H.T.'        3 ? 
primary 'Truong, H.N.'    4 ? 
primary 'Benko, M.'       5 ? 
primary 'Harrach, B.'     6 ? 
primary 'van Raaij, M.J.' 7 ? 
1       'Kovacs, E.R.'    8 ? 
1       'Benko, M.'       9 ? 
# 
loop_
_entity.id 
_entity.type 
_entity.src_method 
_entity.pdbx_description 
_entity.formula_weight 
_entity.pdbx_number_of_molecules 
_entity.pdbx_ec 
_entity.pdbx_mutation 
_entity.pdbx_fragment 
_entity.details 
1 polymer     man 'FIBER PROTEIN' 19060.756 1   ? ? 'FIBRE HEAD DOMAIN, RESIDUES 324-464' ? 
2 non-polymer syn 'CHLORIDE ION'  35.453    4   ? ? ?                                     ? 
3 water       nat water           18.015    174 ? ? ?                                     ? 
# 
_entity_name_com.entity_id   1 
_entity_name_com.name        'ADENOVIRUS FIBRE' 
# 
_entity_poly.entity_id                      1 
_entity_poly.type                           'polypeptide(L)' 
_entity_poly.nstd_linkage                   no 
_entity_poly.nstd_monomer                   no 
_entity_poly.pdbx_seq_one_letter_code       
;GSSHHHHHHSSGLVPRGSHMASMTGGQQMGRGSGEGVSYSDGHFLTKSGGVINFRKTRVTSITITILGNYGLRVVNGELQ
NTPLTFKGADFKSSTLKDELLIPLEGAVQLNTAPSTALCIFITTDHVYRELCMMQFLTDVDKTPFLVVLRSESKHETIQY
MHIVTVHPFLSLTA
;
_entity_poly.pdbx_seq_one_letter_code_can   
;GSSHHHHHHSSGLVPRGSHMASMTGGQQMGRGSGEGVSYSDGHFLTKSGGVINFRKTRVTSITITILGNYGLRVVNGELQ
NTPLTFKGADFKSSTLKDELLIPLEGAVQLNTAPSTALCIFITTDHVYRELCMMQFLTDVDKTPFLVVLRSESKHETIQY
MHIVTVHPFLSLTA
;
_entity_poly.pdbx_strand_id                 A 
_entity_poly.pdbx_target_identifier         ? 
# 
loop_
_pdbx_entity_nonpoly.entity_id 
_pdbx_entity_nonpoly.name 
_pdbx_entity_nonpoly.comp_id 
2 'CHLORIDE ION' CL  
3 water          HOH 
# 
loop_
_entity_poly_seq.entity_id 
_entity_poly_seq.num 
_entity_poly_seq.mon_id 
_entity_poly_seq.hetero 
1 1   GLY n 
1 2   SER n 
1 3   SER n 
1 4   HIS n 
1 5   HIS n 
1 6   HIS n 
1 7   HIS n 
1 8   HIS n 
1 9   HIS n 
1 10  SER n 
1 11  SER n 
1 12  GLY n 
1 13  LEU n 
1 14  VAL n 
1 15  PRO n 
1 16  ARG n 
1 17  GLY n 
1 18  SER n 
1 19  HIS n 
1 20  MET n 
1 21  ALA n 
1 22  SER n 
1 23  MET n 
1 24  THR n 
1 25  GLY n 
1 26  GLY n 
1 27  GLN n 
1 28  GLN n 
1 29  MET n 
1 30  GLY n 
1 31  ARG n 
1 32  GLY n 
1 33  SER n 
1 34  GLY n 
1 35  GLU n 
1 36  GLY n 
1 37  VAL n 
1 38  SER n 
1 39  TYR n 
1 40  SER n 
1 41  ASP n 
1 42  GLY n 
1 43  HIS n 
1 44  PHE n 
1 45  LEU n 
1 46  THR n 
1 47  LYS n 
1 48  SER n 
1 49  GLY n 
1 50  GLY n 
1 51  VAL n 
1 52  ILE n 
1 53  ASN n 
1 54  PHE n 
1 55  ARG n 
1 56  LYS n 
1 57  THR n 
1 58  ARG n 
1 59  VAL n 
1 60  THR n 
1 61  SER n 
1 62  ILE n 
1 63  THR n 
1 64  ILE n 
1 65  THR n 
1 66  ILE n 
1 67  LEU n 
1 68  GLY n 
1 69  ASN n 
1 70  TYR n 
1 71  GLY n 
1 72  LEU n 
1 73  ARG n 
1 74  VAL n 
1 75  VAL n 
1 76  ASN n 
1 77  GLY n 
1 78  GLU n 
1 79  LEU n 
1 80  GLN n 
1 81  ASN n 
1 82  THR n 
1 83  PRO n 
1 84  LEU n 
1 85  THR n 
1 86  PHE n 
1 87  LYS n 
1 88  GLY n 
1 89  ALA n 
1 90  ASP n 
1 91  PHE n 
1 92  LYS n 
1 93  SER n 
1 94  SER n 
1 95  THR n 
1 96  LEU n 
1 97  LYS n 
1 98  ASP n 
1 99  GLU n 
1 100 LEU n 
1 101 LEU n 
1 102 ILE n 
1 103 PRO n 
1 104 LEU n 
1 105 GLU n 
1 106 GLY n 
1 107 ALA n 
1 108 VAL n 
1 109 GLN n 
1 110 LEU n 
1 111 ASN n 
1 112 THR n 
1 113 ALA n 
1 114 PRO n 
1 115 SER n 
1 116 THR n 
1 117 ALA n 
1 118 LEU n 
1 119 CYS n 
1 120 ILE n 
1 121 PHE n 
1 122 ILE n 
1 123 THR n 
1 124 THR n 
1 125 ASP n 
1 126 HIS n 
1 127 VAL n 
1 128 TYR n 
1 129 ARG n 
1 130 GLU n 
1 131 LEU n 
1 132 CYS n 
1 133 MET n 
1 134 MET n 
1 135 GLN n 
1 136 PHE n 
1 137 LEU n 
1 138 THR n 
1 139 ASP n 
1 140 VAL n 
1 141 ASP n 
1 142 LYS n 
1 143 THR n 
1 144 PRO n 
1 145 PHE n 
1 146 LEU n 
1 147 VAL n 
1 148 VAL n 
1 149 LEU n 
1 150 ARG n 
1 151 SER n 
1 152 GLU n 
1 153 SER n 
1 154 LYS n 
1 155 HIS n 
1 156 GLU n 
1 157 THR n 
1 158 ILE n 
1 159 GLN n 
1 160 TYR n 
1 161 MET n 
1 162 HIS n 
1 163 ILE n 
1 164 VAL n 
1 165 THR n 
1 166 VAL n 
1 167 HIS n 
1 168 PRO n 
1 169 PHE n 
1 170 LEU n 
1 171 SER n 
1 172 LEU n 
1 173 THR n 
1 174 ALA n 
# 
_entity_src_gen.entity_id                          1 
_entity_src_gen.pdbx_src_id                        1 
_entity_src_gen.pdbx_alt_source_flag               sample 
_entity_src_gen.pdbx_seq_type                      ? 
_entity_src_gen.pdbx_beg_seq_num                   ? 
_entity_src_gen.pdbx_end_seq_num                   ? 
_entity_src_gen.gene_src_common_name               ? 
_entity_src_gen.gene_src_genus                     ? 
_entity_src_gen.pdbx_gene_src_gene                 ? 
_entity_src_gen.gene_src_species                   ? 
_entity_src_gen.gene_src_strain                    ? 
_entity_src_gen.gene_src_tissue                    ? 
_entity_src_gen.gene_src_tissue_fraction           ? 
_entity_src_gen.gene_src_details                   ? 
_entity_src_gen.pdbx_gene_src_fragment             ? 
_entity_src_gen.pdbx_gene_src_scientific_name      'RAPTOR SIADENOVIRUS A' 
_entity_src_gen.pdbx_gene_src_ncbi_taxonomy_id     691961 
_entity_src_gen.pdbx_gene_src_variant              ? 
_entity_src_gen.pdbx_gene_src_cell_line            ? 
_entity_src_gen.pdbx_gene_src_atcc                 ? 
_entity_src_gen.pdbx_gene_src_organ                ? 
_entity_src_gen.pdbx_gene_src_organelle            ? 
_entity_src_gen.pdbx_gene_src_cell                 ? 
_entity_src_gen.pdbx_gene_src_cellular_location    ? 
_entity_src_gen.host_org_common_name               ? 
_entity_src_gen.pdbx_host_org_scientific_name      'ESCHERICHIA COLI BL21(DE3)' 
_entity_src_gen.pdbx_host_org_ncbi_taxonomy_id     469008 
_entity_src_gen.host_org_genus                     ? 
_entity_src_gen.pdbx_host_org_gene                 ? 
_entity_src_gen.pdbx_host_org_organ                ? 
_entity_src_gen.host_org_species                   ? 
_entity_src_gen.pdbx_host_org_tissue               ? 
_entity_src_gen.pdbx_host_org_tissue_fraction      ? 
_entity_src_gen.pdbx_host_org_strain               ? 
_entity_src_gen.pdbx_host_org_variant              ? 
_entity_src_gen.pdbx_host_org_cell_line            ? 
_entity_src_gen.pdbx_host_org_atcc                 ? 
_entity_src_gen.pdbx_host_org_culture_collection   ? 
_entity_src_gen.pdbx_host_org_cell                 ? 
_entity_src_gen.pdbx_host_org_organelle            ? 
_entity_src_gen.pdbx_host_org_cellular_location    ? 
_entity_src_gen.pdbx_host_org_vector_type          PLASMID 
_entity_src_gen.pdbx_host_org_vector               PET28A 
_entity_src_gen.host_org_details                   ? 
_entity_src_gen.expression_system_id               ? 
_entity_src_gen.plasmid_name                       ? 
_entity_src_gen.plasmid_details                    ? 
_entity_src_gen.pdbx_description                   'SEE SECONDARY REFERENCE' 
# 
loop_
_chem_comp.id 
_chem_comp.type 
_chem_comp.mon_nstd_flag 
_chem_comp.name 
_chem_comp.pdbx_synonyms 
_chem_comp.formula 
_chem_comp.formula_weight 
ALA 'L-peptide linking' y ALANINE         ? 'C3 H7 N O2'     89.093  
ARG 'L-peptide linking' y ARGININE        ? 'C6 H15 N4 O2 1' 175.209 
ASN 'L-peptide linking' y ASPARAGINE      ? 'C4 H8 N2 O3'    132.118 
ASP 'L-peptide linking' y 'ASPARTIC ACID' ? 'C4 H7 N O4'     133.103 
CL  non-polymer         . 'CHLORIDE ION'  ? 'Cl -1'          35.453  
CYS 'L-peptide linking' y CYSTEINE        ? 'C3 H7 N O2 S'   121.158 
GLN 'L-peptide linking' y GLUTAMINE       ? 'C5 H10 N2 O3'   146.144 
GLU 'L-peptide linking' y 'GLUTAMIC ACID' ? 'C5 H9 N O4'     147.129 
GLY 'peptide linking'   y GLYCINE         ? 'C2 H5 N O2'     75.067  
HIS 'L-peptide linking' y HISTIDINE       ? 'C6 H10 N3 O2 1' 156.162 
HOH non-polymer         . WATER           ? 'H2 O'           18.015  
ILE 'L-peptide linking' y ISOLEUCINE      ? 'C6 H13 N O2'    131.173 
LEU 'L-peptide linking' y LEUCINE         ? 'C6 H13 N O2'    131.173 
LYS 'L-peptide linking' y LYSINE          ? 'C6 H15 N2 O2 1' 147.195 
MET 'L-peptide linking' y METHIONINE      ? 'C5 H11 N O2 S'  149.211 
PHE 'L-peptide linking' y PHENYLALANINE   ? 'C9 H11 N O2'    165.189 
PRO 'L-peptide linking' y PROLINE         ? 'C5 H9 N O2'     115.130 
SER 'L-peptide linking' y SERINE          ? 'C3 H7 N O3'     105.093 
THR 'L-peptide linking' y THREONINE       ? 'C4 H9 N O3'     119.119 
TYR 'L-peptide linking' y TYROSINE        ? 'C9 H11 N O3'    181.189 
VAL 'L-peptide linking' y VALINE          ? 'C5 H11 N O2'    117.146 
# 
loop_
_pdbx_poly_seq_scheme.asym_id 
_pdbx_poly_seq_scheme.entity_id 
_pdbx_poly_seq_scheme.seq_id 
_pdbx_poly_seq_scheme.mon_id 
_pdbx_poly_seq_scheme.ndb_seq_num 
_pdbx_poly_seq_scheme.pdb_seq_num 
_pdbx_poly_seq_scheme.auth_seq_num 
_pdbx_poly_seq_scheme.pdb_mon_id 
_pdbx_poly_seq_scheme.auth_mon_id 
_pdbx_poly_seq_scheme.pdb_strand_id 
_pdbx_poly_seq_scheme.pdb_ins_code 
_pdbx_poly_seq_scheme.hetero 
A 1 1   GLY 1   291 ?   ?   ?   A . n 
A 1 2   SER 2   292 ?   ?   ?   A . n 
A 1 3   SER 3   293 ?   ?   ?   A . n 
A 1 4   HIS 4   294 ?   ?   ?   A . n 
A 1 5   HIS 5   295 ?   ?   ?   A . n 
A 1 6   HIS 6   296 ?   ?   ?   A . n 
A 1 7   HIS 7   297 ?   ?   ?   A . n 
A 1 8   HIS 8   298 ?   ?   ?   A . n 
A 1 9   HIS 9   299 ?   ?   ?   A . n 
A 1 10  SER 10  300 ?   ?   ?   A . n 
A 1 11  SER 11  301 ?   ?   ?   A . n 
A 1 12  GLY 12  302 ?   ?   ?   A . n 
A 1 13  LEU 13  303 ?   ?   ?   A . n 
A 1 14  VAL 14  304 ?   ?   ?   A . n 
A 1 15  PRO 15  305 ?   ?   ?   A . n 
A 1 16  ARG 16  306 ?   ?   ?   A . n 
A 1 17  GLY 17  307 ?   ?   ?   A . n 
A 1 18  SER 18  308 ?   ?   ?   A . n 
A 1 19  HIS 19  309 ?   ?   ?   A . n 
A 1 20  MET 20  310 ?   ?   ?   A . n 
A 1 21  ALA 21  311 ?   ?   ?   A . n 
A 1 22  SER 22  312 ?   ?   ?   A . n 
A 1 23  MET 23  313 ?   ?   ?   A . n 
A 1 24  THR 24  314 ?   ?   ?   A . n 
A 1 25  GLY 25  315 ?   ?   ?   A . n 
A 1 26  GLY 26  316 ?   ?   ?   A . n 
A 1 27  GLN 27  317 ?   ?   ?   A . n 
A 1 28  GLN 28  318 ?   ?   ?   A . n 
A 1 29  MET 29  319 ?   ?   ?   A . n 
A 1 30  GLY 30  320 ?   ?   ?   A . n 
A 1 31  ARG 31  321 ?   ?   ?   A . n 
A 1 32  GLY 32  322 ?   ?   ?   A . n 
A 1 33  SER 33  323 ?   ?   ?   A . n 
A 1 34  GLY 34  324 ?   ?   ?   A . n 
A 1 35  GLU 35  325 ?   ?   ?   A . n 
A 1 36  GLY 36  326 ?   ?   ?   A . n 
A 1 37  VAL 37  327 327 VAL VAL A . n 
A 1 38  SER 38  328 328 SER SER A . n 
A 1 39  TYR 39  329 329 TYR TYR A . n 
A 1 40  SER 40  330 330 SER SER A . n 
A 1 41  ASP 41  331 331 ASP ASP A . n 
A 1 42  GLY 42  332 332 GLY GLY A . n 
A 1 43  HIS 43  333 333 HIS HIS A . n 
A 1 44  PHE 44  334 334 PHE PHE A . n 
A 1 45  LEU 45  335 335 LEU LEU A . n 
A 1 46  THR 46  336 336 THR THR A . n 
A 1 47  LYS 47  337 337 LYS LYS A . n 
A 1 48  SER 48  338 338 SER SER A . n 
A 1 49  GLY 49  339 339 GLY GLY A . n 
A 1 50  GLY 50  340 340 GLY GLY A . n 
A 1 51  VAL 51  341 341 VAL VAL A . n 
A 1 52  ILE 52  342 342 ILE ILE A . n 
A 1 53  ASN 53  343 343 ASN ASN A . n 
A 1 54  PHE 54  344 344 PHE PHE A . n 
A 1 55  ARG 55  345 345 ARG ARG A . n 
A 1 56  LYS 56  346 346 LYS LYS A . n 
A 1 57  THR 57  347 347 THR THR A . n 
A 1 58  ARG 58  348 348 ARG ARG A . n 
A 1 59  VAL 59  349 349 VAL VAL A . n 
A 1 60  THR 60  350 350 THR THR A . n 
A 1 61  SER 61  351 351 SER SER A . n 
A 1 62  ILE 62  352 352 ILE ILE A . n 
A 1 63  THR 63  353 353 THR THR A . n 
A 1 64  ILE 64  354 354 ILE ILE A . n 
A 1 65  THR 65  355 355 THR THR A . n 
A 1 66  ILE 66  356 356 ILE ILE A . n 
A 1 67  LEU 67  357 357 LEU LEU A . n 
A 1 68  GLY 68  358 358 GLY GLY A . n 
A 1 69  ASN 69  359 359 ASN ASN A . n 
A 1 70  TYR 70  360 360 TYR TYR A . n 
A 1 71  GLY 71  361 361 GLY GLY A . n 
A 1 72  LEU 72  362 362 LEU LEU A . n 
A 1 73  ARG 73  363 363 ARG ARG A . n 
A 1 74  VAL 74  364 364 VAL VAL A . n 
A 1 75  VAL 75  365 365 VAL VAL A . n 
A 1 76  ASN 76  366 366 ASN ASN A . n 
A 1 77  GLY 77  367 367 GLY GLY A . n 
A 1 78  GLU 78  368 368 GLU GLU A . n 
A 1 79  LEU 79  369 369 LEU LEU A . n 
A 1 80  GLN 80  370 370 GLN GLN A . n 
A 1 81  ASN 81  371 371 ASN ASN A . n 
A 1 82  THR 82  372 372 THR THR A . n 
A 1 83  PRO 83  373 373 PRO PRO A . n 
A 1 84  LEU 84  374 374 LEU LEU A . n 
A 1 85  THR 85  375 375 THR THR A . n 
A 1 86  PHE 86  376 376 PHE PHE A . n 
A 1 87  LYS 87  377 377 LYS LYS A . n 
A 1 88  GLY 88  378 378 GLY GLY A . n 
A 1 89  ALA 89  379 379 ALA ALA A . n 
A 1 90  ASP 90  380 380 ASP ASP A . n 
A 1 91  PHE 91  381 381 PHE PHE A . n 
A 1 92  LYS 92  382 382 LYS LYS A . n 
A 1 93  SER 93  383 383 SER SER A . n 
A 1 94  SER 94  384 384 SER SER A . n 
A 1 95  THR 95  385 385 THR THR A . n 
A 1 96  LEU 96  386 386 LEU LEU A . n 
A 1 97  LYS 97  387 387 LYS LYS A . n 
A 1 98  ASP 98  388 388 ASP ASP A . n 
A 1 99  GLU 99  389 389 GLU GLU A . n 
A 1 100 LEU 100 390 390 LEU LEU A . n 
A 1 101 LEU 101 391 391 LEU LEU A . n 
A 1 102 ILE 102 392 392 ILE ILE A . n 
A 1 103 PRO 103 393 393 PRO PRO A . n 
A 1 104 LEU 104 394 394 LEU LEU A . n 
A 1 105 GLU 105 395 395 GLU GLU A . n 
A 1 106 GLY 106 396 396 GLY GLY A . n 
A 1 107 ALA 107 397 397 ALA ALA A . n 
A 1 108 VAL 108 398 398 VAL VAL A . n 
A 1 109 GLN 109 399 399 GLN GLN A . n 
A 1 110 LEU 110 400 400 LEU LEU A . n 
A 1 111 ASN 111 401 401 ASN ASN A . n 
A 1 112 THR 112 402 402 THR THR A . n 
A 1 113 ALA 113 403 403 ALA ALA A . n 
A 1 114 PRO 114 404 404 PRO PRO A . n 
A 1 115 SER 115 405 405 SER SER A . n 
A 1 116 THR 116 406 406 THR THR A . n 
A 1 117 ALA 117 407 407 ALA ALA A . n 
A 1 118 LEU 118 408 408 LEU LEU A . n 
A 1 119 CYS 119 409 409 CYS CYS A . n 
A 1 120 ILE 120 410 410 ILE ILE A . n 
A 1 121 PHE 121 411 411 PHE PHE A . n 
A 1 122 ILE 122 412 412 ILE ILE A . n 
A 1 123 THR 123 413 413 THR THR A . n 
A 1 124 THR 124 414 414 THR THR A . n 
A 1 125 ASP 125 415 415 ASP ASP A . n 
A 1 126 HIS 126 416 416 HIS HIS A . n 
A 1 127 VAL 127 417 417 VAL VAL A . n 
A 1 128 TYR 128 418 418 TYR TYR A . n 
A 1 129 ARG 129 419 419 ARG ARG A . n 
A 1 130 GLU 130 420 420 GLU GLU A . n 
A 1 131 LEU 131 421 421 LEU LEU A . n 
A 1 132 CYS 132 422 422 CYS CYS A . n 
A 1 133 MET 133 423 423 MET MET A . n 
A 1 134 MET 134 424 424 MET MET A . n 
A 1 135 GLN 135 425 425 GLN GLN A . n 
A 1 136 PHE 136 426 426 PHE PHE A . n 
A 1 137 LEU 137 427 427 LEU LEU A . n 
A 1 138 THR 138 428 428 THR THR A . n 
A 1 139 ASP 139 429 429 ASP ASP A . n 
A 1 140 VAL 140 430 430 VAL VAL A . n 
A 1 141 ASP 141 431 431 ASP ASP A . n 
A 1 142 LYS 142 432 432 LYS LYS A . n 
A 1 143 THR 143 433 433 THR THR A . n 
A 1 144 PRO 144 434 434 PRO PRO A . n 
A 1 145 PHE 145 435 435 PHE PHE A . n 
A 1 146 LEU 146 436 436 LEU LEU A . n 
A 1 147 VAL 147 437 437 VAL VAL A . n 
A 1 148 VAL 148 438 438 VAL VAL A . n 
A 1 149 LEU 149 439 439 LEU LEU A . n 
A 1 150 ARG 150 440 440 ARG ARG A . n 
A 1 151 SER 151 441 441 SER SER A . n 
A 1 152 GLU 152 442 442 GLU GLU A . n 
A 1 153 SER 153 443 443 SER SER A . n 
A 1 154 LYS 154 444 444 LYS LYS A . n 
A 1 155 HIS 155 445 445 HIS HIS A . n 
A 1 156 GLU 156 446 446 GLU GLU A . n 
A 1 157 THR 157 447 447 THR THR A . n 
A 1 158 ILE 158 448 448 ILE ILE A . n 
A 1 159 GLN 159 449 449 GLN GLN A . n 
A 1 160 TYR 160 450 450 TYR TYR A . n 
A 1 161 MET 161 451 451 MET MET A . n 
A 1 162 HIS 162 452 452 HIS HIS A . n 
A 1 163 ILE 163 453 453 ILE ILE A . n 
A 1 164 VAL 164 454 454 VAL VAL A . n 
A 1 165 THR 165 455 455 THR THR A . n 
A 1 166 VAL 166 456 456 VAL VAL A . n 
A 1 167 HIS 167 457 457 HIS HIS A . n 
A 1 168 PRO 168 458 458 PRO PRO A . n 
A 1 169 PHE 169 459 459 PHE PHE A . n 
A 1 170 LEU 170 460 460 LEU LEU A . n 
A 1 171 SER 171 461 461 SER SER A . n 
A 1 172 LEU 172 462 462 LEU LEU A . n 
A 1 173 THR 173 463 ?   ?   ?   A . n 
A 1 174 ALA 174 464 ?   ?   ?   A . n 
# 
loop_
_pdbx_nonpoly_scheme.asym_id 
_pdbx_nonpoly_scheme.entity_id 
_pdbx_nonpoly_scheme.mon_id 
_pdbx_nonpoly_scheme.ndb_seq_num 
_pdbx_nonpoly_scheme.pdb_seq_num 
_pdbx_nonpoly_scheme.auth_seq_num 
_pdbx_nonpoly_scheme.pdb_mon_id 
_pdbx_nonpoly_scheme.auth_mon_id 
_pdbx_nonpoly_scheme.pdb_strand_id 
_pdbx_nonpoly_scheme.pdb_ins_code 
B 2 CL  1   1463 1463 CL  CL  A . 
C 2 CL  1   1464 1464 CL  CL  A . 
D 2 CL  1   1465 1465 CL  CL  A . 
E 2 CL  1   1466 1466 CL  CL  A . 
F 3 HOH 1   2001 2001 HOH HOH A . 
F 3 HOH 2   2002 2002 HOH HOH A . 
F 3 HOH 3   2003 2003 HOH HOH A . 
F 3 HOH 4   2004 2004 HOH HOH A . 
F 3 HOH 5   2005 2005 HOH HOH A . 
F 3 HOH 6   2006 2006 HOH HOH A . 
F 3 HOH 7   2007 2007 HOH HOH A . 
F 3 HOH 8   2008 2008 HOH HOH A . 
F 3 HOH 9   2009 2009 HOH HOH A . 
F 3 HOH 10  2010 2010 HOH HOH A . 
F 3 HOH 11  2011 2011 HOH HOH A . 
F 3 HOH 12  2012 2012 HOH HOH A . 
F 3 HOH 13  2013 2013 HOH HOH A . 
F 3 HOH 14  2014 2014 HOH HOH A . 
F 3 HOH 15  2015 2015 HOH HOH A . 
F 3 HOH 16  2016 2016 HOH HOH A . 
F 3 HOH 17  2017 2017 HOH HOH A . 
F 3 HOH 18  2018 2018 HOH HOH A . 
F 3 HOH 19  2019 2019 HOH HOH A . 
F 3 HOH 20  2020 2020 HOH HOH A . 
F 3 HOH 21  2021 2021 HOH HOH A . 
F 3 HOH 22  2022 2022 HOH HOH A . 
F 3 HOH 23  2023 2023 HOH HOH A . 
F 3 HOH 24  2024 2024 HOH HOH A . 
F 3 HOH 25  2025 2025 HOH HOH A . 
F 3 HOH 26  2026 2026 HOH HOH A . 
F 3 HOH 27  2027 2027 HOH HOH A . 
F 3 HOH 28  2028 2028 HOH HOH A . 
F 3 HOH 29  2029 2029 HOH HOH A . 
F 3 HOH 30  2030 2030 HOH HOH A . 
F 3 HOH 31  2031 2031 HOH HOH A . 
F 3 HOH 32  2032 2032 HOH HOH A . 
F 3 HOH 33  2033 2033 HOH HOH A . 
F 3 HOH 34  2034 2034 HOH HOH A . 
F 3 HOH 35  2035 2035 HOH HOH A . 
F 3 HOH 36  2036 2036 HOH HOH A . 
F 3 HOH 37  2037 2037 HOH HOH A . 
F 3 HOH 38  2038 2038 HOH HOH A . 
F 3 HOH 39  2039 2039 HOH HOH A . 
F 3 HOH 40  2040 2040 HOH HOH A . 
F 3 HOH 41  2041 2041 HOH HOH A . 
F 3 HOH 42  2042 2042 HOH HOH A . 
F 3 HOH 43  2043 2043 HOH HOH A . 
F 3 HOH 44  2044 2044 HOH HOH A . 
F 3 HOH 45  2045 2045 HOH HOH A . 
F 3 HOH 46  2046 2046 HOH HOH A . 
F 3 HOH 47  2047 2047 HOH HOH A . 
F 3 HOH 48  2048 2048 HOH HOH A . 
F 3 HOH 49  2049 2049 HOH HOH A . 
F 3 HOH 50  2050 2050 HOH HOH A . 
F 3 HOH 51  2051 2051 HOH HOH A . 
F 3 HOH 52  2052 2052 HOH HOH A . 
F 3 HOH 53  2053 2053 HOH HOH A . 
F 3 HOH 54  2054 2054 HOH HOH A . 
F 3 HOH 55  2055 2055 HOH HOH A . 
F 3 HOH 56  2056 2056 HOH HOH A . 
F 3 HOH 57  2057 2057 HOH HOH A . 
F 3 HOH 58  2058 2058 HOH HOH A . 
F 3 HOH 59  2059 2059 HOH HOH A . 
F 3 HOH 60  2060 2060 HOH HOH A . 
F 3 HOH 61  2061 2061 HOH HOH A . 
F 3 HOH 62  2062 2062 HOH HOH A . 
F 3 HOH 63  2063 2063 HOH HOH A . 
F 3 HOH 64  2064 2064 HOH HOH A . 
F 3 HOH 65  2065 2065 HOH HOH A . 
F 3 HOH 66  2066 2066 HOH HOH A . 
F 3 HOH 67  2067 2067 HOH HOH A . 
F 3 HOH 68  2068 2068 HOH HOH A . 
F 3 HOH 69  2069 2069 HOH HOH A . 
F 3 HOH 70  2070 2070 HOH HOH A . 
F 3 HOH 71  2071 2071 HOH HOH A . 
F 3 HOH 72  2072 2072 HOH HOH A . 
F 3 HOH 73  2073 2073 HOH HOH A . 
F 3 HOH 74  2074 2074 HOH HOH A . 
F 3 HOH 75  2075 2075 HOH HOH A . 
F 3 HOH 76  2076 2076 HOH HOH A . 
F 3 HOH 77  2077 2077 HOH HOH A . 
F 3 HOH 78  2078 2078 HOH HOH A . 
F 3 HOH 79  2079 2079 HOH HOH A . 
F 3 HOH 80  2080 2080 HOH HOH A . 
F 3 HOH 81  2081 2081 HOH HOH A . 
F 3 HOH 82  2082 2082 HOH HOH A . 
F 3 HOH 83  2083 2083 HOH HOH A . 
F 3 HOH 84  2084 2084 HOH HOH A . 
F 3 HOH 85  2085 2085 HOH HOH A . 
F 3 HOH 86  2086 2086 HOH HOH A . 
F 3 HOH 87  2087 2087 HOH HOH A . 
F 3 HOH 88  2088 2088 HOH HOH A . 
F 3 HOH 89  2089 2089 HOH HOH A . 
F 3 HOH 90  2090 2090 HOH HOH A . 
F 3 HOH 91  2091 2091 HOH HOH A . 
F 3 HOH 92  2092 2092 HOH HOH A . 
F 3 HOH 93  2093 2093 HOH HOH A . 
F 3 HOH 94  2094 2094 HOH HOH A . 
F 3 HOH 95  2095 2095 HOH HOH A . 
F 3 HOH 96  2096 2096 HOH HOH A . 
F 3 HOH 97  2097 2097 HOH HOH A . 
F 3 HOH 98  2098 2098 HOH HOH A . 
F 3 HOH 99  2099 2099 HOH HOH A . 
F 3 HOH 100 2100 2100 HOH HOH A . 
F 3 HOH 101 2101 2101 HOH HOH A . 
F 3 HOH 102 2102 2102 HOH HOH A . 
F 3 HOH 103 2103 2103 HOH HOH A . 
F 3 HOH 104 2104 2104 HOH HOH A . 
F 3 HOH 105 2105 2105 HOH HOH A . 
F 3 HOH 106 2106 2106 HOH HOH A . 
F 3 HOH 107 2107 2107 HOH HOH A . 
F 3 HOH 108 2108 2108 HOH HOH A . 
F 3 HOH 109 2109 2109 HOH HOH A . 
F 3 HOH 110 2110 2110 HOH HOH A . 
F 3 HOH 111 2111 2111 HOH HOH A . 
F 3 HOH 112 2112 2112 HOH HOH A . 
F 3 HOH 113 2113 2113 HOH HOH A . 
F 3 HOH 114 2114 2114 HOH HOH A . 
F 3 HOH 115 2115 2115 HOH HOH A . 
F 3 HOH 116 2116 2116 HOH HOH A . 
F 3 HOH 117 2117 2117 HOH HOH A . 
F 3 HOH 118 2118 2118 HOH HOH A . 
F 3 HOH 119 2119 2119 HOH HOH A . 
F 3 HOH 120 2120 2120 HOH HOH A . 
F 3 HOH 121 2121 2121 HOH HOH A . 
F 3 HOH 122 2122 2122 HOH HOH A . 
F 3 HOH 123 2123 2123 HOH HOH A . 
F 3 HOH 124 2124 2124 HOH HOH A . 
F 3 HOH 125 2125 2125 HOH HOH A . 
F 3 HOH 126 2126 2126 HOH HOH A . 
F 3 HOH 127 2127 2127 HOH HOH A . 
F 3 HOH 128 2128 2128 HOH HOH A . 
F 3 HOH 129 2129 2129 HOH HOH A . 
F 3 HOH 130 2130 2130 HOH HOH A . 
F 3 HOH 131 2131 2131 HOH HOH A . 
F 3 HOH 132 2132 2132 HOH HOH A . 
F 3 HOH 133 2133 2133 HOH HOH A . 
F 3 HOH 134 2134 2134 HOH HOH A . 
F 3 HOH 135 2135 2135 HOH HOH A . 
F 3 HOH 136 2136 2136 HOH HOH A . 
F 3 HOH 137 2137 2137 HOH HOH A . 
F 3 HOH 138 2138 2138 HOH HOH A . 
F 3 HOH 139 2139 2139 HOH HOH A . 
F 3 HOH 140 2140 2140 HOH HOH A . 
F 3 HOH 141 2141 2141 HOH HOH A . 
F 3 HOH 142 2142 2142 HOH HOH A . 
F 3 HOH 143 2143 2143 HOH HOH A . 
F 3 HOH 144 2144 2144 HOH HOH A . 
F 3 HOH 145 2145 2145 HOH HOH A . 
F 3 HOH 146 2146 2146 HOH HOH A . 
F 3 HOH 147 2147 2147 HOH HOH A . 
F 3 HOH 148 2148 2148 HOH HOH A . 
F 3 HOH 149 2149 2149 HOH HOH A . 
F 3 HOH 150 2150 2150 HOH HOH A . 
F 3 HOH 151 2151 2151 HOH HOH A . 
F 3 HOH 152 2152 2152 HOH HOH A . 
F 3 HOH 153 2153 2153 HOH HOH A . 
F 3 HOH 154 2154 2154 HOH HOH A . 
F 3 HOH 155 2155 2155 HOH HOH A . 
F 3 HOH 156 2156 2156 HOH HOH A . 
F 3 HOH 157 2157 2157 HOH HOH A . 
F 3 HOH 158 2158 2158 HOH HOH A . 
F 3 HOH 159 2159 2159 HOH HOH A . 
F 3 HOH 160 2160 2160 HOH HOH A . 
F 3 HOH 161 2161 2161 HOH HOH A . 
F 3 HOH 162 2162 2162 HOH HOH A . 
F 3 HOH 163 2163 2163 HOH HOH A . 
F 3 HOH 164 2164 2164 HOH HOH A . 
F 3 HOH 165 2165 2165 HOH HOH A . 
F 3 HOH 166 2166 2166 HOH HOH A . 
F 3 HOH 167 2167 2167 HOH HOH A . 
F 3 HOH 168 2168 2168 HOH HOH A . 
F 3 HOH 169 2169 2169 HOH HOH A . 
F 3 HOH 170 2170 2170 HOH HOH A . 
F 3 HOH 171 2171 2171 HOH HOH A . 
F 3 HOH 172 2172 2172 HOH HOH A . 
F 3 HOH 173 2173 2173 HOH HOH A . 
F 3 HOH 174 2174 2174 HOH HOH A . 
# 
loop_
_software.name 
_software.classification 
_software.version 
_software.citation_id 
_software.pdbx_ordinal 
REFMAC  refinement       5.8.0131 ? 1 
MOSFLM  'data reduction' .        ? 2 
Aimless 'data scaling'   .        ? 3 
PHASER  phasing          .        ? 4 
# 
_cell.entry_id           5FJL 
_cell.length_a           81.720 
_cell.length_b           81.720 
_cell.length_c           81.720 
_cell.angle_alpha        90.00 
_cell.angle_beta         90.00 
_cell.angle_gamma        90.00 
_cell.Z_PDB              12 
_cell.pdbx_unique_axis   ? 
# 
_symmetry.entry_id                         5FJL 
_symmetry.space_group_name_H-M             'P 21 3' 
_symmetry.pdbx_full_space_group_name_H-M   ? 
_symmetry.cell_setting                     ? 
_symmetry.Int_Tables_number                198 
# 
_exptl.entry_id          5FJL 
_exptl.method            'X-RAY DIFFRACTION' 
_exptl.crystals_number   1 
# 
_exptl_crystal.id                    1 
_exptl_crystal.density_meas          ? 
_exptl_crystal.density_Matthews      2.5 
_exptl_crystal.density_percent_sol   51 
_exptl_crystal.description           NONE 
# 
_exptl_crystal_grow.crystal_id      1 
_exptl_crystal_grow.method          ? 
_exptl_crystal_grow.temp            ? 
_exptl_crystal_grow.temp_details    ? 
_exptl_crystal_grow.pH              9.0 
_exptl_crystal_grow.pdbx_pH_range   ? 
_exptl_crystal_grow.pdbx_details    
'20 MM BICINE-NAOH PH 9.0, 50 MM MAGNESIUM CHLORIDE, 5 MM L-ARGININE, 5% (V/V) GLYCEROL, 1.5 M SODIUM CHLORIDE, 10% (V/V) ETHANOL' 
# 
_diffrn.id                     1 
_diffrn.ambient_temp           100 
_diffrn.ambient_temp_details   ? 
_diffrn.crystal_id             1 
# 
_diffrn_detector.diffrn_id              1 
_diffrn_detector.detector               PIXEL 
_diffrn_detector.type                   'DECTRIS PILATUS 6M' 
_diffrn_detector.pdbx_collection_date   2013-10-17 
_diffrn_detector.details                
'VERTICAL FOCUSING MIRROR AND HORIZONTAL FOCUSING MIRROR ORTHOGONAL IN A KIRKPATRICK-BAEZ CONFIGURATION' 
# 
_diffrn_radiation.diffrn_id                        1 
_diffrn_radiation.wavelength_id                    1 
_diffrn_radiation.pdbx_monochromatic_or_laue_m_l   M 
_diffrn_radiation.monochromator                    'CRYOGENICALLY COOLED CHANNEL-CUT DCM SI (111)' 
_diffrn_radiation.pdbx_diffrn_protocol             'SINGLE WAVELENGTH' 
_diffrn_radiation.pdbx_scattering_type             x-ray 
# 
_diffrn_radiation_wavelength.id           1 
_diffrn_radiation_wavelength.wavelength   0.97952 
_diffrn_radiation_wavelength.wt           1.0 
# 
_diffrn_source.diffrn_id                   1 
_diffrn_source.source                      SYNCHROTRON 
_diffrn_source.type                        'ALBA BEAMLINE XALOC' 
_diffrn_source.pdbx_synchrotron_site       ALBA 
_diffrn_source.pdbx_synchrotron_beamline   XALOC 
_diffrn_source.pdbx_wavelength             0.97952 
_diffrn_source.pdbx_wavelength_list        ? 
# 
_reflns.pdbx_diffrn_id               1 
_reflns.pdbx_ordinal                 1 
_reflns.entry_id                     5FJL 
_reflns.observed_criterion_sigma_I   . 
_reflns.observed_criterion_sigma_F   ? 
_reflns.d_resolution_low             47.20 
_reflns.d_resolution_high            1.47 
_reflns.number_obs                   31365 
_reflns.number_all                   ? 
_reflns.percent_possible_obs         100.0 
_reflns.pdbx_Rmerge_I_obs            0.04 
_reflns.pdbx_Rsym_value              ? 
_reflns.pdbx_netI_over_sigmaI        29.60 
_reflns.B_iso_Wilson_estimate        17.7 
_reflns.pdbx_redundancy              9.9 
# 
_reflns_shell.pdbx_diffrn_id         1 
_reflns_shell.pdbx_ordinal           1 
_reflns_shell.d_res_high             1.47 
_reflns_shell.d_res_low              1.49 
_reflns_shell.percent_possible_all   100.0 
_reflns_shell.Rmerge_I_obs           0.60 
_reflns_shell.pdbx_Rsym_value        ? 
_reflns_shell.meanI_over_sigI_obs    3.20 
_reflns_shell.pdbx_redundancy        8.8 
# 
_refine.pdbx_refine_id                           'X-RAY DIFFRACTION' 
_refine.entry_id                                 5FJL 
_refine.pdbx_diffrn_id                           1 
_refine.pdbx_TLS_residual_ADP_flag               ? 
_refine.ls_number_reflns_obs                     29748 
_refine.ls_number_reflns_all                     ? 
_refine.pdbx_ls_sigma_I                          ? 
_refine.pdbx_ls_sigma_F                          . 
_refine.pdbx_data_cutoff_high_absF               ? 
_refine.pdbx_data_cutoff_low_absF                ? 
_refine.pdbx_data_cutoff_high_rms_absF           ? 
_refine.ls_d_res_low                             45.00 
_refine.ls_d_res_high                            1.47 
_refine.ls_percent_reflns_obs                    99.98 
_refine.ls_R_factor_obs                          0.15790 
_refine.ls_R_factor_all                          ? 
_refine.ls_R_factor_R_work                       0.15682 
_refine.ls_R_factor_R_free                       0.17862 
_refine.ls_R_factor_R_free_error                 ? 
_refine.ls_R_factor_R_free_error_details         ? 
_refine.ls_percent_reflns_R_free                 5.1 
_refine.ls_number_reflns_R_free                  1586 
_refine.ls_number_parameters                     ? 
_refine.ls_number_restraints                     ? 
_refine.occupancy_min                            ? 
_refine.occupancy_max                            ? 
_refine.correlation_coeff_Fo_to_Fc               0.975 
_refine.correlation_coeff_Fo_to_Fc_free          0.971 
_refine.B_iso_mean                               24.629 
_refine.aniso_B[1][1]                            0.00 
_refine.aniso_B[2][2]                            0.00 
_refine.aniso_B[3][3]                            0.00 
_refine.aniso_B[1][2]                            0.00 
_refine.aniso_B[1][3]                            0.00 
_refine.aniso_B[2][3]                            0.00 
_refine.solvent_model_details                    MASK 
_refine.solvent_model_param_ksol                 ? 
_refine.solvent_model_param_bsol                 ? 
_refine.pdbx_solvent_vdw_probe_radii             1.20 
_refine.pdbx_solvent_ion_probe_radii             0.80 
_refine.pdbx_solvent_shrinkage_radii             0.80 
_refine.pdbx_ls_cross_valid_method               THROUGHOUT 
_refine.details                                  'HYDROGENS HAVE BEEN ADDED IN THE RIDING POSITIONS. U VALUES REFINED INDIVIDUALLY' 
_refine.pdbx_starting_model                      'PDB ENTRY 3ZPE' 
_refine.pdbx_method_to_determine_struct          'MOLECULAR REPLACEMENT' 
_refine.pdbx_isotropic_thermal_model             ? 
_refine.pdbx_stereochemistry_target_values       'MAXIMUM LIKELIHOOD' 
_refine.pdbx_stereochem_target_val_spec_case     ? 
_refine.pdbx_R_Free_selection_details            RANDOM 
_refine.pdbx_overall_ESU_R                       0.054 
_refine.pdbx_overall_ESU_R_Free                  0.056 
_refine.overall_SU_ML                            0.036 
_refine.pdbx_overall_phase_error                 ? 
_refine.overall_SU_B                             0.930 
_refine.overall_SU_R_Cruickshank_DPI             ? 
_refine.pdbx_overall_SU_R_free_Cruickshank_DPI   ? 
_refine.pdbx_overall_SU_R_Blow_DPI               ? 
_refine.pdbx_overall_SU_R_free_Blow_DPI          ? 
# 
_refine_hist.pdbx_refine_id                   'X-RAY DIFFRACTION' 
_refine_hist.cycle_id                         LAST 
_refine_hist.pdbx_number_atoms_protein        1069 
_refine_hist.pdbx_number_atoms_nucleic_acid   0 
_refine_hist.pdbx_number_atoms_ligand         4 
_refine_hist.number_atoms_solvent             174 
_refine_hist.number_atoms_total               1247 
_refine_hist.d_res_high                       1.47 
_refine_hist.d_res_low                        45.00 
# 
loop_
_refine_ls_restr.type 
_refine_ls_restr.dev_ideal 
_refine_ls_restr.dev_ideal_target 
_refine_ls_restr.weight 
_refine_ls_restr.number 
_refine_ls_restr.pdbx_refine_id 
_refine_ls_restr.pdbx_restraint_function 
r_bond_refined_d             0.013  0.019  ? 1154 'X-RAY DIFFRACTION' ? 
r_bond_other_d               0.002  0.020  ? 1149 'X-RAY DIFFRACTION' ? 
r_angle_refined_deg          1.661  1.975  ? 1586 'X-RAY DIFFRACTION' ? 
r_angle_other_deg            0.928  3.000  ? 2658 'X-RAY DIFFRACTION' ? 
r_dihedral_angle_1_deg       7.121  5.000  ? 155  'X-RAY DIFFRACTION' ? 
r_dihedral_angle_2_deg       31.812 23.721 ? 43   'X-RAY DIFFRACTION' ? 
r_dihedral_angle_3_deg       10.229 15.000 ? 209  'X-RAY DIFFRACTION' ? 
r_dihedral_angle_4_deg       24.864 15.000 ? 5    'X-RAY DIFFRACTION' ? 
r_chiral_restr               0.104  0.200  ? 201  'X-RAY DIFFRACTION' ? 
r_gen_planes_refined         0.007  0.020  ? 1283 'X-RAY DIFFRACTION' ? 
r_gen_planes_other           0.001  0.020  ? 256  'X-RAY DIFFRACTION' ? 
r_nbd_refined                0.204  0.200  ? 590  'X-RAY DIFFRACTION' ? 
r_nbd_other                  0.156  0.200  ? 1944 'X-RAY DIFFRACTION' ? 
r_nbtor_refined              0.170  0.200  ? 1060 'X-RAY DIFFRACTION' ? 
r_nbtor_other                0.073  0.200  ? 1276 'X-RAY DIFFRACTION' ? 
r_xyhbond_nbd_refined        0.125  0.200  ? 68   'X-RAY DIFFRACTION' ? 
r_xyhbond_nbd_other          ?      ?      ? ?    'X-RAY DIFFRACTION' ? 
r_metal_ion_refined          ?      ?      ? ?    'X-RAY DIFFRACTION' ? 
r_metal_ion_other            ?      ?      ? ?    'X-RAY DIFFRACTION' ? 
r_symmetry_vdw_refined       0.245  0.200  ? 41   'X-RAY DIFFRACTION' ? 
r_symmetry_vdw_other         0.171  0.200  ? 62   'X-RAY DIFFRACTION' ? 
r_symmetry_hbond_refined     0.068  0.200  ? 10   'X-RAY DIFFRACTION' ? 
r_symmetry_hbond_other       ?      ?      ? ?    'X-RAY DIFFRACTION' ? 
r_symmetry_metal_ion_refined ?      ?      ? ?    'X-RAY DIFFRACTION' ? 
r_symmetry_metal_ion_other   ?      ?      ? ?    'X-RAY DIFFRACTION' ? 
r_mcbond_it                  1.611  2.132  ? 571  'X-RAY DIFFRACTION' ? 
r_mcbond_other               1.584  2.129  ? 570  'X-RAY DIFFRACTION' ? 
r_mcangle_it                 2.479  3.196  ? 719  'X-RAY DIFFRACTION' ? 
r_mcangle_other              ?      ?      ? ?    'X-RAY DIFFRACTION' ? 
r_scbond_it                  2.789  2.490  ? 582  'X-RAY DIFFRACTION' ? 
r_scbond_other               ?      ?      ? ?    'X-RAY DIFFRACTION' ? 
r_scangle_it                 4.312  3.605  ? 858  'X-RAY DIFFRACTION' ? 
r_scangle_other              ?      ?      ? ?    'X-RAY DIFFRACTION' ? 
r_long_range_B_refined       ?      ?      ? ?    'X-RAY DIFFRACTION' ? 
r_long_range_B_other         ?      ?      ? ?    'X-RAY DIFFRACTION' ? 
r_rigid_bond_restr           ?      ?      ? ?    'X-RAY DIFFRACTION' ? 
r_sphericity_free            ?      ?      ? ?    'X-RAY DIFFRACTION' ? 
r_sphericity_bonded          ?      ?      ? ?    'X-RAY DIFFRACTION' ? 
# 
_refine_ls_shell.pdbx_refine_id                   'X-RAY DIFFRACTION' 
_refine_ls_shell.pdbx_total_number_of_bins_used   20 
_refine_ls_shell.d_res_high                       1.468 
_refine_ls_shell.d_res_low                        1.506 
_refine_ls_shell.number_reflns_R_work             2179 
_refine_ls_shell.R_factor_R_work                  0.222 
_refine_ls_shell.percent_reflns_obs               100.00 
_refine_ls_shell.R_factor_R_free                  0.244 
_refine_ls_shell.R_factor_R_free_error            ? 
_refine_ls_shell.percent_reflns_R_free            ? 
_refine_ls_shell.number_reflns_R_free             127 
_refine_ls_shell.number_reflns_all                ? 
_refine_ls_shell.R_factor_all                     ? 
# 
_struct.entry_id                  5FJL 
_struct.title                     'Crystal structure of raptor adenovirus 1 fibre head, wild-type form' 
_struct.pdbx_model_details        ? 
_struct.pdbx_CASP_flag            ? 
_struct.pdbx_model_type_details   ? 
# 
_struct_keywords.entry_id        5FJL 
_struct_keywords.pdbx_keywords   'VIRAL PROTEIN' 
_struct_keywords.text            'VIRAL PROTEIN' 
# 
loop_
_struct_asym.id 
_struct_asym.pdbx_blank_PDB_chainid_flag 
_struct_asym.pdbx_modified 
_struct_asym.entity_id 
_struct_asym.details 
A N N 1 ? 
B N N 2 ? 
C N N 2 ? 
D N N 2 ? 
E N N 2 ? 
F N N 3 ? 
# 
_struct_ref.id                         1 
_struct_ref.db_name                    UNP 
_struct_ref.db_code                    F4MI11_9ADEN 
_struct_ref.entity_id                  1 
_struct_ref.pdbx_seq_one_letter_code   ? 
_struct_ref.pdbx_align_begin           ? 
_struct_ref.pdbx_db_accession          F4MI11 
_struct_ref.pdbx_db_isoform            ? 
# 
_struct_ref_seq.align_id                      1 
_struct_ref_seq.ref_id                        1 
_struct_ref_seq.pdbx_PDB_id_code              5FJL 
_struct_ref_seq.pdbx_strand_id                A 
_struct_ref_seq.seq_align_beg                 34 
_struct_ref_seq.pdbx_seq_align_beg_ins_code   ? 
_struct_ref_seq.seq_align_end                 174 
_struct_ref_seq.pdbx_seq_align_end_ins_code   ? 
_struct_ref_seq.pdbx_db_accession             F4MI11 
_struct_ref_seq.db_align_beg                  324 
_struct_ref_seq.pdbx_db_align_beg_ins_code    ? 
_struct_ref_seq.db_align_end                  464 
_struct_ref_seq.pdbx_db_align_end_ins_code    ? 
_struct_ref_seq.pdbx_auth_seq_align_beg       324 
_struct_ref_seq.pdbx_auth_seq_align_end       464 
# 
loop_
_struct_ref_seq_dif.align_id 
_struct_ref_seq_dif.pdbx_pdb_id_code 
_struct_ref_seq_dif.mon_id 
_struct_ref_seq_dif.pdbx_pdb_strand_id 
_struct_ref_seq_dif.seq_num 
_struct_ref_seq_dif.pdbx_pdb_ins_code 
_struct_ref_seq_dif.pdbx_seq_db_name 
_struct_ref_seq_dif.pdbx_seq_db_accession_code 
_struct_ref_seq_dif.db_mon_id 
_struct_ref_seq_dif.pdbx_seq_db_seq_num 
_struct_ref_seq_dif.details 
_struct_ref_seq_dif.pdbx_auth_seq_num 
_struct_ref_seq_dif.pdbx_ordinal 
1 5FJL GLY A 1  ? UNP F4MI11 ? ? 'expression tag' 291 1  
1 5FJL SER A 2  ? UNP F4MI11 ? ? 'expression tag' 292 2  
1 5FJL SER A 3  ? UNP F4MI11 ? ? 'expression tag' 293 3  
1 5FJL HIS A 4  ? UNP F4MI11 ? ? 'expression tag' 294 4  
1 5FJL HIS A 5  ? UNP F4MI11 ? ? 'expression tag' 295 5  
1 5FJL HIS A 6  ? UNP F4MI11 ? ? 'expression tag' 296 6  
1 5FJL HIS A 7  ? UNP F4MI11 ? ? 'expression tag' 297 7  
1 5FJL HIS A 8  ? UNP F4MI11 ? ? 'expression tag' 298 8  
1 5FJL HIS A 9  ? UNP F4MI11 ? ? 'expression tag' 299 9  
1 5FJL SER A 10 ? UNP F4MI11 ? ? 'expression tag' 300 10 
1 5FJL SER A 11 ? UNP F4MI11 ? ? 'expression tag' 301 11 
1 5FJL GLY A 12 ? UNP F4MI11 ? ? 'expression tag' 302 12 
1 5FJL LEU A 13 ? UNP F4MI11 ? ? 'expression tag' 303 13 
1 5FJL VAL A 14 ? UNP F4MI11 ? ? 'expression tag' 304 14 
1 5FJL PRO A 15 ? UNP F4MI11 ? ? 'expression tag' 305 15 
1 5FJL ARG A 16 ? UNP F4MI11 ? ? 'expression tag' 306 16 
1 5FJL GLY A 17 ? UNP F4MI11 ? ? 'expression tag' 307 17 
1 5FJL SER A 18 ? UNP F4MI11 ? ? 'expression tag' 308 18 
1 5FJL HIS A 19 ? UNP F4MI11 ? ? 'expression tag' 309 19 
1 5FJL MET A 20 ? UNP F4MI11 ? ? 'expression tag' 310 20 
1 5FJL ALA A 21 ? UNP F4MI11 ? ? 'expression tag' 311 21 
1 5FJL SER A 22 ? UNP F4MI11 ? ? 'expression tag' 312 22 
1 5FJL MET A 23 ? UNP F4MI11 ? ? 'expression tag' 313 23 
1 5FJL THR A 24 ? UNP F4MI11 ? ? 'expression tag' 314 24 
1 5FJL GLY A 25 ? UNP F4MI11 ? ? 'expression tag' 315 25 
1 5FJL GLY A 26 ? UNP F4MI11 ? ? 'expression tag' 316 26 
1 5FJL GLN A 27 ? UNP F4MI11 ? ? 'expression tag' 317 27 
1 5FJL GLN A 28 ? UNP F4MI11 ? ? 'expression tag' 318 28 
1 5FJL MET A 29 ? UNP F4MI11 ? ? 'expression tag' 319 29 
1 5FJL GLY A 30 ? UNP F4MI11 ? ? 'expression tag' 320 30 
1 5FJL ARG A 31 ? UNP F4MI11 ? ? 'expression tag' 321 31 
1 5FJL GLY A 32 ? UNP F4MI11 ? ? 'expression tag' 322 32 
1 5FJL SER A 33 ? UNP F4MI11 ? ? 'expression tag' 323 33 
# 
_pdbx_struct_assembly.id                   1 
_pdbx_struct_assembly.details              author_and_software_defined_assembly 
_pdbx_struct_assembly.method_details       PISA 
_pdbx_struct_assembly.oligomeric_details   trimeric 
_pdbx_struct_assembly.oligomeric_count     3 
# 
loop_
_pdbx_struct_assembly_prop.biol_id 
_pdbx_struct_assembly_prop.type 
_pdbx_struct_assembly_prop.value 
_pdbx_struct_assembly_prop.details 
1 'ABSA (A^2)' 8080   ? 
1 MORE         -186.4 ? 
1 'SSA (A^2)'  16530  ? 
# 
_pdbx_struct_assembly_gen.assembly_id       1 
_pdbx_struct_assembly_gen.oper_expression   1,2,3 
_pdbx_struct_assembly_gen.asym_id_list      A,B,C,D,E,F 
# 
loop_
_pdbx_struct_oper_list.id 
_pdbx_struct_oper_list.type 
_pdbx_struct_oper_list.name 
_pdbx_struct_oper_list.symmetry_operation 
_pdbx_struct_oper_list.matrix[1][1] 
_pdbx_struct_oper_list.matrix[1][2] 
_pdbx_struct_oper_list.matrix[1][3] 
_pdbx_struct_oper_list.vector[1] 
_pdbx_struct_oper_list.matrix[2][1] 
_pdbx_struct_oper_list.matrix[2][2] 
_pdbx_struct_oper_list.matrix[2][3] 
_pdbx_struct_oper_list.vector[2] 
_pdbx_struct_oper_list.matrix[3][1] 
_pdbx_struct_oper_list.matrix[3][2] 
_pdbx_struct_oper_list.matrix[3][3] 
_pdbx_struct_oper_list.vector[3] 
1 'identity operation'         1_555  x,y,z           1.0000000000  0.0000000000  0.0000000000  0.0000000000  0.0000000000  1.0000000000 0.0000000000 0.0000000000  0.0000000000  0.0000000000 1.0000000000  0.0000000000  
2 'crystal symmetry operation' 10_545 -y,z-1/2,-x+1/2 -0.4907813464 -0.3242081100 0.8087167437  -1.1337729846 0.0968237523  0.9021474318 0.4204226115 -5.9029534689 -0.8658861536 0.2846385650 -0.4113660855 23.1126324851 
3 'crystal symmetry operation' 7_555  -z+1/2,-x,y+1/2 -0.4907813464 0.0968237523  -0.8658861536 20.0280199156 -0.3242081100 0.9021474318 0.2846385650 -1.6209906284 0.8087167437  0.4204226115 -0.4113660855 12.9063894590 
# 
_struct_conf.conf_type_id            HELX_P 
_struct_conf.id                      HELX_P1 
_struct_conf.pdbx_PDB_helix_id       1 
_struct_conf.beg_label_comp_id       ALA 
_struct_conf.beg_label_asym_id       A 
_struct_conf.beg_label_seq_id        89 
_struct_conf.pdbx_beg_PDB_ins_code   ? 
_struct_conf.end_label_comp_id       PHE 
_struct_conf.end_label_asym_id       A 
_struct_conf.end_label_seq_id        91 
_struct_conf.pdbx_end_PDB_ins_code   ? 
_struct_conf.beg_auth_comp_id        ALA 
_struct_conf.beg_auth_asym_id        A 
_struct_conf.beg_auth_seq_id         379 
_struct_conf.end_auth_comp_id        PHE 
_struct_conf.end_auth_asym_id        A 
_struct_conf.end_auth_seq_id         381 
_struct_conf.pdbx_PDB_helix_class    5 
_struct_conf.details                 ? 
_struct_conf.pdbx_PDB_helix_length   3 
# 
_struct_conf_type.id          HELX_P 
_struct_conf_type.criteria    ? 
_struct_conf_type.reference   ? 
# 
loop_
_struct_sheet.id 
_struct_sheet.type 
_struct_sheet.number_strands 
_struct_sheet.details 
AA ? 4 ? 
AB ? 2 ? 
AC ? 6 ? 
# 
loop_
_struct_sheet_order.sheet_id 
_struct_sheet_order.range_id_1 
_struct_sheet_order.range_id_2 
_struct_sheet_order.offset 
_struct_sheet_order.sense 
AA 1 2 ? anti-parallel 
AA 2 3 ? anti-parallel 
AA 3 4 ? anti-parallel 
AB 1 2 ? anti-parallel 
AC 1 2 ? anti-parallel 
AC 2 3 ? anti-parallel 
AC 3 4 ? anti-parallel 
AC 4 5 ? anti-parallel 
AC 5 6 ? anti-parallel 
# 
loop_
_struct_sheet_range.sheet_id 
_struct_sheet_range.id 
_struct_sheet_range.beg_label_comp_id 
_struct_sheet_range.beg_label_asym_id 
_struct_sheet_range.beg_label_seq_id 
_struct_sheet_range.pdbx_beg_PDB_ins_code 
_struct_sheet_range.end_label_comp_id 
_struct_sheet_range.end_label_asym_id 
_struct_sheet_range.end_label_seq_id 
_struct_sheet_range.pdbx_end_PDB_ins_code 
_struct_sheet_range.beg_auth_comp_id 
_struct_sheet_range.beg_auth_asym_id 
_struct_sheet_range.beg_auth_seq_id 
_struct_sheet_range.end_auth_comp_id 
_struct_sheet_range.end_auth_asym_id 
_struct_sheet_range.end_auth_seq_id 
AA 1 SER A 38  ? LEU A 45  ? SER A 328 LEU A 335 
AA 2 VAL A 51  ? VAL A 59  ? VAL A 341 VAL A 349 
AA 3 ILE A 62  ? LEU A 67  ? ILE A 352 LEU A 357 
AA 4 PHE A 169 ? SER A 171 ? PHE A 459 SER A 461 
AB 1 GLY A 71  ? VAL A 75  ? GLY A 361 VAL A 365 
AB 2 GLU A 78  ? THR A 82  ? GLU A 368 THR A 372 
AC 1 LEU A 84  ? LYS A 87  ? LEU A 374 LYS A 377 
AC 2 TYR A 160 ? VAL A 166 ? TYR A 450 VAL A 456 
AC 3 SER A 115 ? ILE A 122 ? SER A 405 ILE A 412 
AC 4 VAL A 127 ? THR A 138 ? VAL A 417 THR A 428 
AC 5 PRO A 144 ? LEU A 149 ? PRO A 434 LEU A 439 
AC 6 GLU A 99  ? PRO A 103 ? GLU A 389 PRO A 393 
# 
loop_
_pdbx_struct_sheet_hbond.sheet_id 
_pdbx_struct_sheet_hbond.range_id_1 
_pdbx_struct_sheet_hbond.range_id_2 
_pdbx_struct_sheet_hbond.range_1_label_atom_id 
_pdbx_struct_sheet_hbond.range_1_label_comp_id 
_pdbx_struct_sheet_hbond.range_1_label_asym_id 
_pdbx_struct_sheet_hbond.range_1_label_seq_id 
_pdbx_struct_sheet_hbond.range_1_PDB_ins_code 
_pdbx_struct_sheet_hbond.range_1_auth_atom_id 
_pdbx_struct_sheet_hbond.range_1_auth_comp_id 
_pdbx_struct_sheet_hbond.range_1_auth_asym_id 
_pdbx_struct_sheet_hbond.range_1_auth_seq_id 
_pdbx_struct_sheet_hbond.range_2_label_atom_id 
_pdbx_struct_sheet_hbond.range_2_label_comp_id 
_pdbx_struct_sheet_hbond.range_2_label_asym_id 
_pdbx_struct_sheet_hbond.range_2_label_seq_id 
_pdbx_struct_sheet_hbond.range_2_PDB_ins_code 
_pdbx_struct_sheet_hbond.range_2_auth_atom_id 
_pdbx_struct_sheet_hbond.range_2_auth_comp_id 
_pdbx_struct_sheet_hbond.range_2_auth_asym_id 
_pdbx_struct_sheet_hbond.range_2_auth_seq_id 
AA 1 2 N PHE A 44  ? N PHE A 334 O ILE A 52  ? O ILE A 342 
AA 2 3 N VAL A 59  ? N VAL A 349 O ILE A 62  ? O ILE A 352 
AA 3 4 N THR A 65  ? N THR A 355 O PHE A 169 ? O PHE A 459 
AB 1 2 N VAL A 75  ? N VAL A 365 O GLU A 78  ? O GLU A 368 
AC 1 2 N PHE A 86  ? N PHE A 376 O MET A 161 ? O MET A 451 
AC 2 3 N VAL A 164 ? N VAL A 454 O LEU A 118 ? O LEU A 408 
AC 3 4 N PHE A 121 ? N PHE A 411 O TYR A 128 ? O TYR A 418 
AC 4 5 N LEU A 137 ? N LEU A 427 O PHE A 145 ? O PHE A 435 
AC 5 6 N VAL A 148 ? N VAL A 438 O LEU A 100 ? O LEU A 390 
# 
loop_
_struct_site.id 
_struct_site.pdbx_evidence_code 
_struct_site.pdbx_auth_asym_id 
_struct_site.pdbx_auth_comp_id 
_struct_site.pdbx_auth_seq_id 
_struct_site.pdbx_auth_ins_code 
_struct_site.pdbx_num_residues 
_struct_site.details 
AC1 Software A CL 1463 ? 4 'BINDING SITE FOR RESIDUE CL A 1463' 
AC2 Software A CL 1464 ? 5 'BINDING SITE FOR RESIDUE CL A 1464' 
AC3 Software A CL 1465 ? 2 'BINDING SITE FOR RESIDUE CL A 1465' 
AC4 Software A CL 1466 ? 3 'BINDING SITE FOR RESIDUE CL A 1466' 
# 
loop_
_struct_site_gen.id 
_struct_site_gen.site_id 
_struct_site_gen.pdbx_num_res 
_struct_site_gen.label_comp_id 
_struct_site_gen.label_asym_id 
_struct_site_gen.label_seq_id 
_struct_site_gen.pdbx_auth_ins_code 
_struct_site_gen.auth_comp_id 
_struct_site_gen.auth_asym_id 
_struct_site_gen.auth_seq_id 
_struct_site_gen.label_atom_id 
_struct_site_gen.label_alt_id 
_struct_site_gen.symmetry 
_struct_site_gen.details 
1  AC1 4 SER A 93  ? SER A 383  . ? 1_555  ? 
2  AC1 4 LYS A 97  ? LYS A 387  . ? 1_555  ? 
3  AC1 4 LEU A 101 ? LEU A 391  . ? 1_555  ? 
4  AC1 4 HOH F .   ? HOH A 2173 . ? 1_555  ? 
5  AC2 5 SER A 115 ? SER A 405  . ? 1_555  ? 
6  AC2 5 THR A 116 ? THR A 406  . ? 1_555  ? 
7  AC2 5 HIS A 167 ? HIS A 457  . ? 1_555  ? 
8  AC2 5 HIS A 167 ? HIS A 457  . ? 10_545 ? 
9  AC2 5 HOH F .   ? HOH A 2164 . ? 1_555  ? 
10 AC3 2 LYS A 47  ? LYS A 337  . ? 1_555  ? 
11 AC3 2 HOH F .   ? HOH A 2169 . ? 1_555  ? 
12 AC4 3 GLU A 156 ? GLU A 446  . ? 1_555  ? 
13 AC4 3 THR A 157 ? THR A 447  . ? 1_555  ? 
14 AC4 3 HOH F .   ? HOH A 2115 . ? 1_555  ? 
# 
loop_
_pdbx_validate_torsion.id 
_pdbx_validate_torsion.PDB_model_num 
_pdbx_validate_torsion.auth_comp_id 
_pdbx_validate_torsion.auth_asym_id 
_pdbx_validate_torsion.auth_seq_id 
_pdbx_validate_torsion.PDB_ins_code 
_pdbx_validate_torsion.label_alt_id 
_pdbx_validate_torsion.phi 
_pdbx_validate_torsion.psi 
1 1 THR A 350 ? ? 56.62 -132.06 
2 1 ASN A 359 ? ? 71.26 30.99   
3 1 LYS A 432 ? ? 81.96 -0.19   
# 
_pdbx_struct_special_symmetry.id              1 
_pdbx_struct_special_symmetry.PDB_model_num   1 
_pdbx_struct_special_symmetry.auth_asym_id    A 
_pdbx_struct_special_symmetry.auth_comp_id    HOH 
_pdbx_struct_special_symmetry.auth_seq_id     2165 
_pdbx_struct_special_symmetry.PDB_ins_code    ? 
_pdbx_struct_special_symmetry.label_asym_id   F 
_pdbx_struct_special_symmetry.label_comp_id   HOH 
_pdbx_struct_special_symmetry.label_seq_id    . 
# 
_pdbx_entry_details.entry_id                 5FJL 
_pdbx_entry_details.compound_details         ? 
_pdbx_entry_details.source_details           ? 
_pdbx_entry_details.nonpolymer_details       ? 
_pdbx_entry_details.sequence_details         'NCBI REFERENCE SEQUENCE YP_004414817.1' 
_pdbx_entry_details.has_ligand_of_interest   ? 
# 
loop_
_pdbx_distant_solvent_atoms.id 
_pdbx_distant_solvent_atoms.PDB_model_num 
_pdbx_distant_solvent_atoms.auth_atom_id 
_pdbx_distant_solvent_atoms.label_alt_id 
_pdbx_distant_solvent_atoms.auth_asym_id 
_pdbx_distant_solvent_atoms.auth_comp_id 
_pdbx_distant_solvent_atoms.auth_seq_id 
_pdbx_distant_solvent_atoms.PDB_ins_code 
_pdbx_distant_solvent_atoms.neighbor_macromolecule_distance 
_pdbx_distant_solvent_atoms.neighbor_ligand_distance 
1 1 O ? A HOH 2170 ? 6.11 . 
2 1 O ? A HOH 2174 ? 5.91 . 
# 
loop_
_pdbx_unobs_or_zero_occ_residues.id 
_pdbx_unobs_or_zero_occ_residues.PDB_model_num 
_pdbx_unobs_or_zero_occ_residues.polymer_flag 
_pdbx_unobs_or_zero_occ_residues.occupancy_flag 
_pdbx_unobs_or_zero_occ_residues.auth_asym_id 
_pdbx_unobs_or_zero_occ_residues.auth_comp_id 
_pdbx_unobs_or_zero_occ_residues.auth_seq_id 
_pdbx_unobs_or_zero_occ_residues.PDB_ins_code 
_pdbx_unobs_or_zero_occ_residues.label_asym_id 
_pdbx_unobs_or_zero_occ_residues.label_comp_id 
_pdbx_unobs_or_zero_occ_residues.label_seq_id 
1  1 Y 1 A GLY 291 ? A GLY 1   
2  1 Y 1 A SER 292 ? A SER 2   
3  1 Y 1 A SER 293 ? A SER 3   
4  1 Y 1 A HIS 294 ? A HIS 4   
5  1 Y 1 A HIS 295 ? A HIS 5   
6  1 Y 1 A HIS 296 ? A HIS 6   
7  1 Y 1 A HIS 297 ? A HIS 7   
8  1 Y 1 A HIS 298 ? A HIS 8   
9  1 Y 1 A HIS 299 ? A HIS 9   
10 1 Y 1 A SER 300 ? A SER 10  
11 1 Y 1 A SER 301 ? A SER 11  
12 1 Y 1 A GLY 302 ? A GLY 12  
13 1 Y 1 A LEU 303 ? A LEU 13  
14 1 Y 1 A VAL 304 ? A VAL 14  
15 1 Y 1 A PRO 305 ? A PRO 15  
16 1 Y 1 A ARG 306 ? A ARG 16  
17 1 Y 1 A GLY 307 ? A GLY 17  
18 1 Y 1 A SER 308 ? A SER 18  
19 1 Y 1 A HIS 309 ? A HIS 19  
20 1 Y 1 A MET 310 ? A MET 20  
21 1 Y 1 A ALA 311 ? A ALA 21  
22 1 Y 1 A SER 312 ? A SER 22  
23 1 Y 1 A MET 313 ? A MET 23  
24 1 Y 1 A THR 314 ? A THR 24  
25 1 Y 1 A GLY 315 ? A GLY 25  
26 1 Y 1 A GLY 316 ? A GLY 26  
27 1 Y 1 A GLN 317 ? A GLN 27  
28 1 Y 1 A GLN 318 ? A GLN 28  
29 1 Y 1 A MET 319 ? A MET 29  
30 1 Y 1 A GLY 320 ? A GLY 30  
31 1 Y 1 A ARG 321 ? A ARG 31  
32 1 Y 1 A GLY 322 ? A GLY 32  
33 1 Y 1 A SER 323 ? A SER 33  
34 1 Y 1 A GLY 324 ? A GLY 34  
35 1 Y 1 A GLU 325 ? A GLU 35  
36 1 Y 1 A GLY 326 ? A GLY 36  
37 1 Y 1 A THR 463 ? A THR 173 
38 1 Y 1 A ALA 464 ? A ALA 174 
# 
loop_
_chem_comp_atom.comp_id 
_chem_comp_atom.atom_id 
_chem_comp_atom.type_symbol 
_chem_comp_atom.pdbx_aromatic_flag 
_chem_comp_atom.pdbx_stereo_config 
_chem_comp_atom.pdbx_ordinal 
ALA N    N  N N 1   
ALA CA   C  N S 2   
ALA C    C  N N 3   
ALA O    O  N N 4   
ALA CB   C  N N 5   
ALA OXT  O  N N 6   
ALA H    H  N N 7   
ALA H2   H  N N 8   
ALA HA   H  N N 9   
ALA HB1  H  N N 10  
ALA HB2  H  N N 11  
ALA HB3  H  N N 12  
ALA HXT  H  N N 13  
ARG N    N  N N 14  
ARG CA   C  N S 15  
ARG C    C  N N 16  
ARG O    O  N N 17  
ARG CB   C  N N 18  
ARG CG   C  N N 19  
ARG CD   C  N N 20  
ARG NE   N  N N 21  
ARG CZ   C  N N 22  
ARG NH1  N  N N 23  
ARG NH2  N  N N 24  
ARG OXT  O  N N 25  
ARG H    H  N N 26  
ARG H2   H  N N 27  
ARG HA   H  N N 28  
ARG HB2  H  N N 29  
ARG HB3  H  N N 30  
ARG HG2  H  N N 31  
ARG HG3  H  N N 32  
ARG HD2  H  N N 33  
ARG HD3  H  N N 34  
ARG HE   H  N N 35  
ARG HH11 H  N N 36  
ARG HH12 H  N N 37  
ARG HH21 H  N N 38  
ARG HH22 H  N N 39  
ARG HXT  H  N N 40  
ASN N    N  N N 41  
ASN CA   C  N S 42  
ASN C    C  N N 43  
ASN O    O  N N 44  
ASN CB   C  N N 45  
ASN CG   C  N N 46  
ASN OD1  O  N N 47  
ASN ND2  N  N N 48  
ASN OXT  O  N N 49  
ASN H    H  N N 50  
ASN H2   H  N N 51  
ASN HA   H  N N 52  
ASN HB2  H  N N 53  
ASN HB3  H  N N 54  
ASN HD21 H  N N 55  
ASN HD22 H  N N 56  
ASN HXT  H  N N 57  
ASP N    N  N N 58  
ASP CA   C  N S 59  
ASP C    C  N N 60  
ASP O    O  N N 61  
ASP CB   C  N N 62  
ASP CG   C  N N 63  
ASP OD1  O  N N 64  
ASP OD2  O  N N 65  
ASP OXT  O  N N 66  
ASP H    H  N N 67  
ASP H2   H  N N 68  
ASP HA   H  N N 69  
ASP HB2  H  N N 70  
ASP HB3  H  N N 71  
ASP HD2  H  N N 72  
ASP HXT  H  N N 73  
CL  CL   CL N N 74  
CYS N    N  N N 75  
CYS CA   C  N R 76  
CYS C    C  N N 77  
CYS O    O  N N 78  
CYS CB   C  N N 79  
CYS SG   S  N N 80  
CYS OXT  O  N N 81  
CYS H    H  N N 82  
CYS H2   H  N N 83  
CYS HA   H  N N 84  
CYS HB2  H  N N 85  
CYS HB3  H  N N 86  
CYS HG   H  N N 87  
CYS HXT  H  N N 88  
GLN N    N  N N 89  
GLN CA   C  N S 90  
GLN C    C  N N 91  
GLN O    O  N N 92  
GLN CB   C  N N 93  
GLN CG   C  N N 94  
GLN CD   C  N N 95  
GLN OE1  O  N N 96  
GLN NE2  N  N N 97  
GLN OXT  O  N N 98  
GLN H    H  N N 99  
GLN H2   H  N N 100 
GLN HA   H  N N 101 
GLN HB2  H  N N 102 
GLN HB3  H  N N 103 
GLN HG2  H  N N 104 
GLN HG3  H  N N 105 
GLN HE21 H  N N 106 
GLN HE22 H  N N 107 
GLN HXT  H  N N 108 
GLU N    N  N N 109 
GLU CA   C  N S 110 
GLU C    C  N N 111 
GLU O    O  N N 112 
GLU CB   C  N N 113 
GLU CG   C  N N 114 
GLU CD   C  N N 115 
GLU OE1  O  N N 116 
GLU OE2  O  N N 117 
GLU OXT  O  N N 118 
GLU H    H  N N 119 
GLU H2   H  N N 120 
GLU HA   H  N N 121 
GLU HB2  H  N N 122 
GLU HB3  H  N N 123 
GLU HG2  H  N N 124 
GLU HG3  H  N N 125 
GLU HE2  H  N N 126 
GLU HXT  H  N N 127 
GLY N    N  N N 128 
GLY CA   C  N N 129 
GLY C    C  N N 130 
GLY O    O  N N 131 
GLY OXT  O  N N 132 
GLY H    H  N N 133 
GLY H2   H  N N 134 
GLY HA2  H  N N 135 
GLY HA3  H  N N 136 
GLY HXT  H  N N 137 
HIS N    N  N N 138 
HIS CA   C  N S 139 
HIS C    C  N N 140 
HIS O    O  N N 141 
HIS CB   C  N N 142 
HIS CG   C  Y N 143 
HIS ND1  N  Y N 144 
HIS CD2  C  Y N 145 
HIS CE1  C  Y N 146 
HIS NE2  N  Y N 147 
HIS OXT  O  N N 148 
HIS H    H  N N 149 
HIS H2   H  N N 150 
HIS HA   H  N N 151 
HIS HB2  H  N N 152 
HIS HB3  H  N N 153 
HIS HD1  H  N N 154 
HIS HD2  H  N N 155 
HIS HE1  H  N N 156 
HIS HE2  H  N N 157 
HIS HXT  H  N N 158 
HOH O    O  N N 159 
HOH H1   H  N N 160 
HOH H2   H  N N 161 
ILE N    N  N N 162 
ILE CA   C  N S 163 
ILE C    C  N N 164 
ILE O    O  N N 165 
ILE CB   C  N S 166 
ILE CG1  C  N N 167 
ILE CG2  C  N N 168 
ILE CD1  C  N N 169 
ILE OXT  O  N N 170 
ILE H    H  N N 171 
ILE H2   H  N N 172 
ILE HA   H  N N 173 
ILE HB   H  N N 174 
ILE HG12 H  N N 175 
ILE HG13 H  N N 176 
ILE HG21 H  N N 177 
ILE HG22 H  N N 178 
ILE HG23 H  N N 179 
ILE HD11 H  N N 180 
ILE HD12 H  N N 181 
ILE HD13 H  N N 182 
ILE HXT  H  N N 183 
LEU N    N  N N 184 
LEU CA   C  N S 185 
LEU C    C  N N 186 
LEU O    O  N N 187 
LEU CB   C  N N 188 
LEU CG   C  N N 189 
LEU CD1  C  N N 190 
LEU CD2  C  N N 191 
LEU OXT  O  N N 192 
LEU H    H  N N 193 
LEU H2   H  N N 194 
LEU HA   H  N N 195 
LEU HB2  H  N N 196 
LEU HB3  H  N N 197 
LEU HG   H  N N 198 
LEU HD11 H  N N 199 
LEU HD12 H  N N 200 
LEU HD13 H  N N 201 
LEU HD21 H  N N 202 
LEU HD22 H  N N 203 
LEU HD23 H  N N 204 
LEU HXT  H  N N 205 
LYS N    N  N N 206 
LYS CA   C  N S 207 
LYS C    C  N N 208 
LYS O    O  N N 209 
LYS CB   C  N N 210 
LYS CG   C  N N 211 
LYS CD   C  N N 212 
LYS CE   C  N N 213 
LYS NZ   N  N N 214 
LYS OXT  O  N N 215 
LYS H    H  N N 216 
LYS H2   H  N N 217 
LYS HA   H  N N 218 
LYS HB2  H  N N 219 
LYS HB3  H  N N 220 
LYS HG2  H  N N 221 
LYS HG3  H  N N 222 
LYS HD2  H  N N 223 
LYS HD3  H  N N 224 
LYS HE2  H  N N 225 
LYS HE3  H  N N 226 
LYS HZ1  H  N N 227 
LYS HZ2  H  N N 228 
LYS HZ3  H  N N 229 
LYS HXT  H  N N 230 
MET N    N  N N 231 
MET CA   C  N S 232 
MET C    C  N N 233 
MET O    O  N N 234 
MET CB   C  N N 235 
MET CG   C  N N 236 
MET SD   S  N N 237 
MET CE   C  N N 238 
MET OXT  O  N N 239 
MET H    H  N N 240 
MET H2   H  N N 241 
MET HA   H  N N 242 
MET HB2  H  N N 243 
MET HB3  H  N N 244 
MET HG2  H  N N 245 
MET HG3  H  N N 246 
MET HE1  H  N N 247 
MET HE2  H  N N 248 
MET HE3  H  N N 249 
MET HXT  H  N N 250 
PHE N    N  N N 251 
PHE CA   C  N S 252 
PHE C    C  N N 253 
PHE O    O  N N 254 
PHE CB   C  N N 255 
PHE CG   C  Y N 256 
PHE CD1  C  Y N 257 
PHE CD2  C  Y N 258 
PHE CE1  C  Y N 259 
PHE CE2  C  Y N 260 
PHE CZ   C  Y N 261 
PHE OXT  O  N N 262 
PHE H    H  N N 263 
PHE H2   H  N N 264 
PHE HA   H  N N 265 
PHE HB2  H  N N 266 
PHE HB3  H  N N 267 
PHE HD1  H  N N 268 
PHE HD2  H  N N 269 
PHE HE1  H  N N 270 
PHE HE2  H  N N 271 
PHE HZ   H  N N 272 
PHE HXT  H  N N 273 
PRO N    N  N N 274 
PRO CA   C  N S 275 
PRO C    C  N N 276 
PRO O    O  N N 277 
PRO CB   C  N N 278 
PRO CG   C  N N 279 
PRO CD   C  N N 280 
PRO OXT  O  N N 281 
PRO H    H  N N 282 
PRO HA   H  N N 283 
PRO HB2  H  N N 284 
PRO HB3  H  N N 285 
PRO HG2  H  N N 286 
PRO HG3  H  N N 287 
PRO HD2  H  N N 288 
PRO HD3  H  N N 289 
PRO HXT  H  N N 290 
SER N    N  N N 291 
SER CA   C  N S 292 
SER C    C  N N 293 
SER O    O  N N 294 
SER CB   C  N N 295 
SER OG   O  N N 296 
SER OXT  O  N N 297 
SER H    H  N N 298 
SER H2   H  N N 299 
SER HA   H  N N 300 
SER HB2  H  N N 301 
SER HB3  H  N N 302 
SER HG   H  N N 303 
SER HXT  H  N N 304 
THR N    N  N N 305 
THR CA   C  N S 306 
THR C    C  N N 307 
THR O    O  N N 308 
THR CB   C  N R 309 
THR OG1  O  N N 310 
THR CG2  C  N N 311 
THR OXT  O  N N 312 
THR H    H  N N 313 
THR H2   H  N N 314 
THR HA   H  N N 315 
THR HB   H  N N 316 
THR HG1  H  N N 317 
THR HG21 H  N N 318 
THR HG22 H  N N 319 
THR HG23 H  N N 320 
THR HXT  H  N N 321 
TYR N    N  N N 322 
TYR CA   C  N S 323 
TYR C    C  N N 324 
TYR O    O  N N 325 
TYR CB   C  N N 326 
TYR CG   C  Y N 327 
TYR CD1  C  Y N 328 
TYR CD2  C  Y N 329 
TYR CE1  C  Y N 330 
TYR CE2  C  Y N 331 
TYR CZ   C  Y N 332 
TYR OH   O  N N 333 
TYR OXT  O  N N 334 
TYR H    H  N N 335 
TYR H2   H  N N 336 
TYR HA   H  N N 337 
TYR HB2  H  N N 338 
TYR HB3  H  N N 339 
TYR HD1  H  N N 340 
TYR HD2  H  N N 341 
TYR HE1  H  N N 342 
TYR HE2  H  N N 343 
TYR HH   H  N N 344 
TYR HXT  H  N N 345 
VAL N    N  N N 346 
VAL CA   C  N S 347 
VAL C    C  N N 348 
VAL O    O  N N 349 
VAL CB   C  N N 350 
VAL CG1  C  N N 351 
VAL CG2  C  N N 352 
VAL OXT  O  N N 353 
VAL H    H  N N 354 
VAL H2   H  N N 355 
VAL HA   H  N N 356 
VAL HB   H  N N 357 
VAL HG11 H  N N 358 
VAL HG12 H  N N 359 
VAL HG13 H  N N 360 
VAL HG21 H  N N 361 
VAL HG22 H  N N 362 
VAL HG23 H  N N 363 
VAL HXT  H  N N 364 
# 
loop_
_chem_comp_bond.comp_id 
_chem_comp_bond.atom_id_1 
_chem_comp_bond.atom_id_2 
_chem_comp_bond.value_order 
_chem_comp_bond.pdbx_aromatic_flag 
_chem_comp_bond.pdbx_stereo_config 
_chem_comp_bond.pdbx_ordinal 
ALA N   CA   sing N N 1   
ALA N   H    sing N N 2   
ALA N   H2   sing N N 3   
ALA CA  C    sing N N 4   
ALA CA  CB   sing N N 5   
ALA CA  HA   sing N N 6   
ALA C   O    doub N N 7   
ALA C   OXT  sing N N 8   
ALA CB  HB1  sing N N 9   
ALA CB  HB2  sing N N 10  
ALA CB  HB3  sing N N 11  
ALA OXT HXT  sing N N 12  
ARG N   CA   sing N N 13  
ARG N   H    sing N N 14  
ARG N   H2   sing N N 15  
ARG CA  C    sing N N 16  
ARG CA  CB   sing N N 17  
ARG CA  HA   sing N N 18  
ARG C   O    doub N N 19  
ARG C   OXT  sing N N 20  
ARG CB  CG   sing N N 21  
ARG CB  HB2  sing N N 22  
ARG CB  HB3  sing N N 23  
ARG CG  CD   sing N N 24  
ARG CG  HG2  sing N N 25  
ARG CG  HG3  sing N N 26  
ARG CD  NE   sing N N 27  
ARG CD  HD2  sing N N 28  
ARG CD  HD3  sing N N 29  
ARG NE  CZ   sing N N 30  
ARG NE  HE   sing N N 31  
ARG CZ  NH1  sing N N 32  
ARG CZ  NH2  doub N N 33  
ARG NH1 HH11 sing N N 34  
ARG NH1 HH12 sing N N 35  
ARG NH2 HH21 sing N N 36  
ARG NH2 HH22 sing N N 37  
ARG OXT HXT  sing N N 38  
ASN N   CA   sing N N 39  
ASN N   H    sing N N 40  
ASN N   H2   sing N N 41  
ASN CA  C    sing N N 42  
ASN CA  CB   sing N N 43  
ASN CA  HA   sing N N 44  
ASN C   O    doub N N 45  
ASN C   OXT  sing N N 46  
ASN CB  CG   sing N N 47  
ASN CB  HB2  sing N N 48  
ASN CB  HB3  sing N N 49  
ASN CG  OD1  doub N N 50  
ASN CG  ND2  sing N N 51  
ASN ND2 HD21 sing N N 52  
ASN ND2 HD22 sing N N 53  
ASN OXT HXT  sing N N 54  
ASP N   CA   sing N N 55  
ASP N   H    sing N N 56  
ASP N   H2   sing N N 57  
ASP CA  C    sing N N 58  
ASP CA  CB   sing N N 59  
ASP CA  HA   sing N N 60  
ASP C   O    doub N N 61  
ASP C   OXT  sing N N 62  
ASP CB  CG   sing N N 63  
ASP CB  HB2  sing N N 64  
ASP CB  HB3  sing N N 65  
ASP CG  OD1  doub N N 66  
ASP CG  OD2  sing N N 67  
ASP OD2 HD2  sing N N 68  
ASP OXT HXT  sing N N 69  
CYS N   CA   sing N N 70  
CYS N   H    sing N N 71  
CYS N   H2   sing N N 72  
CYS CA  C    sing N N 73  
CYS CA  CB   sing N N 74  
CYS CA  HA   sing N N 75  
CYS C   O    doub N N 76  
CYS C   OXT  sing N N 77  
CYS CB  SG   sing N N 78  
CYS CB  HB2  sing N N 79  
CYS CB  HB3  sing N N 80  
CYS SG  HG   sing N N 81  
CYS OXT HXT  sing N N 82  
GLN N   CA   sing N N 83  
GLN N   H    sing N N 84  
GLN N   H2   sing N N 85  
GLN CA  C    sing N N 86  
GLN CA  CB   sing N N 87  
GLN CA  HA   sing N N 88  
GLN C   O    doub N N 89  
GLN C   OXT  sing N N 90  
GLN CB  CG   sing N N 91  
GLN CB  HB2  sing N N 92  
GLN CB  HB3  sing N N 93  
GLN CG  CD   sing N N 94  
GLN CG  HG2  sing N N 95  
GLN CG  HG3  sing N N 96  
GLN CD  OE1  doub N N 97  
GLN CD  NE2  sing N N 98  
GLN NE2 HE21 sing N N 99  
GLN NE2 HE22 sing N N 100 
GLN OXT HXT  sing N N 101 
GLU N   CA   sing N N 102 
GLU N   H    sing N N 103 
GLU N   H2   sing N N 104 
GLU CA  C    sing N N 105 
GLU CA  CB   sing N N 106 
GLU CA  HA   sing N N 107 
GLU C   O    doub N N 108 
GLU C   OXT  sing N N 109 
GLU CB  CG   sing N N 110 
GLU CB  HB2  sing N N 111 
GLU CB  HB3  sing N N 112 
GLU CG  CD   sing N N 113 
GLU CG  HG2  sing N N 114 
GLU CG  HG3  sing N N 115 
GLU CD  OE1  doub N N 116 
GLU CD  OE2  sing N N 117 
GLU OE2 HE2  sing N N 118 
GLU OXT HXT  sing N N 119 
GLY N   CA   sing N N 120 
GLY N   H    sing N N 121 
GLY N   H2   sing N N 122 
GLY CA  C    sing N N 123 
GLY CA  HA2  sing N N 124 
GLY CA  HA3  sing N N 125 
GLY C   O    doub N N 126 
GLY C   OXT  sing N N 127 
GLY OXT HXT  sing N N 128 
HIS N   CA   sing N N 129 
HIS N   H    sing N N 130 
HIS N   H2   sing N N 131 
HIS CA  C    sing N N 132 
HIS CA  CB   sing N N 133 
HIS CA  HA   sing N N 134 
HIS C   O    doub N N 135 
HIS C   OXT  sing N N 136 
HIS CB  CG   sing N N 137 
HIS CB  HB2  sing N N 138 
HIS CB  HB3  sing N N 139 
HIS CG  ND1  sing Y N 140 
HIS CG  CD2  doub Y N 141 
HIS ND1 CE1  doub Y N 142 
HIS ND1 HD1  sing N N 143 
HIS CD2 NE2  sing Y N 144 
HIS CD2 HD2  sing N N 145 
HIS CE1 NE2  sing Y N 146 
HIS CE1 HE1  sing N N 147 
HIS NE2 HE2  sing N N 148 
HIS OXT HXT  sing N N 149 
HOH O   H1   sing N N 150 
HOH O   H2   sing N N 151 
ILE N   CA   sing N N 152 
ILE N   H    sing N N 153 
ILE N   H2   sing N N 154 
ILE CA  C    sing N N 155 
ILE CA  CB   sing N N 156 
ILE CA  HA   sing N N 157 
ILE C   O    doub N N 158 
ILE C   OXT  sing N N 159 
ILE CB  CG1  sing N N 160 
ILE CB  CG2  sing N N 161 
ILE CB  HB   sing N N 162 
ILE CG1 CD1  sing N N 163 
ILE CG1 HG12 sing N N 164 
ILE CG1 HG13 sing N N 165 
ILE CG2 HG21 sing N N 166 
ILE CG2 HG22 sing N N 167 
ILE CG2 HG23 sing N N 168 
ILE CD1 HD11 sing N N 169 
ILE CD1 HD12 sing N N 170 
ILE CD1 HD13 sing N N 171 
ILE OXT HXT  sing N N 172 
LEU N   CA   sing N N 173 
LEU N   H    sing N N 174 
LEU N   H2   sing N N 175 
LEU CA  C    sing N N 176 
LEU CA  CB   sing N N 177 
LEU CA  HA   sing N N 178 
LEU C   O    doub N N 179 
LEU C   OXT  sing N N 180 
LEU CB  CG   sing N N 181 
LEU CB  HB2  sing N N 182 
LEU CB  HB3  sing N N 183 
LEU CG  CD1  sing N N 184 
LEU CG  CD2  sing N N 185 
LEU CG  HG   sing N N 186 
LEU CD1 HD11 sing N N 187 
LEU CD1 HD12 sing N N 188 
LEU CD1 HD13 sing N N 189 
LEU CD2 HD21 sing N N 190 
LEU CD2 HD22 sing N N 191 
LEU CD2 HD23 sing N N 192 
LEU OXT HXT  sing N N 193 
LYS N   CA   sing N N 194 
LYS N   H    sing N N 195 
LYS N   H2   sing N N 196 
LYS CA  C    sing N N 197 
LYS CA  CB   sing N N 198 
LYS CA  HA   sing N N 199 
LYS C   O    doub N N 200 
LYS C   OXT  sing N N 201 
LYS CB  CG   sing N N 202 
LYS CB  HB2  sing N N 203 
LYS CB  HB3  sing N N 204 
LYS CG  CD   sing N N 205 
LYS CG  HG2  sing N N 206 
LYS CG  HG3  sing N N 207 
LYS CD  CE   sing N N 208 
LYS CD  HD2  sing N N 209 
LYS CD  HD3  sing N N 210 
LYS CE  NZ   sing N N 211 
LYS CE  HE2  sing N N 212 
LYS CE  HE3  sing N N 213 
LYS NZ  HZ1  sing N N 214 
LYS NZ  HZ2  sing N N 215 
LYS NZ  HZ3  sing N N 216 
LYS OXT HXT  sing N N 217 
MET N   CA   sing N N 218 
MET N   H    sing N N 219 
MET N   H2   sing N N 220 
MET CA  C    sing N N 221 
MET CA  CB   sing N N 222 
MET CA  HA   sing N N 223 
MET C   O    doub N N 224 
MET C   OXT  sing N N 225 
MET CB  CG   sing N N 226 
MET CB  HB2  sing N N 227 
MET CB  HB3  sing N N 228 
MET CG  SD   sing N N 229 
MET CG  HG2  sing N N 230 
MET CG  HG3  sing N N 231 
MET SD  CE   sing N N 232 
MET CE  HE1  sing N N 233 
MET CE  HE2  sing N N 234 
MET CE  HE3  sing N N 235 
MET OXT HXT  sing N N 236 
PHE N   CA   sing N N 237 
PHE N   H    sing N N 238 
PHE N   H2   sing N N 239 
PHE CA  C    sing N N 240 
PHE CA  CB   sing N N 241 
PHE CA  HA   sing N N 242 
PHE C   O    doub N N 243 
PHE C   OXT  sing N N 244 
PHE CB  CG   sing N N 245 
PHE CB  HB2  sing N N 246 
PHE CB  HB3  sing N N 247 
PHE CG  CD1  doub Y N 248 
PHE CG  CD2  sing Y N 249 
PHE CD1 CE1  sing Y N 250 
PHE CD1 HD1  sing N N 251 
PHE CD2 CE2  doub Y N 252 
PHE CD2 HD2  sing N N 253 
PHE CE1 CZ   doub Y N 254 
PHE CE1 HE1  sing N N 255 
PHE CE2 CZ   sing Y N 256 
PHE CE2 HE2  sing N N 257 
PHE CZ  HZ   sing N N 258 
PHE OXT HXT  sing N N 259 
PRO N   CA   sing N N 260 
PRO N   CD   sing N N 261 
PRO N   H    sing N N 262 
PRO CA  C    sing N N 263 
PRO CA  CB   sing N N 264 
PRO CA  HA   sing N N 265 
PRO C   O    doub N N 266 
PRO C   OXT  sing N N 267 
PRO CB  CG   sing N N 268 
PRO CB  HB2  sing N N 269 
PRO CB  HB3  sing N N 270 
PRO CG  CD   sing N N 271 
PRO CG  HG2  sing N N 272 
PRO CG  HG3  sing N N 273 
PRO CD  HD2  sing N N 274 
PRO CD  HD3  sing N N 275 
PRO OXT HXT  sing N N 276 
SER N   CA   sing N N 277 
SER N   H    sing N N 278 
SER N   H2   sing N N 279 
SER CA  C    sing N N 280 
SER CA  CB   sing N N 281 
SER CA  HA   sing N N 282 
SER C   O    doub N N 283 
SER C   OXT  sing N N 284 
SER CB  OG   sing N N 285 
SER CB  HB2  sing N N 286 
SER CB  HB3  sing N N 287 
SER OG  HG   sing N N 288 
SER OXT HXT  sing N N 289 
THR N   CA   sing N N 290 
THR N   H    sing N N 291 
THR N   H2   sing N N 292 
THR CA  C    sing N N 293 
THR CA  CB   sing N N 294 
THR CA  HA   sing N N 295 
THR C   O    doub N N 296 
THR C   OXT  sing N N 297 
THR CB  OG1  sing N N 298 
THR CB  CG2  sing N N 299 
THR CB  HB   sing N N 300 
THR OG1 HG1  sing N N 301 
THR CG2 HG21 sing N N 302 
THR CG2 HG22 sing N N 303 
THR CG2 HG23 sing N N 304 
THR OXT HXT  sing N N 305 
TYR N   CA   sing N N 306 
TYR N   H    sing N N 307 
TYR N   H2   sing N N 308 
TYR CA  C    sing N N 309 
TYR CA  CB   sing N N 310 
TYR CA  HA   sing N N 311 
TYR C   O    doub N N 312 
TYR C   OXT  sing N N 313 
TYR CB  CG   sing N N 314 
TYR CB  HB2  sing N N 315 
TYR CB  HB3  sing N N 316 
TYR CG  CD1  doub Y N 317 
TYR CG  CD2  sing Y N 318 
TYR CD1 CE1  sing Y N 319 
TYR CD1 HD1  sing N N 320 
TYR CD2 CE2  doub Y N 321 
TYR CD2 HD2  sing N N 322 
TYR CE1 CZ   doub Y N 323 
TYR CE1 HE1  sing N N 324 
TYR CE2 CZ   sing Y N 325 
TYR CE2 HE2  sing N N 326 
TYR CZ  OH   sing N N 327 
TYR OH  HH   sing N N 328 
TYR OXT HXT  sing N N 329 
VAL N   CA   sing N N 330 
VAL N   H    sing N N 331 
VAL N   H2   sing N N 332 
VAL CA  C    sing N N 333 
VAL CA  CB   sing N N 334 
VAL CA  HA   sing N N 335 
VAL C   O    doub N N 336 
VAL C   OXT  sing N N 337 
VAL CB  CG1  sing N N 338 
VAL CB  CG2  sing N N 339 
VAL CB  HB   sing N N 340 
VAL CG1 HG11 sing N N 341 
VAL CG1 HG12 sing N N 342 
VAL CG1 HG13 sing N N 343 
VAL CG2 HG21 sing N N 344 
VAL CG2 HG22 sing N N 345 
VAL CG2 HG23 sing N N 346 
VAL OXT HXT  sing N N 347 
# 
_pdbx_initial_refinement_model.id               1 
_pdbx_initial_refinement_model.entity_id_list   ? 
_pdbx_initial_refinement_model.type             'experimental model' 
_pdbx_initial_refinement_model.source_name      PDB 
_pdbx_initial_refinement_model.accession_code   3ZPE 
_pdbx_initial_refinement_model.details          'PDB ENTRY 3ZPE' 
# 
_atom_sites.entry_id                    5FJL 
_atom_sites.fract_transf_matrix[1][1]   0.00712424 
_atom_sites.fract_transf_matrix[1][2]   -0.00449856 
_atom_sites.fract_transf_matrix[1][3]   -0.00887426 
_atom_sites.fract_transf_matrix[2][1]   -0.00375209 
_atom_sites.fract_transf_matrix[2][2]   0.00889405 
_atom_sites.fract_transf_matrix[2][3]   -0.00752076 
_atom_sites.fract_transf_matrix[3][1]   0.00921473 
_atom_sites.fract_transf_matrix[3][2]   0.00709951 
_atom_sites.fract_transf_matrix[3][3]   0.00379867 
_atom_sites.fract_transf_vector[1]      -0.063529 
_atom_sites.fract_transf_vector[2]      0.250158 
_atom_sites.fract_transf_vector[3]      0.528091 
# 
loop_
_atom_type.symbol 
C  
CL 
N  
O  
S  
# 
loop_
_atom_site.group_PDB 
_atom_site.id 
_atom_site.type_symbol 
_atom_site.label_atom_id 
_atom_site.label_alt_id 
_atom_site.label_comp_id 
_atom_site.label_asym_id 
_atom_site.label_entity_id 
_atom_site.label_seq_id 
_atom_site.pdbx_PDB_ins_code 
_atom_site.Cartn_x 
_atom_site.Cartn_y 
_atom_site.Cartn_z 
_atom_site.occupancy 
_atom_site.B_iso_or_equiv 
_atom_site.pdbx_formal_charge 
_atom_site.auth_seq_id 
_atom_site.auth_comp_id 
_atom_site.auth_asym_id 
_atom_site.auth_atom_id 
_atom_site.pdbx_PDB_model_num 
ATOM   1    N  N   . VAL A 1 37  ? 7.050   -25.150 -0.392  1.00 46.62 ? 327  VAL A N   1 
ATOM   2    C  CA  . VAL A 1 37  ? 6.797   -23.719 -0.780  1.00 46.54 ? 327  VAL A CA  1 
ATOM   3    C  C   . VAL A 1 37  ? 6.236   -23.603 -2.213  1.00 47.58 ? 327  VAL A C   1 
ATOM   4    O  O   . VAL A 1 37  ? 6.613   -24.367 -3.119  1.00 49.73 ? 327  VAL A O   1 
ATOM   5    C  CB  . VAL A 1 37  ? 8.071   -22.830 -0.608  1.00 47.01 ? 327  VAL A CB  1 
ATOM   6    C  CG1 . VAL A 1 37  ? 9.171   -23.203 -1.606  1.00 48.30 ? 327  VAL A CG1 1 
ATOM   7    C  CG2 . VAL A 1 37  ? 7.747   -21.343 -0.724  1.00 43.66 ? 327  VAL A CG2 1 
ATOM   8    N  N   . SER A 1 38  ? 5.323   -22.657 -2.408  1.00 41.76 ? 328  SER A N   1 
ATOM   9    C  CA  . SER A 1 38  ? 4.844   -22.309 -3.746  1.00 39.39 ? 328  SER A CA  1 
ATOM   10   C  C   . SER A 1 38  ? 4.693   -20.797 -3.809  1.00 37.21 ? 328  SER A C   1 
ATOM   11   O  O   . SER A 1 38  ? 4.808   -20.122 -2.782  1.00 30.89 ? 328  SER A O   1 
ATOM   12   C  CB  . SER A 1 38  ? 3.529   -23.025 -4.069  1.00 41.33 ? 328  SER A CB  1 
ATOM   13   O  OG  . SER A 1 38  ? 2.486   -22.634 -3.193  1.00 45.28 ? 328  SER A OG  1 
ATOM   14   N  N   . TYR A 1 39  ? 4.501   -20.288 -5.022  1.00 33.94 ? 329  TYR A N   1 
ATOM   15   C  CA  . TYR A 1 39  ? 4.521   -18.857 -5.302  1.00 34.57 ? 329  TYR A CA  1 
ATOM   16   C  C   . TYR A 1 39  ? 3.377   -18.543 -6.226  1.00 32.14 ? 329  TYR A C   1 
ATOM   17   O  O   . TYR A 1 39  ? 3.010   -19.371 -7.072  1.00 33.56 ? 329  TYR A O   1 
ATOM   18   C  CB  . TYR A 1 39  ? 5.842   -18.480 -5.983  1.00 37.54 ? 329  TYR A CB  1 
ATOM   19   C  CG  . TYR A 1 39  ? 7.069   -18.971 -5.231  1.00 42.69 ? 329  TYR A CG  1 
ATOM   20   C  CD1 . TYR A 1 39  ? 7.638   -18.195 -4.209  1.00 43.83 ? 329  TYR A CD1 1 
ATOM   21   C  CD2 . TYR A 1 39  ? 7.642   -20.229 -5.503  1.00 45.54 ? 329  TYR A CD2 1 
ATOM   22   C  CE1 . TYR A 1 39  ? 8.749   -18.639 -3.500  1.00 44.19 ? 329  TYR A CE1 1 
ATOM   23   C  CE2 . TYR A 1 39  ? 8.755   -20.687 -4.787  1.00 45.80 ? 329  TYR A CE2 1 
ATOM   24   C  CZ  . TYR A 1 39  ? 9.311   -19.879 -3.790  1.00 45.14 ? 329  TYR A CZ  1 
ATOM   25   O  OH  . TYR A 1 39  ? 10.418  -20.296 -3.075  1.00 46.04 ? 329  TYR A OH  1 
ATOM   26   N  N   . SER A 1 40  ? 2.761   -17.378 -6.065  1.00 28.26 ? 330  SER A N   1 
ATOM   27   C  CA  A SER A 1 40  ? 1.757   -16.903 -7.016  0.50 27.55 ? 330  SER A CA  1 
ATOM   28   C  CA  B SER A 1 40  ? 1.816   -16.915 -7.060  0.50 27.25 ? 330  SER A CA  1 
ATOM   29   C  C   . SER A 1 40  ? 1.976   -15.418 -7.253  1.00 27.79 ? 330  SER A C   1 
ATOM   30   O  O   . SER A 1 40  ? 2.278   -14.689 -6.315  1.00 28.48 ? 330  SER A O   1 
ATOM   31   C  CB  A SER A 1 40  ? 0.352   -17.123 -6.469  0.50 29.16 ? 330  SER A CB  1 
ATOM   32   C  CB  B SER A 1 40  ? 0.392   -17.280 -6.674  0.50 28.56 ? 330  SER A CB  1 
ATOM   33   O  OG  A SER A 1 40  ? -0.652  -16.685 -7.375  0.50 30.42 ? 330  SER A OG  1 
ATOM   34   O  OG  B SER A 1 40  ? 0.017   -16.683 -5.454  0.50 29.21 ? 330  SER A OG  1 
ATOM   35   N  N   . ASP A 1 41  ? 1.829   -14.982 -8.482  1.00 24.85 ? 331  ASP A N   1 
ATOM   36   C  CA  . ASP A 1 41  ? 1.916   -13.578 -8.852  1.00 25.49 ? 331  ASP A CA  1 
ATOM   37   C  C   . ASP A 1 41  ? 0.511   -13.103 -9.108  1.00 23.61 ? 331  ASP A C   1 
ATOM   38   O  O   . ASP A 1 41  ? -0.357  -13.860 -9.565  1.00 25.64 ? 331  ASP A O   1 
ATOM   39   C  CB  . ASP A 1 41  ? 2.740   -13.383 -10.119 1.00 28.98 ? 331  ASP A CB  1 
ATOM   40   C  CG  . ASP A 1 41  ? 4.230   -13.633 -9.897  1.00 34.22 ? 331  ASP A CG  1 
ATOM   41   O  OD1 . ASP A 1 41  ? 4.714   -13.472 -8.764  1.00 39.66 ? 331  ASP A OD1 1 
ATOM   42   O  OD2 . ASP A 1 41  ? 4.921   -14.005 -10.864 1.00 42.85 ? 331  ASP A OD2 1 
ATOM   43   N  N   . GLY A 1 42  ? 0.270   -11.826 -8.829  1.00 20.49 ? 332  GLY A N   1 
ATOM   44   C  CA  . GLY A 1 42  ? -0.998  -11.212 -9.145  1.00 20.19 ? 332  GLY A CA  1 
ATOM   45   C  C   . GLY A 1 42  ? -0.879  -9.703  -9.265  1.00 17.93 ? 332  GLY A C   1 
ATOM   46   O  O   . GLY A 1 42  ? 0.188   -9.121  -9.141  1.00 18.66 ? 332  GLY A O   1 
ATOM   47   N  N   . HIS A 1 43  ? -1.996  -9.060  -9.567  1.00 17.44 ? 333  HIS A N   1 
ATOM   48   C  CA  . HIS A 1 43  ? -2.041  -7.617  -9.616  1.00 17.08 ? 333  HIS A CA  1 
ATOM   49   C  C   . HIS A 1 43  ? -3.419  -7.095  -9.316  1.00 17.46 ? 333  HIS A C   1 
ATOM   50   O  O   . HIS A 1 43  ? -4.420  -7.813  -9.381  1.00 17.45 ? 333  HIS A O   1 
ATOM   51   C  CB  . HIS A 1 43  ? -1.518  -7.073  -10.975 1.00 17.34 ? 333  HIS A CB  1 
ATOM   52   C  CG  . HIS A 1 43  ? -2.435  -7.285  -12.134 1.00 17.58 ? 333  HIS A CG  1 
ATOM   53   N  ND1 . HIS A 1 43  ? -2.385  -8.424  -12.899 1.00 23.14 ? 333  HIS A ND1 1 
ATOM   54   C  CD2 . HIS A 1 43  ? -3.436  -6.535  -12.642 1.00 18.70 ? 333  HIS A CD2 1 
ATOM   55   C  CE1 . HIS A 1 43  ? -3.297  -8.341  -13.865 1.00 21.98 ? 333  HIS A CE1 1 
ATOM   56   N  NE2 . HIS A 1 43  ? -3.909  -7.190  -13.755 1.00 19.62 ? 333  HIS A NE2 1 
ATOM   57   N  N   . PHE A 1 44  ? -3.452  -5.811  -9.005  1.00 15.84 ? 334  PHE A N   1 
ATOM   58   C  CA  . PHE A 1 44  ? -4.674  -5.033  -8.864  1.00 16.21 ? 334  PHE A CA  1 
ATOM   59   C  C   . PHE A 1 44  ? -4.604  -3.761  -9.698  1.00 16.31 ? 334  PHE A C   1 
ATOM   60   O  O   . PHE A 1 44  ? -3.486  -3.263  -9.987  1.00 17.93 ? 334  PHE A O   1 
ATOM   61   C  CB  . PHE A 1 44  ? -4.929  -4.593  -7.410  1.00 17.22 ? 334  PHE A CB  1 
ATOM   62   C  CG  . PHE A 1 44  ? -5.257  -5.710  -6.459  1.00 18.37 ? 334  PHE A CG  1 
ATOM   63   C  CD1 . PHE A 1 44  ? -6.475  -6.319  -6.506  1.00 19.39 ? 334  PHE A CD1 1 
ATOM   64   C  CD2 . PHE A 1 44  ? -4.334  -6.125  -5.498  1.00 20.34 ? 334  PHE A CD2 1 
ATOM   65   C  CE1 . PHE A 1 44  ? -6.792  -7.342  -5.630  1.00 20.17 ? 334  PHE A CE1 1 
ATOM   66   C  CE2 . PHE A 1 44  ? -4.652  -7.136  -4.607  1.00 20.84 ? 334  PHE A CE2 1 
ATOM   67   C  CZ  . PHE A 1 44  ? -5.886  -7.738  -4.679  1.00 20.41 ? 334  PHE A CZ  1 
ATOM   68   N  N   . LEU A 1 45  ? -5.750  -3.250  -10.110 1.00 16.06 ? 335  LEU A N   1 
ATOM   69   C  CA  . LEU A 1 45  ? -5.909  -1.936  -10.728 1.00 16.68 ? 335  LEU A CA  1 
ATOM   70   C  C   . LEU A 1 45  ? -6.483  -0.964  -9.715  1.00 16.33 ? 335  LEU A C   1 
ATOM   71   O  O   . LEU A 1 45  ? -7.434  -1.312  -8.998  1.00 17.46 ? 335  LEU A O   1 
ATOM   72   C  CB  . LEU A 1 45  ? -6.839  -1.979  -11.959 1.00 18.49 ? 335  LEU A CB  1 
ATOM   73   C  CG  . LEU A 1 45  ? -6.241  -2.394  -13.323 1.00 20.63 ? 335  LEU A CG  1 
ATOM   74   C  CD1 . LEU A 1 45  ? -5.453  -1.263  -13.935 1.00 20.36 ? 335  LEU A CD1 1 
ATOM   75   C  CD2 . LEU A 1 45  ? -5.405  -3.605  -13.228 1.00 20.12 ? 335  LEU A CD2 1 
ATOM   76   N  N   . THR A 1 46  ? -5.956  0.242   -9.691  1.00 16.46 ? 336  THR A N   1 
ATOM   77   C  CA  . THR A 1 46  ? -6.514  1.334   -8.888  1.00 17.12 ? 336  THR A CA  1 
ATOM   78   C  C   . THR A 1 46  ? -7.523  2.143   -9.723  1.00 18.03 ? 336  THR A C   1 
ATOM   79   O  O   . THR A 1 46  ? -7.610  1.976   -10.962 1.00 18.15 ? 336  THR A O   1 
ATOM   80   C  CB  . THR A 1 46  ? -5.420  2.300   -8.438  1.00 17.47 ? 336  THR A CB  1 
ATOM   81   O  OG1 . THR A 1 46  ? -4.852  2.904   -9.598  1.00 18.66 ? 336  THR A OG1 1 
ATOM   82   C  CG2 . THR A 1 46  ? -4.286  1.597   -7.664  1.00 19.12 ? 336  THR A CG2 1 
ATOM   83   N  N   . LYS A 1 47  ? -8.255  3.039   -9.078  1.00 18.02 ? 337  LYS A N   1 
ATOM   84   C  CA  . LYS A 1 47  ? -9.281  3.849   -9.781  1.00 19.78 ? 337  LYS A CA  1 
ATOM   85   C  C   . LYS A 1 47  ? -8.700  4.676   -10.885 1.00 20.64 ? 337  LYS A C   1 
ATOM   86   O  O   . LYS A 1 47  ? -9.373  4.859   -11.905 1.00 23.50 ? 337  LYS A O   1 
ATOM   87   C  CB  . LYS A 1 47  ? -10.059 4.736   -8.836  1.00 21.20 ? 337  LYS A CB  1 
ATOM   88   C  CG  . LYS A 1 47  ? -10.978 3.932   -7.959  1.00 22.36 ? 337  LYS A CG  1 
ATOM   89   C  CD  . LYS A 1 47  ? -12.032 4.789   -7.253  1.00 24.46 ? 337  LYS A CD  1 
ATOM   90   C  CE  . LYS A 1 47  ? -11.461 5.609   -6.147  1.00 23.38 ? 337  LYS A CE  1 
ATOM   91   N  NZ  . LYS A 1 47  ? -12.414 6.682   -5.704  1.00 24.50 ? 337  LYS A NZ  1 
ATOM   92   N  N   . SER A 1 48  ? -7.471  5.156   -10.750 1.00 19.34 ? 338  SER A N   1 
ATOM   93   C  CA  . SER A 1 48  ? -6.853  6.010   -11.762 1.00 20.09 ? 338  SER A CA  1 
ATOM   94   C  C   . SER A 1 48  ? -6.191  5.172   -12.863 1.00 21.93 ? 338  SER A C   1 
ATOM   95   O  O   . SER A 1 48  ? -5.570  5.746   -13.771 1.00 25.81 ? 338  SER A O   1 
ATOM   96   C  CB  . SER A 1 48  ? -5.824  6.962   -11.148 1.00 22.08 ? 338  SER A CB  1 
ATOM   97   O  OG  . SER A 1 48  ? -4.708  6.249   -10.631 1.00 22.82 ? 338  SER A OG  1 
ATOM   98   N  N   . GLY A 1 49  ? -6.278  3.853   -12.769 1.00 20.98 ? 339  GLY A N   1 
ATOM   99   C  CA  . GLY A 1 49  ? -5.657  2.961   -13.752 1.00 22.95 ? 339  GLY A CA  1 
ATOM   100  C  C   . GLY A 1 49  ? -4.258  2.496   -13.465 1.00 23.54 ? 339  GLY A C   1 
ATOM   101  O  O   . GLY A 1 49  ? -3.565  1.906   -14.356 1.00 28.66 ? 339  GLY A O   1 
ATOM   102  N  N   . GLY A 1 50  ? -3.761  2.686   -12.257 1.00 20.95 ? 340  GLY A N   1 
ATOM   103  C  CA  . GLY A 1 50  ? -2.458  2.221   -11.839 1.00 20.93 ? 340  GLY A CA  1 
ATOM   104  C  C   . GLY A 1 50  ? -2.495  0.719   -11.606 1.00 20.96 ? 340  GLY A C   1 
ATOM   105  O  O   . GLY A 1 50  ? -3.539  0.158   -11.233 1.00 21.26 ? 340  GLY A O   1 
ATOM   106  N  N   . VAL A 1 51  ? -1.368  0.060   -11.845 1.00 19.98 ? 341  VAL A N   1 
ATOM   107  C  CA  . VAL A 1 51  ? -1.232  -1.371  -11.610 1.00 19.09 ? 341  VAL A CA  1 
ATOM   108  C  C   . VAL A 1 51  ? -0.323  -1.595  -10.406 1.00 20.81 ? 341  VAL A C   1 
ATOM   109  O  O   . VAL A 1 51  ? 0.795   -1.059  -10.377 1.00 21.88 ? 341  VAL A O   1 
ATOM   110  C  CB  . VAL A 1 51  ? -0.638  -2.086  -12.845 1.00 19.58 ? 341  VAL A CB  1 
ATOM   111  C  CG1 . VAL A 1 51  ? -0.421  -3.577  -12.593 1.00 21.18 ? 341  VAL A CG1 1 
ATOM   112  C  CG2 . VAL A 1 51  ? -1.534  -1.862  -14.058 1.00 21.01 ? 341  VAL A CG2 1 
ATOM   113  N  N   . ILE A 1 52  ? -0.807  -2.370  -9.449  1.00 19.27 ? 342  ILE A N   1 
ATOM   114  C  CA  A ILE A 1 52  ? -0.067  -2.826  -8.260  0.50 19.47 ? 342  ILE A CA  1 
ATOM   115  C  CA  B ILE A 1 52  ? -0.044  -2.814  -8.287  0.50 20.11 ? 342  ILE A CA  1 
ATOM   116  C  C   . ILE A 1 52  ? 0.227   -4.296  -8.479  1.00 19.50 ? 342  ILE A C   1 
ATOM   117  O  O   . ILE A 1 52  ? -0.680  -5.097  -8.479  1.00 19.67 ? 342  ILE A O   1 
ATOM   118  C  CB  A ILE A 1 52  ? -0.899  -2.722  -6.939  0.50 20.98 ? 342  ILE A CB  1 
ATOM   119  C  CB  B ILE A 1 52  ? -0.802  -2.574  -6.951  0.50 22.36 ? 342  ILE A CB  1 
ATOM   120  C  CG1 A ILE A 1 52  ? -1.295  -1.283  -6.595  0.50 22.26 ? 342  ILE A CG1 1 
ATOM   121  C  CG1 B ILE A 1 52  ? -1.399  -1.166  -6.896  0.50 25.01 ? 342  ILE A CG1 1 
ATOM   122  C  CG2 A ILE A 1 52  ? -0.132  -3.343  -5.759  0.50 22.76 ? 342  ILE A CG2 1 
ATOM   123  C  CG2 B ILE A 1 52  ? 0.140   -2.774  -5.763  0.50 23.61 ? 342  ILE A CG2 1 
ATOM   124  C  CD1 A ILE A 1 52  ? -2.340  -1.241  -5.493  0.50 21.07 ? 342  ILE A CD1 1 
ATOM   125  C  CD1 B ILE A 1 52  ? -0.392  -0.091  -7.197  0.50 25.42 ? 342  ILE A CD1 1 
ATOM   126  N  N   . ASN A 1 53  ? 1.479   -4.663  -8.607  1.00 19.92 ? 343  ASN A N   1 
ATOM   127  C  CA  . ASN A 1 53  ? 1.855   -6.069  -8.757  1.00 20.33 ? 343  ASN A CA  1 
ATOM   128  C  C   . ASN A 1 53  ? 2.215   -6.621  -7.411  1.00 19.59 ? 343  ASN A C   1 
ATOM   129  O  O   . ASN A 1 53  ? 2.767   -5.895  -6.548  1.00 19.59 ? 343  ASN A O   1 
ATOM   130  C  CB  . ASN A 1 53  ? 3.061   -6.191  -9.691  1.00 21.98 ? 343  ASN A CB  1 
ATOM   131  C  CG  . ASN A 1 53  ? 2.704   -5.814  -11.100 1.00 25.60 ? 343  ASN A CG  1 
ATOM   132  O  OD1 . ASN A 1 53  ? 1.865   -6.431  -11.716 1.00 28.72 ? 343  ASN A OD1 1 
ATOM   133  N  ND2 . ASN A 1 53  ? 3.214   -4.680  -11.538 1.00 31.16 ? 343  ASN A ND2 1 
ATOM   134  N  N   . PHE A 1 54  ? 1.908   -7.886  -7.179  1.00 18.84 ? 344  PHE A N   1 
ATOM   135  C  CA  . PHE A 1 54  ? 2.347   -8.540  -5.958  1.00 19.50 ? 344  PHE A CA  1 
ATOM   136  C  C   . PHE A 1 54  ? 2.793   -9.978  -6.202  1.00 20.21 ? 344  PHE A C   1 
ATOM   137  O  O   . PHE A 1 54  ? 2.418   -10.574 -7.201  1.00 19.85 ? 344  PHE A O   1 
ATOM   138  C  CB  . PHE A 1 54  ? 1.250   -8.458  -4.902  1.00 19.24 ? 344  PHE A CB  1 
ATOM   139  C  CG  . PHE A 1 54  ? -0.006  -9.200  -5.259  1.00 19.36 ? 344  PHE A CG  1 
ATOM   140  C  CD1 . PHE A 1 54  ? -0.133  -10.564 -5.029  1.00 21.49 ? 344  PHE A CD1 1 
ATOM   141  C  CD2 . PHE A 1 54  ? -1.071  -8.525  -5.830  1.00 20.35 ? 344  PHE A CD2 1 
ATOM   142  C  CE1 . PHE A 1 54  ? -1.312  -11.252 -5.369  1.00 23.73 ? 344  PHE A CE1 1 
ATOM   143  C  CE2 . PHE A 1 54  ? -2.254  -9.201  -6.135  1.00 22.11 ? 344  PHE A CE2 1 
ATOM   144  C  CZ  . PHE A 1 54  ? -2.364  -10.554 -5.922  1.00 22.64 ? 344  PHE A CZ  1 
ATOM   145  N  N   . ARG A 1 55  ? 3.611   -10.509 -5.292  1.00 20.21 ? 345  ARG A N   1 
ATOM   146  C  CA  . ARG A 1 55  ? 4.025   -11.902 -5.306  1.00 22.49 ? 345  ARG A CA  1 
ATOM   147  C  C   . ARG A 1 55  ? 3.789   -12.501 -3.959  1.00 21.49 ? 345  ARG A C   1 
ATOM   148  O  O   . ARG A 1 55  ? 4.255   -11.932 -2.963  1.00 21.20 ? 345  ARG A O   1 
ATOM   149  C  CB  . ARG A 1 55  ? 5.488   -12.048 -5.660  1.00 26.14 ? 345  ARG A CB  1 
ATOM   150  C  CG  . ARG A 1 55  ? 5.941   -13.501 -5.727  1.00 34.42 ? 345  ARG A CG  1 
ATOM   151  C  CD  . ARG A 1 55  ? 7.135   -13.655 -6.653  1.00 40.10 ? 345  ARG A CD  1 
ATOM   152  N  NE  . ARG A 1 55  ? 7.317   -15.045 -7.046  1.00 51.01 ? 345  ARG A NE  1 
ATOM   153  C  CZ  . ARG A 1 55  ? 7.607   -15.479 -8.280  1.00 56.87 ? 345  ARG A CZ  1 
ATOM   154  N  NH1 . ARG A 1 55  ? 7.751   -14.636 -9.316  1.00 56.15 ? 345  ARG A NH1 1 
ATOM   155  N  NH2 . ARG A 1 55  ? 7.742   -16.795 -8.487  1.00 60.85 ? 345  ARG A NH2 1 
ATOM   156  N  N   . LYS A 1 56  ? 3.054   -13.608 -3.897  1.00 22.18 ? 346  LYS A N   1 
ATOM   157  C  CA  . LYS A 1 56  ? 2.747   -14.334 -2.654  1.00 22.92 ? 346  LYS A CA  1 
ATOM   158  C  C   . LYS A 1 56  ? 3.664   -15.539 -2.581  1.00 26.51 ? 346  LYS A C   1 
ATOM   159  O  O   . LYS A 1 56  ? 3.841   -16.259 -3.581  1.00 29.13 ? 346  LYS A O   1 
ATOM   160  C  CB  . LYS A 1 56  ? 1.313   -14.810 -2.665  1.00 26.59 ? 346  LYS A CB  1 
ATOM   161  C  CG  . LYS A 1 56  ? 0.298   -13.709 -2.768  1.00 30.79 ? 346  LYS A CG  1 
ATOM   162  C  CD  . LYS A 1 56  ? -1.118  -14.226 -2.836  1.00 36.69 ? 346  LYS A CD  1 
ATOM   163  C  CE  . LYS A 1 56  ? -1.678  -14.626 -1.490  1.00 42.73 ? 346  LYS A CE  1 
ATOM   164  N  NZ  . LYS A 1 56  ? -3.160  -14.698 -1.543  1.00 47.89 ? 346  LYS A NZ  1 
ATOM   165  N  N   . THR A 1 57  ? 4.293   -15.730 -1.432  1.00 23.27 ? 347  THR A N   1 
ATOM   166  C  CA  . THR A 1 57  ? 5.083   -16.912 -1.109  1.00 24.38 ? 347  THR A CA  1 
ATOM   167  C  C   . THR A 1 57  ? 4.351   -17.666 -0.011  1.00 25.71 ? 347  THR A C   1 
ATOM   168  O  O   . THR A 1 57  ? 4.126   -17.128 1.070   1.00 24.07 ? 347  THR A O   1 
ATOM   169  C  CB  . THR A 1 57  ? 6.492   -16.498 -0.634  1.00 25.72 ? 347  THR A CB  1 
ATOM   170  O  OG1 . THR A 1 57  ? 7.150   -15.771 -1.674  1.00 27.81 ? 347  THR A OG1 1 
ATOM   171  C  CG2 . THR A 1 57  ? 7.338   -17.708 -0.260  1.00 27.87 ? 347  THR A CG2 1 
ATOM   172  N  N   . ARG A 1 58  ? 3.977   -18.924 -0.277  1.00 28.16 ? 348  ARG A N   1 
ATOM   173  C  CA  . ARG A 1 58  ? 3.244   -19.739 0.676   1.00 31.49 ? 348  ARG A CA  1 
ATOM   174  C  C   . ARG A 1 58  ? 4.158   -20.754 1.318   1.00 36.63 ? 348  ARG A C   1 
ATOM   175  O  O   . ARG A 1 58  ? 4.747   -21.564 0.600   1.00 38.62 ? 348  ARG A O   1 
ATOM   176  C  CB  . ARG A 1 58  ? 2.147   -20.529 -0.018  1.00 38.04 ? 348  ARG A CB  1 
ATOM   177  C  CG  . ARG A 1 58  ? 1.248   -19.722 -0.913  1.00 45.12 ? 348  ARG A CG  1 
ATOM   178  C  CD  . ARG A 1 58  ? -0.042  -20.476 -1.236  1.00 51.99 ? 348  ARG A CD  1 
ATOM   179  N  NE  . ARG A 1 58  ? -1.158  -19.580 -1.571  1.00 56.32 ? 348  ARG A NE  1 
ATOM   180  C  CZ  . ARG A 1 58  ? -1.195  -18.714 -2.591  1.00 58.20 ? 348  ARG A CZ  1 
ATOM   181  N  NH1 . ARG A 1 58  ? -0.164  -18.567 -3.417  1.00 57.96 ? 348  ARG A NH1 1 
ATOM   182  N  NH2 . ARG A 1 58  ? -2.289  -17.962 -2.775  1.00 58.72 ? 348  ARG A NH2 1 
ATOM   183  N  N   . VAL A 1 59  ? 4.241   -20.736 2.647   1.00 38.37 ? 349  VAL A N   1 
ATOM   184  C  CA  . VAL A 1 59  ? 4.886   -21.818 3.407   1.00 45.23 ? 349  VAL A CA  1 
ATOM   185  C  C   . VAL A 1 59  ? 3.928   -22.363 4.467   1.00 44.02 ? 349  VAL A C   1 
ATOM   186  O  O   . VAL A 1 59  ? 3.696   -21.729 5.506   1.00 43.04 ? 349  VAL A O   1 
ATOM   187  C  CB  . VAL A 1 59  ? 6.226   -21.376 4.011   1.00 49.32 ? 349  VAL A CB  1 
ATOM   188  C  CG1 . VAL A 1 59  ? 7.300   -21.418 2.940   1.00 53.29 ? 349  VAL A CG1 1 
ATOM   189  C  CG2 . VAL A 1 59  ? 6.145   -19.984 4.612   1.00 48.48 ? 349  VAL A CG2 1 
ATOM   190  N  N   . THR A 1 60  ? 3.372   -23.544 4.182   1.00 43.87 ? 350  THR A N   1 
ATOM   191  C  CA  . THR A 1 60  ? 2.250   -24.123 4.930   1.00 44.06 ? 350  THR A CA  1 
ATOM   192  C  C   . THR A 1 60  ? 1.056   -23.148 4.935   1.00 45.68 ? 350  THR A C   1 
ATOM   193  O  O   . THR A 1 60  ? 0.717   -22.609 3.877   1.00 47.37 ? 350  THR A O   1 
ATOM   194  C  CB  . THR A 1 60  ? 2.665   -24.571 6.358   1.00 48.93 ? 350  THR A CB  1 
ATOM   195  O  OG1 . THR A 1 60  ? 2.606   -23.451 7.246   1.00 46.12 ? 350  THR A OG1 1 
ATOM   196  C  CG2 . THR A 1 60  ? 4.079   -25.165 6.376   1.00 48.76 ? 350  THR A CG2 1 
ATOM   197  N  N   . SER A 1 61  ? 0.448   -22.896 6.104   1.00 41.07 ? 351  SER A N   1 
ATOM   198  C  CA  . SER A 1 61  ? -0.689  -21.975 6.227   1.00 40.00 ? 351  SER A CA  1 
ATOM   199  C  C   . SER A 1 61  ? -0.316  -20.495 6.369   1.00 35.17 ? 351  SER A C   1 
ATOM   200  O  O   . SER A 1 61  ? -1.214  -19.667 6.585   1.00 40.45 ? 351  SER A O   1 
ATOM   201  C  CB  . SER A 1 61  ? -1.571  -22.363 7.427   1.00 41.33 ? 351  SER A CB  1 
ATOM   202  O  OG  . SER A 1 61  ? -0.862  -22.210 8.652   1.00 43.43 ? 351  SER A OG  1 
ATOM   203  N  N   A ILE A 1 62  ? 0.972   -20.154 6.294   0.50 32.08 ? 352  ILE A N   1 
ATOM   204  N  N   B ILE A 1 62  ? 0.969   -20.171 6.248   0.50 30.42 ? 352  ILE A N   1 
ATOM   205  C  CA  A ILE A 1 62  ? 1.331   -18.732 6.230   0.50 29.00 ? 352  ILE A CA  1 
ATOM   206  C  CA  B ILE A 1 62  ? 1.437   -18.783 6.240   0.50 26.73 ? 352  ILE A CA  1 
ATOM   207  C  C   A ILE A 1 62  ? 1.817   -18.290 4.864   0.50 27.30 ? 352  ILE A C   1 
ATOM   208  C  C   B ILE A 1 62  ? 1.665   -18.369 4.786   0.50 25.87 ? 352  ILE A C   1 
ATOM   209  O  O   A ILE A 1 62  ? 2.704   -18.924 4.254   0.50 24.72 ? 352  ILE A O   1 
ATOM   210  O  O   B ILE A 1 62  ? 2.182   -19.145 3.984   0.50 24.26 ? 352  ILE A O   1 
ATOM   211  C  CB  A ILE A 1 62  ? 2.349   -18.274 7.273   0.50 30.63 ? 352  ILE A CB  1 
ATOM   212  C  CB  B ILE A 1 62  ? 2.740   -18.684 7.042   0.50 26.57 ? 352  ILE A CB  1 
ATOM   213  C  CG1 A ILE A 1 62  ? 2.437   -16.761 7.177   0.50 31.25 ? 352  ILE A CG1 1 
ATOM   214  C  CG1 B ILE A 1 62  ? 2.505   -19.140 8.481   0.50 27.19 ? 352  ILE A CG1 1 
ATOM   215  C  CG2 A ILE A 1 62  ? 3.746   -18.801 7.013   0.50 31.11 ? 352  ILE A CG2 1 
ATOM   216  C  CG2 B ILE A 1 62  ? 3.315   -17.272 7.078   0.50 25.54 ? 352  ILE A CG2 1 
ATOM   217  C  CD1 A ILE A 1 62  ? 3.148   -16.132 8.317   0.50 32.05 ? 352  ILE A CD1 1 
ATOM   218  C  CD1 B ILE A 1 62  ? 3.784   -19.556 9.142   0.50 27.77 ? 352  ILE A CD1 1 
ATOM   219  N  N   . THR A 1 63  ? 1.252   -17.161 4.426   1.00 24.52 ? 353  THR A N   1 
ATOM   220  C  CA  A THR A 1 63  ? 1.622   -16.556 3.172   0.50 23.17 ? 353  THR A CA  1 
ATOM   221  C  CA  B THR A 1 63  ? 1.753   -16.594 3.205   0.50 23.70 ? 353  THR A CA  1 
ATOM   222  C  C   . THR A 1 63  ? 2.315   -15.212 3.462   1.00 22.04 ? 353  THR A C   1 
ATOM   223  O  O   . THR A 1 63  ? 1.870   -14.477 4.337   1.00 21.97 ? 353  THR A O   1 
ATOM   224  C  CB  A THR A 1 63  ? 0.386   -16.298 2.302   0.50 23.50 ? 353  THR A CB  1 
ATOM   225  C  CB  B THR A 1 63  ? 0.723   -16.510 2.080   0.50 24.99 ? 353  THR A CB  1 
ATOM   226  O  OG1 A THR A 1 63  ? -0.310  -17.536 2.061   0.50 26.70 ? 353  THR A OG1 1 
ATOM   227  O  OG1 B THR A 1 63  ? -0.244  -15.500 2.378   0.50 26.69 ? 353  THR A OG1 1 
ATOM   228  C  CG2 A THR A 1 63  ? 0.772   -15.690 0.970   0.50 22.84 ? 353  THR A CG2 1 
ATOM   229  C  CG2 B THR A 1 63  ? 0.054   -17.867 1.892   0.50 25.38 ? 353  THR A CG2 1 
ATOM   230  N  N   . ILE A 1 64  ? 3.338   -14.919 2.707   1.00 20.04 ? 354  ILE A N   1 
ATOM   231  C  CA  . ILE A 1 64  ? 4.064   -13.646 2.775   1.00 20.04 ? 354  ILE A CA  1 
ATOM   232  C  C   . ILE A 1 64  ? 3.944   -13.010 1.415   1.00 20.69 ? 354  ILE A C   1 
ATOM   233  O  O   . ILE A 1 64  ? 4.317   -13.604 0.400   1.00 20.74 ? 354  ILE A O   1 
ATOM   234  C  CB  . ILE A 1 64  ? 5.525   -13.834 3.200   1.00 21.70 ? 354  ILE A CB  1 
ATOM   235  C  CG1 . ILE A 1 64  ? 5.495   -14.601 4.532   1.00 26.40 ? 354  ILE A CG1 1 
ATOM   236  C  CG2 . ILE A 1 64  ? 6.240   -12.471 3.257   1.00 23.07 ? 354  ILE A CG2 1 
ATOM   237  C  CD1 . ILE A 1 64  ? 6.738   -14.639 5.366   1.00 31.50 ? 354  ILE A CD1 1 
ATOM   238  N  N   . THR A 1 65  ? 3.426   -11.790 1.369   1.00 18.05 ? 355  THR A N   1 
ATOM   239  C  CA  . THR A 1 65  ? 3.202   -11.066 0.122   1.00 18.03 ? 355  THR A CA  1 
ATOM   240  C  C   . THR A 1 65  ? 4.053   -9.827  0.063   1.00 18.47 ? 355  THR A C   1 
ATOM   241  O  O   . THR A 1 65  ? 4.083   -9.032  1.032   1.00 18.36 ? 355  THR A O   1 
ATOM   242  C  CB  . THR A 1 65  ? 1.709   -10.707 -0.062  1.00 19.42 ? 355  THR A CB  1 
ATOM   243  O  OG1 . THR A 1 65  ? 0.926   -11.912 0.013   1.00 21.75 ? 355  THR A OG1 1 
ATOM   244  C  CG2 . THR A 1 65  ? 1.450   -9.980  -1.379  1.00 20.25 ? 355  THR A CG2 1 
ATOM   245  N  N   A ILE A 1 66  ? 4.724   -9.636  -1.066  0.50 18.54 ? 356  ILE A N   1 
ATOM   246  N  N   B ILE A 1 66  ? 4.716   -9.609  -1.059  0.50 18.14 ? 356  ILE A N   1 
ATOM   247  C  CA  A ILE A 1 66  ? 5.554   -8.473  -1.352  0.50 18.69 ? 356  ILE A CA  1 
ATOM   248  C  CA  B ILE A 1 66  ? 5.470   -8.390  -1.265  0.50 18.11 ? 356  ILE A CA  1 
ATOM   249  C  C   A ILE A 1 66  ? 4.896   -7.724  -2.501  0.50 19.26 ? 356  ILE A C   1 
ATOM   250  C  C   B ILE A 1 66  ? 5.068   -7.710  -2.569  0.50 18.81 ? 356  ILE A C   1 
ATOM   251  O  O   A ILE A 1 66  ? 4.305   -8.353  -3.375  0.50 18.63 ? 356  ILE A O   1 
ATOM   252  O  O   B ILE A 1 66  ? 4.845   -8.340  -3.610  0.50 18.52 ? 356  ILE A O   1 
ATOM   253  C  CB  A ILE A 1 66  ? 6.958   -8.866  -1.834  0.50 21.22 ? 356  ILE A CB  1 
ATOM   254  C  CB  B ILE A 1 66  ? 6.988   -8.601  -1.187  0.50 19.92 ? 356  ILE A CB  1 
ATOM   255  C  CG1 A ILE A 1 66  ? 7.685   -9.680  -0.781  0.50 22.64 ? 356  ILE A CG1 1 
ATOM   256  C  CG1 B ILE A 1 66  ? 7.457   -9.478  -2.328  0.50 21.62 ? 356  ILE A CG1 1 
ATOM   257  C  CG2 A ILE A 1 66  ? 7.786   -7.627  -2.127  0.50 22.37 ? 356  ILE A CG2 1 
ATOM   258  C  CG2 B ILE A 1 66  ? 7.366   -9.210  0.162   0.50 19.40 ? 356  ILE A CG2 1 
ATOM   259  C  CD1 A ILE A 1 66  ? 8.046   -8.858  0.421   0.50 23.86 ? 356  ILE A CD1 1 
ATOM   260  C  CD1 B ILE A 1 66  ? 8.932   -9.281  -2.601  0.50 23.43 ? 356  ILE A CD1 1 
ATOM   261  N  N   . LEU A 1 67  ? 4.959   -6.401  -2.498  1.00 19.50 ? 357  LEU A N   1 
ATOM   262  C  CA  . LEU A 1 67  ? 4.536   -5.610  -3.645  1.00 19.56 ? 357  LEU A CA  1 
ATOM   263  C  C   . LEU A 1 67  ? 5.725   -5.354  -4.570  1.00 23.73 ? 357  LEU A C   1 
ATOM   264  O  O   . LEU A 1 67  ? 6.839   -5.127  -4.114  1.00 26.30 ? 357  LEU A O   1 
ATOM   265  C  CB  . LEU A 1 67  ? 3.936   -4.287  -3.167  1.00 21.01 ? 357  LEU A CB  1 
ATOM   266  C  CG  . LEU A 1 67  ? 2.808   -4.477  -2.143  1.00 20.23 ? 357  LEU A CG  1 
ATOM   267  C  CD1 . LEU A 1 67  ? 2.245   -3.099  -1.801  1.00 21.96 ? 357  LEU A CD1 1 
ATOM   268  C  CD2 . LEU A 1 67  ? 1.725   -5.425  -2.669  1.00 20.94 ? 357  LEU A CD2 1 
ATOM   269  N  N   . GLY A 1 68  ? 5.483   -5.372  -5.864  1.00 22.37 ? 358  GLY A N   1 
ATOM   270  C  CA  . GLY A 1 68  ? 6.550   -5.268  -6.847  1.00 25.24 ? 358  GLY A CA  1 
ATOM   271  C  C   . GLY A 1 68  ? 6.848   -3.875  -7.290  1.00 27.33 ? 358  GLY A C   1 
ATOM   272  O  O   . GLY A 1 68  ? 6.102   -2.943  -7.016  1.00 28.57 ? 358  GLY A O   1 
ATOM   273  N  N   . ASN A 1 69  ? 7.978   -3.726  -7.996  1.00 31.27 ? 359  ASN A N   1 
ATOM   274  C  CA  . ASN A 1 69  ? 8.239   -2.519  -8.830  1.00 37.18 ? 359  ASN A CA  1 
ATOM   275  C  C   . ASN A 1 69  ? 8.521   -1.246  -8.050  1.00 33.48 ? 359  ASN A C   1 
ATOM   276  O  O   . ASN A 1 69  ? 8.204   -0.148  -8.489  1.00 38.22 ? 359  ASN A O   1 
ATOM   277  C  CB  . ASN A 1 69  ? 7.092   -2.235  -9.815  1.00 40.76 ? 359  ASN A CB  1 
ATOM   278  C  CG  . ASN A 1 69  ? 6.727   -3.443  -10.632 1.00 46.78 ? 359  ASN A CG  1 
ATOM   279  O  OD1 . ASN A 1 69  ? 5.611   -3.949  -10.539 1.00 48.15 ? 359  ASN A OD1 1 
ATOM   280  N  ND2 . ASN A 1 69  ? 7.686   -3.943  -11.407 1.00 52.31 ? 359  ASN A ND2 1 
ATOM   281  N  N   . TYR A 1 70  ? 9.117   -1.411  -6.883  1.00 33.44 ? 360  TYR A N   1 
ATOM   282  C  CA  . TYR A 1 70  ? 9.451   -0.271  -6.052  1.00 32.67 ? 360  TYR A CA  1 
ATOM   283  C  C   . TYR A 1 70  ? 10.511  -0.726  -5.064  1.00 31.70 ? 360  TYR A C   1 
ATOM   284  O  O   . TYR A 1 70  ? 10.729  -1.923  -4.910  1.00 34.32 ? 360  TYR A O   1 
ATOM   285  C  CB  . TYR A 1 70  ? 8.182   0.234   -5.317  1.00 34.57 ? 360  TYR A CB  1 
ATOM   286  C  CG  . TYR A 1 70  ? 7.989   -0.449  -4.027  1.00 30.30 ? 360  TYR A CG  1 
ATOM   287  C  CD1 . TYR A 1 70  ? 7.535   -1.746  -3.971  1.00 31.03 ? 360  TYR A CD1 1 
ATOM   288  C  CD2 . TYR A 1 70  ? 8.339   0.168   -2.847  1.00 30.45 ? 360  TYR A CD2 1 
ATOM   289  C  CE1 . TYR A 1 70  ? 7.429   -2.423  -2.770  1.00 35.60 ? 360  TYR A CE1 1 
ATOM   290  C  CE2 . TYR A 1 70  ? 8.207   -0.490  -1.636  1.00 35.07 ? 360  TYR A CE2 1 
ATOM   291  C  CZ  . TYR A 1 70  ? 7.775   -1.800  -1.619  1.00 33.31 ? 360  TYR A CZ  1 
ATOM   292  O  OH  . TYR A 1 70  ? 7.635   -2.495  -0.450  1.00 41.44 ? 360  TYR A OH  1 
ATOM   293  N  N   . GLY A 1 71  ? 11.152  0.233   -4.404  1.00 30.91 ? 361  GLY A N   1 
ATOM   294  C  CA  . GLY A 1 71  ? 11.993  -0.019  -3.230  1.00 29.59 ? 361  GLY A CA  1 
ATOM   295  C  C   . GLY A 1 71  ? 13.241  0.852   -3.174  1.00 28.75 ? 361  GLY A C   1 
ATOM   296  O  O   . GLY A 1 71  ? 13.454  1.704   -4.045  1.00 25.02 ? 361  GLY A O   1 
ATOM   297  N  N   . LEU A 1 72  ? 14.035  0.616   -2.114  1.00 27.98 ? 362  LEU A N   1 
ATOM   298  C  CA  . LEU A 1 72  ? 15.319  1.279   -1.871  1.00 26.19 ? 362  LEU A CA  1 
ATOM   299  C  C   . LEU A 1 72  ? 16.507  0.551   -2.513  1.00 25.60 ? 362  LEU A C   1 
ATOM   300  O  O   . LEU A 1 72  ? 16.522  -0.662  -2.598  1.00 26.53 ? 362  LEU A O   1 
ATOM   301  C  CB  . LEU A 1 72  ? 15.588  1.390   -0.362  1.00 26.23 ? 362  LEU A CB  1 
ATOM   302  C  CG  . LEU A 1 72  ? 14.599  2.086   0.592   1.00 29.46 ? 362  LEU A CG  1 
ATOM   303  C  CD1 . LEU A 1 72  ? 15.102  2.054   2.029   1.00 30.66 ? 362  LEU A CD1 1 
ATOM   304  C  CD2 . LEU A 1 72  ? 14.386  3.516   0.141   1.00 30.59 ? 362  LEU A CD2 1 
ATOM   305  N  N   . ARG A 1 73  ? 17.515  1.329   -2.914  1.00 24.53 ? 363  ARG A N   1 
ATOM   306  C  CA  . ARG A 1 73  ? 18.798  0.776   -3.365  1.00 24.62 ? 363  ARG A CA  1 
ATOM   307  C  C   . ARG A 1 73  ? 19.905  1.706   -2.944  1.00 22.28 ? 363  ARG A C   1 
ATOM   308  O  O   . ARG A 1 73  ? 19.703  2.913   -2.789  1.00 24.22 ? 363  ARG A O   1 
ATOM   309  C  CB  . ARG A 1 73  ? 18.806  0.576   -4.886  1.00 29.09 ? 363  ARG A CB  1 
ATOM   310  C  CG  . ARG A 1 73  ? 18.371  1.784   -5.670  1.00 33.65 ? 363  ARG A CG  1 
ATOM   311  C  CD  . ARG A 1 73  ? 18.086  1.507   -7.166  1.00 39.80 ? 363  ARG A CD  1 
ATOM   312  N  NE  . ARG A 1 73  ? 17.744  2.769   -7.853  1.00 42.44 ? 363  ARG A NE  1 
ATOM   313  C  CZ  . ARG A 1 73  ? 16.530  3.337   -7.901  1.00 42.29 ? 363  ARG A CZ  1 
ATOM   314  N  NH1 . ARG A 1 73  ? 15.471  2.753   -7.353  1.00 35.72 ? 363  ARG A NH1 1 
ATOM   315  N  NH2 . ARG A 1 73  ? 16.369  4.498   -8.534  1.00 48.05 ? 363  ARG A NH2 1 
ATOM   316  N  N   . VAL A 1 74  ? 21.095  1.137   -2.748  1.00 23.14 ? 364  VAL A N   1 
ATOM   317  C  CA  . VAL A 1 74  ? 22.267  1.953   -2.490  1.00 22.91 ? 364  VAL A CA  1 
ATOM   318  C  C   . VAL A 1 74  ? 23.192  1.813   -3.699  1.00 22.28 ? 364  VAL A C   1 
ATOM   319  O  O   . VAL A 1 74  ? 23.490  0.716   -4.082  1.00 25.22 ? 364  VAL A O   1 
ATOM   320  C  CB  . VAL A 1 74  ? 22.986  1.552   -1.172  1.00 23.79 ? 364  VAL A CB  1 
ATOM   321  C  CG1 . VAL A 1 74  ? 24.102  2.528   -0.874  1.00 26.41 ? 364  VAL A CG1 1 
ATOM   322  C  CG2 . VAL A 1 74  ? 22.010  1.560   -0.007  1.00 26.40 ? 364  VAL A CG2 1 
ATOM   323  N  N   . VAL A 1 75  ? 23.564  2.951   -4.279  1.00 25.60 ? 365  VAL A N   1 
ATOM   324  C  CA  . VAL A 1 75  ? 24.357  2.989   -5.520  1.00 28.04 ? 365  VAL A CA  1 
ATOM   325  C  C   . VAL A 1 75  ? 25.545  3.880   -5.256  1.00 28.59 ? 365  VAL A C   1 
ATOM   326  O  O   . VAL A 1 75  ? 25.399  5.092   -5.136  1.00 30.37 ? 365  VAL A O   1 
ATOM   327  C  CB  . VAL A 1 75  ? 23.511  3.513   -6.710  1.00 30.06 ? 365  VAL A CB  1 
ATOM   328  C  CG1 . VAL A 1 75  ? 24.335  3.498   -7.987  1.00 32.69 ? 365  VAL A CG1 1 
ATOM   329  C  CG2 . VAL A 1 75  ? 22.259  2.666   -6.876  1.00 31.38 ? 365  VAL A CG2 1 
ATOM   330  N  N   . ASN A 1 76  ? 26.716  3.260   -5.103  1.00 29.30 ? 366  ASN A N   1 
ATOM   331  C  CA  . ASN A 1 76  ? 27.958  3.988   -4.774  1.00 32.13 ? 366  ASN A CA  1 
ATOM   332  C  C   . ASN A 1 76  ? 27.785  4.954   -3.602  1.00 32.60 ? 366  ASN A C   1 
ATOM   333  O  O   . ASN A 1 76  ? 28.121  6.150   -3.676  1.00 33.52 ? 366  ASN A O   1 
ATOM   334  C  CB  . ASN A 1 76  ? 28.499  4.706   -6.020  1.00 36.26 ? 366  ASN A CB  1 
ATOM   335  C  CG  . ASN A 1 76  ? 28.754  3.748   -7.169  1.00 36.05 ? 366  ASN A CG  1 
ATOM   336  O  OD1 . ASN A 1 76  ? 29.383  2.697   -7.004  1.00 39.48 ? 366  ASN A OD1 1 
ATOM   337  N  ND2 . ASN A 1 76  ? 28.225  4.084   -8.336  1.00 40.44 ? 366  ASN A ND2 1 
ATOM   338  N  N   . GLY A 1 77  ? 27.228  4.399   -2.519  1.00 30.91 ? 367  GLY A N   1 
ATOM   339  C  CA  . GLY A 1 77  ? 27.026  5.075   -1.259  1.00 31.01 ? 367  GLY A CA  1 
ATOM   340  C  C   . GLY A 1 77  ? 25.904  6.070   -1.182  1.00 31.27 ? 367  GLY A C   1 
ATOM   341  O  O   . GLY A 1 77  ? 25.787  6.780   -0.190  1.00 31.05 ? 367  GLY A O   1 
ATOM   342  N  N   . GLU A 1 78  ? 25.078  6.141   -2.227  1.00 30.49 ? 368  GLU A N   1 
ATOM   343  C  CA  . GLU A 1 78  ? 23.966  7.078   -2.265  1.00 32.03 ? 368  GLU A CA  1 
ATOM   344  C  C   . GLU A 1 78  ? 22.674  6.287   -2.317  1.00 27.84 ? 368  GLU A C   1 
ATOM   345  O  O   . GLU A 1 78  ? 22.535  5.344   -3.086  1.00 28.55 ? 368  GLU A O   1 
ATOM   346  C  CB  . GLU A 1 78  ? 24.110  8.030   -3.449  1.00 37.80 ? 368  GLU A CB  1 
ATOM   347  C  CG  . GLU A 1 78  ? 25.192  9.074   -3.166  1.00 44.40 ? 368  GLU A CG  1 
ATOM   348  C  CD  . GLU A 1 78  ? 25.564  9.946   -4.360  1.00 53.27 ? 368  GLU A CD  1 
ATOM   349  O  OE1 . GLU A 1 78  ? 25.655  9.435   -5.503  1.00 55.77 ? 368  GLU A OE1 1 
ATOM   350  O  OE2 . GLU A 1 78  ? 25.800  11.156  -4.135  1.00 61.67 ? 368  GLU A OE2 1 
ATOM   351  N  N   . LEU A 1 79  ? 21.750  6.658   -1.445  1.00 27.20 ? 369  LEU A N   1 
ATOM   352  C  CA  . LEU A 1 79  ? 20.466  5.989   -1.378  1.00 27.23 ? 369  LEU A CA  1 
ATOM   353  C  C   . LEU A 1 79  ? 19.582  6.525   -2.505  1.00 27.36 ? 369  LEU A C   1 
ATOM   354  O  O   . LEU A 1 79  ? 19.460  7.751   -2.663  1.00 31.29 ? 369  LEU A O   1 
ATOM   355  C  CB  . LEU A 1 79  ? 19.807  6.253   -0.014  1.00 28.52 ? 369  LEU A CB  1 
ATOM   356  C  CG  . LEU A 1 79  ? 18.581  5.424   0.366   1.00 29.17 ? 369  LEU A CG  1 
ATOM   357  C  CD1 . LEU A 1 79  ? 18.867  3.936   0.477   1.00 27.85 ? 369  LEU A CD1 1 
ATOM   358  C  CD2 . LEU A 1 79  ? 17.977  5.922   1.676   1.00 31.32 ? 369  LEU A CD2 1 
ATOM   359  N  N   . GLN A 1 80  ? 18.994  5.604   -3.243  1.00 25.51 ? 370  GLN A N   1 
ATOM   360  C  CA  . GLN A 1 80  ? 18.025  5.928   -4.279  1.00 28.72 ? 370  GLN A CA  1 
ATOM   361  C  C   . GLN A 1 80  ? 16.766  5.157   -3.974  1.00 27.71 ? 370  GLN A C   1 
ATOM   362  O  O   . GLN A 1 80  ? 16.793  4.166   -3.242  1.00 27.71 ? 370  GLN A O   1 
ATOM   363  C  CB  . GLN A 1 80  ? 18.558  5.510   -5.634  1.00 31.68 ? 370  GLN A CB  1 
ATOM   364  C  CG  . GLN A 1 80  ? 19.815  6.254   -6.032  1.00 34.27 ? 370  GLN A CG  1 
ATOM   365  C  CD  . GLN A 1 80  ? 20.336  5.809   -7.380  1.00 38.55 ? 370  GLN A CD  1 
ATOM   366  O  OE1 . GLN A 1 80  ? 19.894  4.796   -7.947  1.00 42.13 ? 370  GLN A OE1 1 
ATOM   367  N  NE2 . GLN A 1 80  ? 21.312  6.547   -7.889  1.00 45.27 ? 370  GLN A NE2 1 
ATOM   368  N  N   . ASN A 1 81  ? 15.638  5.606   -4.502  1.00 24.83 ? 371  ASN A N   1 
ATOM   369  C  CA  . ASN A 1 81  ? 14.444  4.815   -4.375  1.00 24.33 ? 371  ASN A CA  1 
ATOM   370  C  C   . ASN A 1 81  ? 13.422  5.045   -5.469  1.00 22.79 ? 371  ASN A C   1 
ATOM   371  O  O   . ASN A 1 81  ? 13.411  6.086   -6.108  1.00 25.94 ? 371  ASN A O   1 
ATOM   372  C  CB  . ASN A 1 81  ? 13.802  5.056   -3.007  1.00 24.39 ? 371  ASN A CB  1 
ATOM   373  C  CG  . ASN A 1 81  ? 13.003  6.312   -2.966  1.00 26.30 ? 371  ASN A CG  1 
ATOM   374  O  OD1 . ASN A 1 81  ? 13.561  7.411   -3.137  1.00 30.83 ? 371  ASN A OD1 1 
ATOM   375  N  ND2 . ASN A 1 81  ? 11.677  6.190   -2.766  1.00 26.93 ? 371  ASN A ND2 1 
ATOM   376  N  N   . THR A 1 82  ? 12.615  4.027   -5.664  1.00 22.88 ? 372  THR A N   1 
ATOM   377  C  CA  . THR A 1 82  ? 11.470  4.078   -6.533  1.00 23.84 ? 372  THR A CA  1 
ATOM   378  C  C   . THR A 1 82  ? 10.275  3.779   -5.628  1.00 21.94 ? 372  THR A C   1 
ATOM   379  O  O   . THR A 1 82  ? 10.162  2.654   -5.113  1.00 23.60 ? 372  THR A O   1 
ATOM   380  C  CB  . THR A 1 82  ? 11.557  2.999   -7.602  1.00 28.19 ? 372  THR A CB  1 
ATOM   381  O  OG1 . THR A 1 82  ? 12.728  3.245   -8.401  1.00 31.16 ? 372  THR A OG1 1 
ATOM   382  C  CG2 . THR A 1 82  ? 10.306  2.983   -8.487  1.00 29.71 ? 372  THR A CG2 1 
ATOM   383  N  N   . PRO A 1 83  ? 9.407   4.784   -5.417  1.00 21.48 ? 373  PRO A N   1 
ATOM   384  C  CA  . PRO A 1 83  ? 8.245   4.506   -4.555  1.00 20.09 ? 373  PRO A CA  1 
ATOM   385  C  C   . PRO A 1 83  ? 7.114   3.868   -5.291  1.00 19.83 ? 373  PRO A C   1 
ATOM   386  O  O   . PRO A 1 83  ? 7.085   3.886   -6.535  1.00 21.66 ? 373  PRO A O   1 
ATOM   387  C  CB  . PRO A 1 83  ? 7.844   5.894   -4.098  1.00 21.30 ? 373  PRO A CB  1 
ATOM   388  C  CG  . PRO A 1 83  ? 8.100   6.718   -5.292  1.00 23.05 ? 373  PRO A CG  1 
ATOM   389  C  CD  . PRO A 1 83  ? 9.415   6.194   -5.826  1.00 22.29 ? 373  PRO A CD  1 
ATOM   390  N  N   . LEU A 1 84  ? 6.164   3.300   -4.567  1.00 17.79 ? 374  LEU A N   1 
ATOM   391  C  CA  . LEU A 1 84  ? 4.897   2.960   -5.139  1.00 18.46 ? 374  LEU A CA  1 
ATOM   392  C  C   . LEU A 1 84  ? 3.969   4.157   -4.913  1.00 17.58 ? 374  LEU A C   1 
ATOM   393  O  O   . LEU A 1 84  ? 3.697   4.526   -3.760  1.00 17.89 ? 374  LEU A O   1 
ATOM   394  C  CB  . LEU A 1 84  ? 4.339   1.713   -4.462  1.00 23.20 ? 374  LEU A CB  1 
ATOM   395  C  CG  . LEU A 1 84  ? 3.181   1.038   -5.118  1.00 28.88 ? 374  LEU A CG  1 
ATOM   396  C  CD1 . LEU A 1 84  ? 3.579   0.552   -6.517  1.00 32.75 ? 374  LEU A CD1 1 
ATOM   397  C  CD2 . LEU A 1 84  ? 2.824   -0.147  -4.222  1.00 30.32 ? 374  LEU A CD2 1 
ATOM   398  N  N   . THR A 1 85  ? 3.466   4.749   -5.992  1.00 17.04 ? 375  THR A N   1 
ATOM   399  C  CA  . THR A 1 85  ? 2.759   6.021   -5.924  1.00 17.19 ? 375  THR A CA  1 
ATOM   400  C  C   . THR A 1 85  ? 1.281   5.854   -6.221  1.00 18.12 ? 375  THR A C   1 
ATOM   401  O  O   . THR A 1 85  ? 0.875   5.226   -7.210  1.00 19.41 ? 375  THR A O   1 
ATOM   402  C  CB  . THR A 1 85  ? 3.386   7.019   -6.908  1.00 18.83 ? 375  THR A CB  1 
ATOM   403  O  OG1 . THR A 1 85  ? 4.746   7.259   -6.504  1.00 19.08 ? 375  THR A OG1 1 
ATOM   404  C  CG2 . THR A 1 85  ? 2.626   8.346   -6.983  1.00 19.42 ? 375  THR A CG2 1 
ATOM   405  N  N   . PHE A 1 86  ? 0.481   6.413   -5.327  1.00 16.35 ? 376  PHE A N   1 
ATOM   406  C  CA  . PHE A 1 86  ? -0.969  6.513   -5.486  1.00 16.21 ? 376  PHE A CA  1 
ATOM   407  C  C   . PHE A 1 86  ? -1.346  7.975   -5.649  1.00 16.71 ? 376  PHE A C   1 
ATOM   408  O  O   . PHE A 1 86  ? -0.737  8.861   -5.031  1.00 18.26 ? 376  PHE A O   1 
ATOM   409  C  CB  . PHE A 1 86  ? -1.699  5.942   -4.269  1.00 16.01 ? 376  PHE A CB  1 
ATOM   410  C  CG  . PHE A 1 86  ? -1.475  4.476   -4.080  1.00 16.58 ? 376  PHE A CG  1 
ATOM   411  C  CD1 . PHE A 1 86  ? -0.306  3.988   -3.519  1.00 18.39 ? 376  PHE A CD1 1 
ATOM   412  C  CD2 . PHE A 1 86  ? -2.387  3.558   -4.563  1.00 16.25 ? 376  PHE A CD2 1 
ATOM   413  C  CE1 . PHE A 1 86  ? -0.075  2.627   -3.405  1.00 19.43 ? 376  PHE A CE1 1 
ATOM   414  C  CE2 . PHE A 1 86  ? -2.186  2.195   -4.425  1.00 18.98 ? 376  PHE A CE2 1 
ATOM   415  C  CZ  . PHE A 1 86  ? -1.036  1.716   -3.854  1.00 18.97 ? 376  PHE A CZ  1 
ATOM   416  N  N   . LYS A 1 87  ? -2.364  8.239   -6.435  1.00 17.17 ? 377  LYS A N   1 
ATOM   417  C  CA  . LYS A 1 87  ? -2.913  9.566   -6.598  1.00 16.94 ? 377  LYS A CA  1 
ATOM   418  C  C   . LYS A 1 87  ? -4.038  9.794   -5.607  1.00 16.35 ? 377  LYS A C   1 
ATOM   419  O  O   . LYS A 1 87  ? -4.703  8.838   -5.199  1.00 16.23 ? 377  LYS A O   1 
ATOM   420  C  CB  . LYS A 1 87  ? -3.496  9.718   -8.017  1.00 19.66 ? 377  LYS A CB  1 
ATOM   421  C  CG  . LYS A 1 87  ? -2.468  9.553   -9.111  1.00 22.63 ? 377  LYS A CG  1 
ATOM   422  C  CD  . LYS A 1 87  ? -3.092  9.817   -10.491 1.00 26.42 ? 377  LYS A CD  1 
ATOM   423  C  CE  . LYS A 1 87  ? -3.446  11.305  -10.736 1.00 31.98 ? 377  LYS A CE  1 
ATOM   424  N  NZ  . LYS A 1 87  ? -2.380  12.388  -10.746 1.00 33.54 ? 377  LYS A NZ  1 
ATOM   425  N  N   . GLY A 1 88  ? -4.355  11.052  -5.301  1.00 17.50 ? 378  GLY A N   1 
ATOM   426  C  CA  . GLY A 1 88  ? -5.576  11.324  -4.545  1.00 18.00 ? 378  GLY A CA  1 
ATOM   427  C  C   . GLY A 1 88  ? -6.826  10.651  -5.107  1.00 17.23 ? 378  GLY A C   1 
ATOM   428  O  O   . GLY A 1 88  ? -7.695  10.176  -4.367  1.00 18.62 ? 378  GLY A O   1 
ATOM   429  N  N   . ALA A 1 89  ? -6.894  10.585  -6.435  1.00 18.48 ? 379  ALA A N   1 
ATOM   430  C  CA  . ALA A 1 89  ? -7.994  9.962   -7.145  1.00 18.91 ? 379  ALA A CA  1 
ATOM   431  C  C   . ALA A 1 89  ? -8.139  8.481   -6.880  1.00 18.48 ? 379  ALA A C   1 
ATOM   432  O  O   . ALA A 1 89  ? -9.199  7.924   -7.198  1.00 21.54 ? 379  ALA A O   1 
ATOM   433  C  CB  . ALA A 1 89  ? -7.850  10.190  -8.637  1.00 20.89 ? 379  ALA A CB  1 
ATOM   434  N  N   . ASP A 1 90  ? -7.108  7.827   -6.326  1.00 16.78 ? 380  ASP A N   1 
ATOM   435  C  CA  . ASP A 1 90  ? -7.176  6.414   -6.029  1.00 17.39 ? 380  ASP A CA  1 
ATOM   436  C  C   . ASP A 1 90  ? -7.912  6.106   -4.721  1.00 16.05 ? 380  ASP A C   1 
ATOM   437  O  O   . ASP A 1 90  ? -8.233  4.959   -4.449  1.00 16.75 ? 380  ASP A O   1 
ATOM   438  C  CB  . ASP A 1 90  ? -5.776  5.815   -5.950  1.00 16.80 ? 380  ASP A CB  1 
ATOM   439  C  CG  . ASP A 1 90  ? -5.053  5.823   -7.264  1.00 18.39 ? 380  ASP A CG  1 
ATOM   440  O  OD1 . ASP A 1 90  ? -5.745  5.650   -8.299  1.00 19.17 ? 380  ASP A OD1 1 
ATOM   441  O  OD2 . ASP A 1 90  ? -3.806  5.957   -7.292  1.00 18.79 ? 380  ASP A OD2 1 
ATOM   442  N  N   . PHE A 1 91  ? -8.145  7.133   -3.888  1.00 16.08 ? 381  PHE A N   1 
ATOM   443  C  CA  . PHE A 1 91  ? -8.748  6.925   -2.587  1.00 16.92 ? 381  PHE A CA  1 
ATOM   444  C  C   . PHE A 1 91  ? -10.263 7.044   -2.676  1.00 18.78 ? 381  PHE A C   1 
ATOM   445  O  O   . PHE A 1 91  ? -10.793 7.717   -3.581  1.00 19.36 ? 381  PHE A O   1 
ATOM   446  C  CB  . PHE A 1 91  ? -8.188  7.935   -1.593  1.00 16.58 ? 381  PHE A CB  1 
ATOM   447  C  CG  . PHE A 1 91  ? -6.731  7.709   -1.257  1.00 16.18 ? 381  PHE A CG  1 
ATOM   448  C  CD1 . PHE A 1 91  ? -5.741  8.278   -2.049  1.00 16.78 ? 381  PHE A CD1 1 
ATOM   449  C  CD2 . PHE A 1 91  ? -6.381  6.895   -0.207  1.00 17.02 ? 381  PHE A CD2 1 
ATOM   450  C  CE1 . PHE A 1 91  ? -4.410  8.062   -1.765  1.00 17.58 ? 381  PHE A CE1 1 
ATOM   451  C  CE2 . PHE A 1 91  ? -5.040  6.663   0.092   1.00 16.26 ? 381  PHE A CE2 1 
ATOM   452  C  CZ  . PHE A 1 91  ? -4.059  7.240   -0.702  1.00 16.81 ? 381  PHE A CZ  1 
ATOM   453  N  N   . LYS A 1 92  ? -10.964 6.424   -1.740  1.00 17.71 ? 382  LYS A N   1 
ATOM   454  C  CA  . LYS A 1 92  ? -12.430 6.597   -1.673  1.00 20.03 ? 382  LYS A CA  1 
ATOM   455  C  C   . LYS A 1 92  ? -12.747 8.066   -1.457  1.00 20.75 ? 382  LYS A C   1 
ATOM   456  O  O   . LYS A 1 92  ? -13.643 8.642   -2.129  1.00 22.55 ? 382  LYS A O   1 
ATOM   457  C  CB  . LYS A 1 92  ? -13.028 5.724   -0.585  1.00 22.51 ? 382  LYS A CB  1 
ATOM   458  C  CG  . LYS A 1 92  ? -14.546 5.846   -0.509  1.00 27.47 ? 382  LYS A CG  1 
ATOM   459  C  CD  . LYS A 1 92  ? -15.099 4.783   0.419   1.00 32.19 ? 382  LYS A CD  1 
ATOM   460  C  CE  . LYS A 1 92  ? -16.600 4.962   0.641   1.00 37.76 ? 382  LYS A CE  1 
ATOM   461  N  NZ  . LYS A 1 92  ? -17.331 4.315   -0.480  1.00 40.56 ? 382  LYS A NZ  1 
ATOM   462  N  N   . SER A 1 93  ? -12.041 8.691   -0.543  1.00 20.08 ? 383  SER A N   1 
ATOM   463  C  CA  . SER A 1 93  ? -12.070 10.087  -0.298  1.00 22.80 ? 383  SER A CA  1 
ATOM   464  C  C   . SER A 1 93  ? -10.626 10.598  -0.298  1.00 23.18 ? 383  SER A C   1 
ATOM   465  O  O   . SER A 1 93  ? -9.780  10.006  0.349   1.00 23.50 ? 383  SER A O   1 
ATOM   466  C  CB  . SER A 1 93  ? -12.733 10.308  1.091   1.00 25.49 ? 383  SER A CB  1 
ATOM   467  O  OG  . SER A 1 93  ? -12.393 11.576  1.608   1.00 29.18 ? 383  SER A OG  1 
ATOM   468  N  N   . SER A 1 94  ? -10.368 11.701  -0.982  1.00 24.65 ? 384  SER A N   1 
ATOM   469  C  CA  . SER A 1 94  ? -9.014  12.244  -1.044  1.00 24.47 ? 384  SER A CA  1 
ATOM   470  C  C   . SER A 1 94  ? -8.584  13.088  0.155   1.00 23.36 ? 384  SER A C   1 
ATOM   471  O  O   . SER A 1 94  ? -7.434  13.504  0.248   1.00 23.33 ? 384  SER A O   1 
ATOM   472  C  CB  . SER A 1 94  ? -8.819  13.061  -2.313  1.00 26.91 ? 384  SER A CB  1 
ATOM   473  O  OG  . SER A 1 94  ? -9.710  14.133  -2.385  1.00 29.03 ? 384  SER A OG  1 
ATOM   474  N  N   . THR A 1 95  ? -9.474  13.346  1.118   1.00 20.44 ? 385  THR A N   1 
ATOM   475  C  CA  A THR A 1 95  ? -9.060  14.070  2.302   0.50 19.98 ? 385  THR A CA  1 
ATOM   476  C  CA  B THR A 1 95  ? -9.036  14.089  2.285   0.50 19.91 ? 385  THR A CA  1 
ATOM   477  C  C   . THR A 1 95  ? -8.046  13.263  3.091   1.00 20.03 ? 385  THR A C   1 
ATOM   478  O  O   . THR A 1 95  ? -8.188  12.037  3.202   1.00 19.64 ? 385  THR A O   1 
ATOM   479  C  CB  A THR A 1 95  ? -10.254 14.373  3.224   0.50 20.97 ? 385  THR A CB  1 
ATOM   480  C  CB  B THR A 1 95  ? -10.222 14.506  3.168   0.50 20.94 ? 385  THR A CB  1 
ATOM   481  O  OG1 A THR A 1 95  ? -11.323 14.913  2.437   0.50 22.43 ? 385  THR A OG1 1 
ATOM   482  O  OG1 B THR A 1 95  ? -11.124 13.403  3.269   0.50 22.43 ? 385  THR A OG1 1 
ATOM   483  C  CG2 A THR A 1 95  ? -9.821  15.351  4.304   0.50 21.11 ? 385  THR A CG2 1 
ATOM   484  C  CG2 B THR A 1 95  ? -10.916 15.684  2.531   0.50 20.91 ? 385  THR A CG2 1 
ATOM   485  N  N   . LEU A 1 96  ? -7.070  13.952  3.652   1.00 18.00 ? 386  LEU A N   1 
ATOM   486  C  CA  . LEU A 1 96  ? -5.987  13.317  4.397   1.00 18.28 ? 386  LEU A CA  1 
ATOM   487  C  C   . LEU A 1 96  ? -6.427  12.947  5.825   1.00 18.88 ? 386  LEU A C   1 
ATOM   488  O  O   . LEU A 1 96  ? -5.895  13.463  6.815   1.00 19.50 ? 386  LEU A O   1 
ATOM   489  C  CB  . LEU A 1 96  ? -4.741  14.194  4.361   1.00 19.29 ? 386  LEU A CB  1 
ATOM   490  C  CG  . LEU A 1 96  ? -3.431  13.628  4.930   1.00 18.59 ? 386  LEU A CG  1 
ATOM   491  C  CD1 . LEU A 1 96  ? -3.179  12.235  4.428   1.00 19.82 ? 386  LEU A CD1 1 
ATOM   492  C  CD2 . LEU A 1 96  ? -2.259  14.568  4.601   1.00 20.16 ? 386  LEU A CD2 1 
ATOM   493  N  N   . LYS A 1 97  ? -7.357  12.015  5.871   1.00 19.57 ? 387  LYS A N   1 
ATOM   494  C  CA  . LYS A 1 97  ? -7.928  11.514  7.103   1.00 19.72 ? 387  LYS A CA  1 
ATOM   495  C  C   . LYS A 1 97  ? -6.941  10.585  7.806   1.00 19.47 ? 387  LYS A C   1 
ATOM   496  O  O   . LYS A 1 97  ? -5.934  10.161  7.220   1.00 19.01 ? 387  LYS A O   1 
ATOM   497  C  CB  . LYS A 1 97  ? -9.203  10.709  6.784   1.00 22.70 ? 387  LYS A CB  1 
ATOM   498  C  CG  . LYS A 1 97  ? -10.288 11.470  6.029   1.00 25.24 ? 387  LYS A CG  1 
ATOM   499  C  CD  . LYS A 1 97  ? -11.409 10.548  5.542   1.00 28.78 ? 387  LYS A CD  1 
ATOM   500  C  CE  . LYS A 1 97  ? -11.018 9.639   4.370   1.00 31.21 ? 387  LYS A CE  1 
ATOM   501  N  NZ  . LYS A 1 97  ? -10.376 10.308  3.193   1.00 31.96 ? 387  LYS A NZ  1 
ATOM   502  N  N   . ASP A 1 98  ? -7.268  10.190  9.025   1.00 18.47 ? 388  ASP A N   1 
ATOM   503  C  CA  . ASP A 1 98  ? -6.418  9.200   9.726   1.00 18.77 ? 388  ASP A CA  1 
ATOM   504  C  C   . ASP A 1 98  ? -6.740  7.727   9.380   1.00 18.38 ? 388  ASP A C   1 
ATOM   505  O  O   . ASP A 1 98  ? -6.076  6.787   9.858   1.00 17.48 ? 388  ASP A O   1 
ATOM   506  C  CB  . ASP A 1 98  ? -6.404  9.465   11.233  1.00 19.69 ? 388  ASP A CB  1 
ATOM   507  C  CG  . ASP A 1 98  ? -7.726  9.237   11.890  1.00 21.35 ? 388  ASP A CG  1 
ATOM   508  O  OD1 . ASP A 1 98  ? -8.609  8.561   11.370  1.00 23.07 ? 388  ASP A OD1 1 
ATOM   509  O  OD2 . ASP A 1 98  ? -7.873  9.777   13.020  1.00 24.29 ? 388  ASP A OD2 1 
ATOM   510  N  N   . GLU A 1 99  ? -7.720  7.518   8.500   1.00 17.22 ? 389  GLU A N   1 
ATOM   511  C  CA  . GLU A 1 99  ? -8.059  6.227   7.939   1.00 19.06 ? 389  GLU A CA  1 
ATOM   512  C  C   . GLU A 1 99  ? -8.303  6.487   6.468   1.00 18.10 ? 389  GLU A C   1 
ATOM   513  O  O   . GLU A 1 99  ? -9.144  7.341   6.129   1.00 19.09 ? 389  GLU A O   1 
ATOM   514  C  CB  . GLU A 1 99  ? -9.375  5.647   8.493   1.00 24.21 ? 389  GLU A CB  1 
ATOM   515  C  CG  . GLU A 1 99  ? -9.512  5.321   9.946   1.00 31.01 ? 389  GLU A CG  1 
ATOM   516  C  CD  . GLU A 1 99  ? -10.988 5.082   10.362  1.00 33.07 ? 389  GLU A CD  1 
ATOM   517  O  OE1 . GLU A 1 99  ? -11.944 5.321   9.575   1.00 39.06 ? 389  GLU A OE1 1 
ATOM   518  O  OE2 . GLU A 1 99  ? -11.180 4.637   11.499  1.00 44.71 ? 389  GLU A OE2 1 
ATOM   519  N  N   . LEU A 1 100 ? -7.632  5.746   5.599   1.00 16.10 ? 390  LEU A N   1 
ATOM   520  C  CA  . LEU A 1 100 ? -7.776  5.931   4.159   1.00 15.98 ? 390  LEU A CA  1 
ATOM   521  C  C   . LEU A 1 100 ? -8.080  4.601   3.510   1.00 15.72 ? 390  LEU A C   1 
ATOM   522  O  O   . LEU A 1 100 ? -7.540  3.557   3.890   1.00 16.20 ? 390  LEU A O   1 
ATOM   523  C  CB  . LEU A 1 100 ? -6.459  6.482   3.604   1.00 15.88 ? 390  LEU A CB  1 
ATOM   524  C  CG  . LEU A 1 100 ? -5.975  7.805   4.164   1.00 17.62 ? 390  LEU A CG  1 
ATOM   525  C  CD1 . LEU A 1 100 ? -4.573  8.072   3.666   1.00 19.06 ? 390  LEU A CD1 1 
ATOM   526  C  CD2 . LEU A 1 100 ? -6.908  8.904   3.702   1.00 19.06 ? 390  LEU A CD2 1 
ATOM   527  N  N   . LEU A 1 101 ? -8.925  4.628   2.473   1.00 16.20 ? 391  LEU A N   1 
ATOM   528  C  CA  A LEU A 1 101 ? -9.378  3.439   1.765   0.50 16.20 ? 391  LEU A CA  1 
ATOM   529  C  CA  B LEU A 1 101 ? -9.355  3.421   1.768   0.50 16.15 ? 391  LEU A CA  1 
ATOM   530  C  C   . LEU A 1 101 ? -9.047  3.540   0.288   1.00 16.71 ? 391  LEU A C   1 
ATOM   531  O  O   . LEU A 1 101 ? -9.400  4.523   -0.343  1.00 17.43 ? 391  LEU A O   1 
ATOM   532  C  CB  A LEU A 1 101 ? -10.902 3.276   1.899   0.50 17.78 ? 391  LEU A CB  1 
ATOM   533  C  CB  B LEU A 1 101 ? -10.863 3.150   1.949   0.50 17.79 ? 391  LEU A CB  1 
ATOM   534  C  CG  A LEU A 1 101 ? -11.452 3.113   3.311   0.50 19.82 ? 391  LEU A CG  1 
ATOM   535  C  CG  B LEU A 1 101 ? -11.352 2.563   3.276   0.50 18.97 ? 391  LEU A CG  1 
ATOM   536  C  CD1 A LEU A 1 101 ? -12.933 2.763   3.256   0.50 19.46 ? 391  LEU A CD1 1 
ATOM   537  C  CD1 B LEU A 1 101 ? -10.953 1.131   3.562   0.50 20.35 ? 391  LEU A CD1 1 
ATOM   538  C  CD2 A LEU A 1 101 ? -10.748 2.048   4.103   0.50 20.31 ? 391  LEU A CD2 1 
ATOM   539  C  CD2 B LEU A 1 101 ? -11.027 3.491   4.452   0.50 20.01 ? 391  LEU A CD2 1 
ATOM   540  N  N   . ILE A 1 102 ? -8.387  2.529   -0.251  1.00 15.60 ? 392  ILE A N   1 
ATOM   541  C  CA  . ILE A 1 102 ? -8.052  2.477   -1.675  1.00 15.55 ? 392  ILE A CA  1 
ATOM   542  C  C   . ILE A 1 102 ? -8.778  1.268   -2.252  1.00 16.10 ? 392  ILE A C   1 
ATOM   543  O  O   . ILE A 1 102 ? -8.357  0.138   -2.057  1.00 15.69 ? 392  ILE A O   1 
ATOM   544  C  CB  . ILE A 1 102 ? -6.514  2.335   -1.856  1.00 15.89 ? 392  ILE A CB  1 
ATOM   545  C  CG1 . ILE A 1 102 ? -5.772  3.514   -1.202  1.00 16.68 ? 392  ILE A CG1 1 
ATOM   546  C  CG2 . ILE A 1 102 ? -6.178  2.224   -3.339  1.00 16.30 ? 392  ILE A CG2 1 
ATOM   547  C  CD1 . ILE A 1 102 ? -4.270  3.297   -1.026  1.00 17.27 ? 392  ILE A CD1 1 
ATOM   548  N  N   . PRO A 1 103 ? -9.873  1.503   -3.009  1.00 15.89 ? 393  PRO A N   1 
ATOM   549  C  CA  . PRO A 1 103 ? -10.578 0.368   -3.590  1.00 16.27 ? 393  PRO A CA  1 
ATOM   550  C  C   . PRO A 1 103 ? -9.828  -0.169  -4.806  1.00 16.72 ? 393  PRO A C   1 
ATOM   551  O  O   . PRO A 1 103 ? -9.303  0.639   -5.598  1.00 18.51 ? 393  PRO A O   1 
ATOM   552  C  CB  . PRO A 1 103 ? -11.934 0.994   -4.015  1.00 16.46 ? 393  PRO A CB  1 
ATOM   553  C  CG  . PRO A 1 103 ? -11.618 2.391   -4.222  1.00 18.46 ? 393  PRO A CG  1 
ATOM   554  C  CD  . PRO A 1 103 ? -10.579 2.767   -3.186  1.00 16.52 ? 393  PRO A CD  1 
ATOM   555  N  N   . LEU A 1 104 ? -9.759  -1.471  -4.932  1.00 16.55 ? 394  LEU A N   1 
ATOM   556  C  CA  . LEU A 1 104 ? -8.975  -2.124  -5.976  1.00 16.47 ? 394  LEU A CA  1 
ATOM   557  C  C   . LEU A 1 104 ? -9.876  -2.992  -6.847  1.00 18.49 ? 394  LEU A C   1 
ATOM   558  O  O   . LEU A 1 104 ? -11.009 -3.320  -6.462  1.00 20.34 ? 394  LEU A O   1 
ATOM   559  C  CB  . LEU A 1 104 ? -7.868  -2.952  -5.330  1.00 18.32 ? 394  LEU A CB  1 
ATOM   560  C  CG  . LEU A 1 104 ? -6.867  -2.142  -4.473  1.00 19.04 ? 394  LEU A CG  1 
ATOM   561  C  CD1 . LEU A 1 104 ? -6.022  -3.097  -3.669  1.00 19.35 ? 394  LEU A CD1 1 
ATOM   562  C  CD2 . LEU A 1 104 ? -6.024  -1.215  -5.306  1.00 18.41 ? 394  LEU A CD2 1 
ATOM   563  N  N   . GLU A 1 105 ? -9.371  -3.378  -8.002  1.00 17.76 ? 395  GLU A N   1 
ATOM   564  C  CA  . GLU A 1 105 ? -9.994  -4.394  -8.847  1.00 18.87 ? 395  GLU A CA  1 
ATOM   565  C  C   . GLU A 1 105 ? -8.949  -5.396  -9.255  1.00 19.10 ? 395  GLU A C   1 
ATOM   566  O  O   . GLU A 1 105 ? -7.815  -5.020  -9.549  1.00 18.31 ? 395  GLU A O   1 
ATOM   567  C  CB  . GLU A 1 105 ? -10.561 -3.730  -10.104 1.00 21.44 ? 395  GLU A CB  1 
ATOM   568  C  CG  . GLU A 1 105 ? -11.745 -2.832  -9.826  1.00 24.85 ? 395  GLU A CG  1 
ATOM   569  C  CD  . GLU A 1 105 ? -12.479 -2.321  -11.065 1.00 34.60 ? 395  GLU A CD  1 
ATOM   570  O  OE1 . GLU A 1 105 ? -12.288 -2.860  -12.174 1.00 37.82 ? 395  GLU A OE1 1 
ATOM   571  O  OE2 . GLU A 1 105 ? -13.288 -1.374  -10.891 1.00 44.06 ? 395  GLU A OE2 1 
ATOM   572  N  N   . GLY A 1 106 ? -9.302  -6.679  -9.303  1.00 19.30 ? 396  GLY A N   1 
ATOM   573  C  CA  . GLY A 1 106 ? -8.412  -7.702  -9.790  1.00 18.95 ? 396  GLY A CA  1 
ATOM   574  C  C   . GLY A 1 106 ? -9.020  -9.074  -9.697  1.00 19.59 ? 396  GLY A C   1 
ATOM   575  O  O   . GLY A 1 106 ? -10.182 -9.175  -9.270  1.00 21.04 ? 396  GLY A O   1 
ATOM   576  N  N   . ALA A 1 107 ? -8.259  -10.091 -10.071 1.00 19.49 ? 397  ALA A N   1 
ATOM   577  C  CA  . ALA A 1 107 ? -8.823  -11.440 -10.205 1.00 21.90 ? 397  ALA A CA  1 
ATOM   578  C  C   . ALA A 1 107 ? -9.024  -12.128 -8.889  1.00 25.07 ? 397  ALA A C   1 
ATOM   579  O  O   . ALA A 1 107 ? -9.909  -12.993 -8.789  1.00 26.64 ? 397  ALA A O   1 
ATOM   580  C  CB  . ALA A 1 107 ? -7.928  -12.261 -11.056 1.00 22.12 ? 397  ALA A CB  1 
ATOM   581  N  N   . VAL A 1 108 ? -8.212  -11.791 -7.890  1.00 24.59 ? 398  VAL A N   1 
ATOM   582  C  CA  . VAL A 1 108 ? -8.226  -12.560 -6.641  1.00 26.98 ? 398  VAL A CA  1 
ATOM   583  C  C   . VAL A 1 108 ? -8.192  -11.630 -5.443  1.00 25.91 ? 398  VAL A C   1 
ATOM   584  O  O   . VAL A 1 108 ? -7.736  -10.511 -5.538  1.00 24.45 ? 398  VAL A O   1 
ATOM   585  C  CB  . VAL A 1 108 ? -7.060  -13.559 -6.572  1.00 30.01 ? 398  VAL A CB  1 
ATOM   586  C  CG1 . VAL A 1 108 ? -7.128  -14.555 -7.744  1.00 32.44 ? 398  VAL A CG1 1 
ATOM   587  C  CG2 . VAL A 1 108 ? -5.708  -12.864 -6.508  1.00 31.85 ? 398  VAL A CG2 1 
ATOM   588  N  N   . GLN A 1 109 ? -8.726  -12.116 -4.323  1.00 24.58 ? 399  GLN A N   1 
ATOM   589  C  CA  . GLN A 1 109 ? -8.672  -11.401 -3.078  1.00 25.07 ? 399  GLN A CA  1 
ATOM   590  C  C   . GLN A 1 109 ? -7.273  -11.414 -2.531  1.00 23.17 ? 399  GLN A C   1 
ATOM   591  O  O   . GLN A 1 109 ? -6.496  -12.318 -2.804  1.00 24.92 ? 399  GLN A O   1 
ATOM   592  C  CB  . GLN A 1 109 ? -9.530  -12.106 -2.027  1.00 26.85 ? 399  GLN A CB  1 
ATOM   593  C  CG  . GLN A 1 109 ? -11.006 -12.044 -2.265  1.00 30.63 ? 399  GLN A CG  1 
ATOM   594  C  CD  . GLN A 1 109 ? -11.817 -12.684 -1.130  1.00 32.17 ? 399  GLN A CD  1 
ATOM   595  O  OE1 . GLN A 1 109 ? -11.347 -12.866 0.009   1.00 31.38 ? 399  GLN A OE1 1 
ATOM   596  N  NE2 . GLN A 1 109 ? -13.063 -12.999 -1.436  1.00 35.70 ? 399  GLN A NE2 1 
ATOM   597  N  N   . LEU A 1 110 ? -6.972  -10.396 -1.725  1.00 23.00 ? 400  LEU A N   1 
ATOM   598  C  CA  . LEU A 1 110 ? -5.753  -10.395 -0.923  1.00 22.49 ? 400  LEU A CA  1 
ATOM   599  C  C   . LEU A 1 110 ? -6.141  -9.917  0.466   1.00 20.60 ? 400  LEU A C   1 
ATOM   600  O  O   . LEU A 1 110 ? -6.649  -8.831  0.630   1.00 21.63 ? 400  LEU A O   1 
ATOM   601  C  CB  . LEU A 1 110 ? -4.674  -9.500  -1.550  1.00 22.25 ? 400  LEU A CB  1 
ATOM   602  C  CG  . LEU A 1 110 ? -3.349  -9.401  -0.800  1.00 22.18 ? 400  LEU A CG  1 
ATOM   603  C  CD1 . LEU A 1 110 ? -2.719  -10.761 -0.544  1.00 24.08 ? 400  LEU A CD1 1 
ATOM   604  C  CD2 . LEU A 1 110 ? -2.378  -8.501  -1.547  1.00 21.59 ? 400  LEU A CD2 1 
ATOM   605  N  N   . ASN A 1 111 ? -5.952  -10.776 1.472   1.00 20.21 ? 401  ASN A N   1 
ATOM   606  C  CA  . ASN A 1 111 ? -6.347  -10.472 2.840   1.00 20.23 ? 401  ASN A CA  1 
ATOM   607  C  C   . ASN A 1 111 ? -5.118  -10.647 3.702   1.00 19.57 ? 401  ASN A C   1 
ATOM   608  O  O   . ASN A 1 111 ? -4.541  -11.727 3.688   1.00 21.17 ? 401  ASN A O   1 
ATOM   609  C  CB  . ASN A 1 111 ? -7.400  -11.471 3.298   1.00 22.34 ? 401  ASN A CB  1 
ATOM   610  C  CG  . ASN A 1 111 ? -8.661  -11.343 2.499   1.00 23.23 ? 401  ASN A CG  1 
ATOM   611  O  OD1 . ASN A 1 111 ? -9.315  -10.324 2.573   1.00 26.90 ? 401  ASN A OD1 1 
ATOM   612  N  ND2 . ASN A 1 111 ? -8.941  -12.326 1.674   1.00 28.95 ? 401  ASN A ND2 1 
ATOM   613  N  N   . THR A 1 112 ? -4.694  -9.572  4.376   1.00 17.32 ? 402  THR A N   1 
ATOM   614  C  CA  . THR A 1 112 ? -3.447  -9.622  5.182   1.00 17.96 ? 402  THR A CA  1 
ATOM   615  C  C   . THR A 1 112 ? -3.651  -9.026  6.548   1.00 17.66 ? 402  THR A C   1 
ATOM   616  O  O   . THR A 1 112 ? -4.611  -8.311  6.837   1.00 18.32 ? 402  THR A O   1 
ATOM   617  C  CB  . THR A 1 112 ? -2.310  -8.827  4.469   1.00 16.46 ? 402  THR A CB  1 
ATOM   618  O  OG1 . THR A 1 112 ? -2.526  -7.417  4.587   1.00 16.23 ? 402  THR A OG1 1 
ATOM   619  C  CG2 . THR A 1 112 ? -2.167  -9.251  3.015   1.00 17.16 ? 402  THR A CG2 1 
ATOM   620  N  N   . ALA A 1 113 ? -2.673  -9.302  7.428   1.00 17.57 ? 403  ALA A N   1 
ATOM   621  C  CA  . ALA A 1 113 ? -2.493  -8.549  8.652   1.00 16.60 ? 403  ALA A CA  1 
ATOM   622  C  C   . ALA A 1 113 ? -1.880  -7.182  8.308   1.00 15.95 ? 403  ALA A C   1 
ATOM   623  O  O   . ALA A 1 113 ? -1.425  -6.967  7.162   1.00 15.54 ? 403  ALA A O   1 
ATOM   624  C  CB  . ALA A 1 113 ? -1.553  -9.349  9.555   1.00 18.03 ? 403  ALA A CB  1 
ATOM   625  N  N   . PRO A 1 114 ? -1.861  -6.233  9.234   1.00 15.44 ? 404  PRO A N   1 
ATOM   626  C  CA  . PRO A 1 114 ? -1.271  -4.929  8.948   1.00 15.54 ? 404  PRO A CA  1 
ATOM   627  C  C   . PRO A 1 114 ? 0.236   -4.972  8.954   1.00 14.89 ? 404  PRO A C   1 
ATOM   628  O  O   . PRO A 1 114 ? 0.821   -5.718  9.751   1.00 14.87 ? 404  PRO A O   1 
ATOM   629  C  CB  . PRO A 1 114 ? -1.753  -4.033  10.088  1.00 16.86 ? 404  PRO A CB  1 
ATOM   630  C  CG  . PRO A 1 114 ? -1.790  -4.961  11.197  1.00 18.00 ? 404  PRO A CG  1 
ATOM   631  C  CD  . PRO A 1 114 ? -2.389  -6.238  10.619  1.00 17.25 ? 404  PRO A CD  1 
ATOM   632  N  N   . SER A 1 115 ? 0.844   -4.157  8.115   1.00 14.36 ? 405  SER A N   1 
ATOM   633  C  CA  . SER A 1 115 ? 2.312   -3.967  8.091   1.00 14.13 ? 405  SER A CA  1 
ATOM   634  C  C   . SER A 1 115 ? 2.650   -2.496  8.112   1.00 14.90 ? 405  SER A C   1 
ATOM   635  O  O   . SER A 1 115 ? 1.893   -1.644  7.673   1.00 15.92 ? 405  SER A O   1 
ATOM   636  C  CB  . SER A 1 115 ? 2.981   -4.585  6.857   1.00 15.07 ? 405  SER A CB  1 
ATOM   637  O  OG  . SER A 1 115 ? 3.023   -5.970  7.020   1.00 17.50 ? 405  SER A OG  1 
ATOM   638  N  N   . THR A 1 116 ? 3.795   -2.183  8.692   1.00 14.03 ? 406  THR A N   1 
ATOM   639  C  CA  . THR A 1 116 ? 4.265   -0.838  8.821   1.00 14.20 ? 406  THR A CA  1 
ATOM   640  C  C   . THR A 1 116 ? 4.907   -0.359  7.522   1.00 14.21 ? 406  THR A C   1 
ATOM   641  O  O   . THR A 1 116 ? 5.710   -1.087  6.916   1.00 14.38 ? 406  THR A O   1 
ATOM   642  C  CB  . THR A 1 116 ? 5.320   -0.698  9.924   1.00 14.91 ? 406  THR A CB  1 
ATOM   643  O  OG1 . THR A 1 116 ? 4.809   -1.340  11.125  1.00 15.86 ? 406  THR A OG1 1 
ATOM   644  C  CG2 . THR A 1 116 ? 5.636   0.729   10.221  1.00 15.32 ? 406  THR A CG2 1 
ATOM   645  N  N   . ALA A 1 117 ? 4.590   0.879   7.144   1.00 14.59 ? 407  ALA A N   1 
ATOM   646  C  CA  . ALA A 1 117 ? 5.177   1.507   5.957   1.00 15.32 ? 407  ALA A CA  1 
ATOM   647  C  C   . ALA A 1 117 ? 5.674   2.870   6.269   1.00 14.73 ? 407  ALA A C   1 
ATOM   648  O  O   . ALA A 1 117 ? 5.140   3.535   7.135   1.00 16.48 ? 407  ALA A O   1 
ATOM   649  C  CB  . ALA A 1 117 ? 4.145   1.652   4.862   1.00 16.05 ? 407  ALA A CB  1 
ATOM   650  N  N   . LEU A 1 118 ? 6.706   3.306   5.538   1.00 15.09 ? 408  LEU A N   1 
ATOM   651  C  CA  A LEU A 1 118 ? 7.112   4.704   5.473   0.50 16.02 ? 408  LEU A CA  1 
ATOM   652  C  CA  B LEU A 1 118 ? 7.066   4.719   5.511   0.50 16.36 ? 408  LEU A CA  1 
ATOM   653  C  C   . LEU A 1 118 ? 6.456   5.310   4.235   1.00 15.36 ? 408  LEU A C   1 
ATOM   654  O  O   . LEU A 1 118 ? 6.729   4.845   3.121   1.00 16.26 ? 408  LEU A O   1 
ATOM   655  C  CB  A LEU A 1 118 ? 8.634   4.826   5.341   0.50 17.34 ? 408  LEU A CB  1 
ATOM   656  C  CB  B LEU A 1 118 ? 8.579   4.919   5.568   0.50 17.97 ? 408  LEU A CB  1 
ATOM   657  C  CG  A LEU A 1 118 ? 9.093   6.265   5.041   0.50 18.51 ? 408  LEU A CG  1 
ATOM   658  C  CG  B LEU A 1 118 ? 9.087   6.338   5.870   0.50 19.57 ? 408  LEU A CG  1 
ATOM   659  C  CD1 A LEU A 1 118 ? 8.692   7.192   6.165   0.50 19.28 ? 408  LEU A CD1 1 
ATOM   660  C  CD1 B LEU A 1 118 ? 8.940   7.254   4.674   0.50 19.58 ? 408  LEU A CD1 1 
ATOM   661  C  CD2 A LEU A 1 118 ? 10.578  6.298   4.793   0.50 20.17 ? 408  LEU A CD2 1 
ATOM   662  C  CD2 B LEU A 1 118 ? 8.428   6.939   7.101   0.50 22.17 ? 408  LEU A CD2 1 
ATOM   663  N  N   . CYS A 1 119 ? 5.595   6.283   4.437   1.00 14.95 ? 409  CYS A N   1 
ATOM   664  C  CA  . CYS A 1 119 ? 4.857   6.951   3.353   1.00 16.05 ? 409  CYS A CA  1 
ATOM   665  C  C   . CYS A 1 119 ? 5.147   8.415   3.352   1.00 15.98 ? 409  CYS A C   1 
ATOM   666  O  O   . CYS A 1 119 ? 5.426   9.053   4.387   1.00 17.37 ? 409  CYS A O   1 
ATOM   667  C  CB  . CYS A 1 119 ? 3.365   6.766   3.511   1.00 17.61 ? 409  CYS A CB  1 
ATOM   668  S  SG  . CYS A 1 119 ? 2.902   5.010   3.336   1.00 22.21 ? 409  CYS A SG  1 
ATOM   669  N  N   . ILE A 1 120 ? 5.024   9.010   2.157   1.00 15.95 ? 410  ILE A N   1 
ATOM   670  C  CA  . ILE A 1 120 ? 5.121   10.441  1.961   1.00 16.05 ? 410  ILE A CA  1 
ATOM   671  C  C   . ILE A 1 120 ? 3.807   10.894  1.359   1.00 16.06 ? 410  ILE A C   1 
ATOM   672  O  O   . ILE A 1 120 ? 3.394   10.374  0.329   1.00 17.69 ? 410  ILE A O   1 
ATOM   673  C  CB  . ILE A 1 120 ? 6.304   10.837  1.060   1.00 17.20 ? 410  ILE A CB  1 
ATOM   674  C  CG1 . ILE A 1 120 ? 7.646   10.415  1.697   1.00 19.32 ? 410  ILE A CG1 1 
ATOM   675  C  CG2 . ILE A 1 120 ? 6.300   12.329  0.794   1.00 18.34 ? 410  ILE A CG2 1 
ATOM   676  C  CD1 . ILE A 1 120 ? 8.785   10.402  0.719   1.00 20.89 ? 410  ILE A CD1 1 
ATOM   677  N  N   . PHE A 1 121 ? 3.136   11.822  2.023   1.00 15.08 ? 411  PHE A N   1 
ATOM   678  C  CA  . PHE A 1 121 ? 1.893   12.415  1.535   1.00 15.60 ? 411  PHE A CA  1 
ATOM   679  C  C   . PHE A 1 121 ? 2.180   13.807  1.039   1.00 16.15 ? 411  PHE A C   1 
ATOM   680  O  O   . PHE A 1 121 ? 2.720   14.622  1.773   1.00 17.50 ? 411  PHE A O   1 
ATOM   681  C  CB  . PHE A 1 121 ? 0.797   12.457  2.629   1.00 16.35 ? 411  PHE A CB  1 
ATOM   682  C  CG  . PHE A 1 121 ? 0.392   11.085  3.105   1.00 16.05 ? 411  PHE A CG  1 
ATOM   683  C  CD1 . PHE A 1 121 ? 1.052   10.474  4.172   1.00 17.62 ? 411  PHE A CD1 1 
ATOM   684  C  CD2 . PHE A 1 121 ? -0.652  10.395  2.502   1.00 17.54 ? 411  PHE A CD2 1 
ATOM   685  C  CE1 . PHE A 1 121 ? 0.697   9.205   4.586   1.00 18.13 ? 411  PHE A CE1 1 
ATOM   686  C  CE2 . PHE A 1 121 ? -1.005  9.124   2.942   1.00 18.20 ? 411  PHE A CE2 1 
ATOM   687  C  CZ  . PHE A 1 121 ? -0.310  8.529   3.967   1.00 17.96 ? 411  PHE A CZ  1 
ATOM   688  N  N   . ILE A 1 122 ? 1.837   14.046  -0.222  1.00 15.56 ? 412  ILE A N   1 
ATOM   689  C  CA  . ILE A 1 122 ? 1.979   15.364  -0.850  1.00 15.29 ? 412  ILE A CA  1 
ATOM   690  C  C   . ILE A 1 122 ? 0.610   16.002  -0.930  1.00 14.85 ? 412  ILE A C   1 
ATOM   691  O  O   . ILE A 1 122 ? -0.316  15.433  -1.518  1.00 15.54 ? 412  ILE A O   1 
ATOM   692  C  CB  . ILE A 1 122 ? 2.562   15.241  -2.272  1.00 16.96 ? 412  ILE A CB  1 
ATOM   693  C  CG1 . ILE A 1 122 ? 3.843   14.406  -2.286  1.00 19.22 ? 412  ILE A CG1 1 
ATOM   694  C  CG2 . ILE A 1 122 ? 2.734   16.616  -2.890  1.00 17.81 ? 412  ILE A CG2 1 
ATOM   695  C  CD1 . ILE A 1 122 ? 4.978   14.969  -1.529  1.00 21.09 ? 412  ILE A CD1 1 
ATOM   696  N  N   . THR A 1 123 ? 0.471   17.184  -0.317  1.00 15.76 ? 413  THR A N   1 
ATOM   697  C  CA  . THR A 1 123 ? -0.711  18.005  -0.470  1.00 16.64 ? 413  THR A CA  1 
ATOM   698  C  C   . THR A 1 123 ? -0.293  19.262  -1.257  1.00 17.10 ? 413  THR A C   1 
ATOM   699  O  O   . THR A 1 123 ? 0.893   19.455  -1.544  1.00 17.13 ? 413  THR A O   1 
ATOM   700  C  CB  . THR A 1 123 ? -1.337  18.387  0.873   1.00 17.40 ? 413  THR A CB  1 
ATOM   701  O  OG1 . THR A 1 123 ? -0.457  19.242  1.573   1.00 17.08 ? 413  THR A OG1 1 
ATOM   702  C  CG2 . THR A 1 123 ? -1.644  17.116  1.725   1.00 18.30 ? 413  THR A CG2 1 
ATOM   703  N  N   . THR A 1 124 ? -1.248  20.123  -1.588  1.00 17.60 ? 414  THR A N   1 
ATOM   704  C  CA  . THR A 1 124 ? -0.868  21.360  -2.277  1.00 18.35 ? 414  THR A CA  1 
ATOM   705  C  C   . THR A 1 124 ? 0.150   22.148  -1.478  1.00 18.59 ? 414  THR A C   1 
ATOM   706  O  O   . THR A 1 124 ? 1.136   22.678  -2.050  1.00 18.37 ? 414  THR A O   1 
ATOM   707  C  CB  . THR A 1 124 ? -2.123  22.224  -2.529  1.00 19.94 ? 414  THR A CB  1 
ATOM   708  O  OG1 . THR A 1 124 ? -3.024  21.509  -3.375  1.00 23.56 ? 414  THR A OG1 1 
ATOM   709  C  CG2 . THR A 1 124 ? -1.732  23.545  -3.173  1.00 20.88 ? 414  THR A CG2 1 
ATOM   710  N  N   . ASP A 1 125 ? -0.018  22.238  -0.151  1.00 18.10 ? 415  ASP A N   1 
ATOM   711  C  CA  . ASP A 1 125 ? 0.836   23.070  0.662   1.00 18.96 ? 415  ASP A CA  1 
ATOM   712  C  C   . ASP A 1 125 ? 1.919   22.380  1.410   1.00 18.78 ? 415  ASP A C   1 
ATOM   713  O  O   . ASP A 1 125 ? 2.837   23.042  1.905   1.00 21.80 ? 415  ASP A O   1 
ATOM   714  C  CB  . ASP A 1 125 ? -0.015  23.846  1.674   1.00 22.37 ? 415  ASP A CB  1 
ATOM   715  C  CG  . ASP A 1 125 ? -0.892  24.920  1.024   1.00 25.85 ? 415  ASP A CG  1 
ATOM   716  O  OD1 . ASP A 1 125 ? -0.732  25.288  -0.161  1.00 24.84 ? 415  ASP A OD1 1 
ATOM   717  O  OD2 . ASP A 1 125 ? -1.762  25.452  1.766   1.00 31.27 ? 415  ASP A OD2 1 
ATOM   718  N  N   . HIS A 1 126 ? 1.847   21.048  1.589   1.00 18.73 ? 416  HIS A N   1 
ATOM   719  C  CA  . HIS A 1 126 ? 2.748   20.369  2.523   1.00 19.71 ? 416  HIS A CA  1 
ATOM   720  C  C   . HIS A 1 126 ? 3.262   19.030  2.016   1.00 18.12 ? 416  HIS A C   1 
ATOM   721  O  O   . HIS A 1 126 ? 2.715   18.450  1.080   1.00 17.51 ? 416  HIS A O   1 
ATOM   722  C  CB  . HIS A 1 126 ? 2.053   20.135  3.906   1.00 21.45 ? 416  HIS A CB  1 
ATOM   723  C  CG  . HIS A 1 126 ? 1.704   21.398  4.606   1.00 25.25 ? 416  HIS A CG  1 
ATOM   724  N  ND1 . HIS A 1 126 ? 0.419   21.880  4.688   1.00 27.12 ? 416  HIS A ND1 1 
ATOM   725  C  CD2 . HIS A 1 126 ? 2.498   22.320  5.188   1.00 29.12 ? 416  HIS A CD2 1 
ATOM   726  C  CE1 . HIS A 1 126 ? 0.432   23.034  5.334   1.00 29.08 ? 416  HIS A CE1 1 
ATOM   727  N  NE2 . HIS A 1 126 ? 1.677   23.310  5.663   1.00 31.59 ? 416  HIS A NE2 1 
ATOM   728  N  N   . VAL A 1 127 ? 4.300   18.543  2.678   1.00 18.24 ? 417  VAL A N   1 
ATOM   729  C  CA  . VAL A 1 127 ? 4.845   17.221  2.492   1.00 19.19 ? 417  VAL A CA  1 
ATOM   730  C  C   . VAL A 1 127 ? 4.889   16.599  3.872   1.00 20.30 ? 417  VAL A C   1 
ATOM   731  O  O   . VAL A 1 127 ? 5.528   17.152  4.797   1.00 22.66 ? 417  VAL A O   1 
ATOM   732  C  CB  . VAL A 1 127 ? 6.248   17.236  1.901   1.00 20.15 ? 417  VAL A CB  1 
ATOM   733  C  CG1 . VAL A 1 127 ? 6.816   15.818  1.775   1.00 21.65 ? 417  VAL A CG1 1 
ATOM   734  C  CG2 . VAL A 1 127 ? 6.227   17.870  0.526   1.00 22.21 ? 417  VAL A CG2 1 
ATOM   735  N  N   . TYR A 1 128 ? 4.236   15.451  4.029   1.00 17.48 ? 418  TYR A N   1 
ATOM   736  C  CA  . TYR A 1 128 ? 4.181   14.743  5.311   1.00 18.10 ? 418  TYR A CA  1 
ATOM   737  C  C   . TYR A 1 128 ? 4.880   13.406  5.119   1.00 19.22 ? 418  TYR A C   1 
ATOM   738  O  O   . TYR A 1 128 ? 4.435   12.561  4.352   1.00 20.70 ? 418  TYR A O   1 
ATOM   739  C  CB  . TYR A 1 128 ? 2.743   14.513  5.741   1.00 18.67 ? 418  TYR A CB  1 
ATOM   740  C  CG  . TYR A 1 128 ? 1.980   15.774  5.990   1.00 18.94 ? 418  TYR A CG  1 
ATOM   741  C  CD1 . TYR A 1 128 ? 2.299   16.583  7.072   1.00 20.97 ? 418  TYR A CD1 1 
ATOM   742  C  CD2 . TYR A 1 128 ? 0.952   16.178  5.155   1.00 19.21 ? 418  TYR A CD2 1 
ATOM   743  C  CE1 . TYR A 1 128 ? 1.636   17.777  7.283   1.00 22.37 ? 418  TYR A CE1 1 
ATOM   744  C  CE2 . TYR A 1 128 ? 0.253   17.348  5.384   1.00 20.94 ? 418  TYR A CE2 1 
ATOM   745  C  CZ  . TYR A 1 128 ? 0.608   18.132  6.466   1.00 21.54 ? 418  TYR A CZ  1 
ATOM   746  O  OH  . TYR A 1 128 ? -0.064  19.308  6.732   1.00 23.40 ? 418  TYR A OH  1 
ATOM   747  N  N   . ARG A 1 129 ? 5.923   13.178  5.882   1.00 17.46 ? 419  ARG A N   1 
ATOM   748  C  CA  . ARG A 1 129 ? 6.679   11.953  5.868   1.00 17.34 ? 419  ARG A CA  1 
ATOM   749  C  C   . ARG A 1 129 ? 6.410   11.249  7.162   1.00 17.37 ? 419  ARG A C   1 
ATOM   750  O  O   . ARG A 1 129 ? 6.665   11.824  8.224   1.00 18.39 ? 419  ARG A O   1 
ATOM   751  C  CB  . ARG A 1 129 ? 8.158   12.283  5.714   1.00 18.85 ? 419  ARG A CB  1 
ATOM   752  C  CG  . ARG A 1 129 ? 9.110   11.144  5.663   1.00 18.39 ? 419  ARG A CG  1 
ATOM   753  C  CD  . ARG A 1 129 ? 10.553  11.705  5.638   1.00 19.06 ? 419  ARG A CD  1 
ATOM   754  N  NE  . ARG A 1 129 ? 11.516  10.653  5.585   1.00 20.52 ? 419  ARG A NE  1 
ATOM   755  C  CZ  . ARG A 1 129 ? 12.037  10.147  4.490   1.00 20.48 ? 419  ARG A CZ  1 
ATOM   756  N  NH1 . ARG A 1 129 ? 11.656  10.588  3.282   1.00 21.28 ? 419  ARG A NH1 1 
ATOM   757  N  NH2 . ARG A 1 129 ? 12.973  9.226   4.555   1.00 21.79 ? 419  ARG A NH2 1 
ATOM   758  N  N   . GLU A 1 130 ? 5.905   10.033  7.104   1.00 16.70 ? 420  GLU A N   1 
ATOM   759  C  CA  . GLU A 1 130 ? 5.414   9.374   8.326   1.00 17.81 ? 420  GLU A CA  1 
ATOM   760  C  C   . GLU A 1 130 ? 5.363   7.888   8.222   1.00 16.39 ? 420  GLU A C   1 
ATOM   761  O  O   . GLU A 1 130 ? 5.207   7.318   7.163   1.00 18.12 ? 420  GLU A O   1 
ATOM   762  C  CB  . GLU A 1 130 ? 4.056   9.863   8.734   1.00 22.13 ? 420  GLU A CB  1 
ATOM   763  C  CG  . GLU A 1 130 ? 3.042   9.858   7.660   1.00 24.12 ? 420  GLU A CG  1 
ATOM   764  C  CD  . GLU A 1 130 ? 1.726   10.603  8.040   1.00 24.35 ? 420  GLU A CD  1 
ATOM   765  O  OE1 . GLU A 1 130 ? 1.613   11.837  8.097   1.00 29.57 ? 420  GLU A OE1 1 
ATOM   766  O  OE2 . GLU A 1 130 ? 0.777   9.874   8.210   1.00 27.96 ? 420  GLU A OE2 1 
ATOM   767  N  N   . LEU A 1 131 ? 5.475   7.223   9.388   1.00 16.20 ? 421  LEU A N   1 
ATOM   768  C  CA  A LEU A 1 131 ? 5.190   5.799   9.472   0.50 15.80 ? 421  LEU A CA  1 
ATOM   769  C  CA  B LEU A 1 131 ? 5.175   5.815   9.485   0.50 16.36 ? 421  LEU A CA  1 
ATOM   770  C  C   . LEU A 1 131 ? 3.684   5.638   9.612   1.00 15.87 ? 421  LEU A C   1 
ATOM   771  O  O   . LEU A 1 131 ? 3.022   6.366   10.340  1.00 17.56 ? 421  LEU A O   1 
ATOM   772  C  CB  A LEU A 1 131 ? 5.959   5.058   10.615  0.50 16.07 ? 421  LEU A CB  1 
ATOM   773  C  CB  B LEU A 1 131 ? 5.859   5.163   10.693  0.50 17.41 ? 421  LEU A CB  1 
ATOM   774  C  CG  A LEU A 1 131 ? 7.422   4.644   10.301  0.50 16.37 ? 421  LEU A CG  1 
ATOM   775  C  CG  B LEU A 1 131 ? 7.381   5.215   10.635  0.50 18.56 ? 421  LEU A CG  1 
ATOM   776  C  CD1 A LEU A 1 131 ? 8.328   5.868   10.199  0.50 17.41 ? 421  LEU A CD1 1 
ATOM   777  C  CD1 B LEU A 1 131 ? 7.956   4.455   11.823  0.50 19.31 ? 421  LEU A CD1 1 
ATOM   778  C  CD2 A LEU A 1 131 ? 7.971   3.670   11.333  0.50 16.80 ? 421  LEU A CD2 1 
ATOM   779  C  CD2 B LEU A 1 131 ? 7.933   4.669   9.328   0.50 19.89 ? 421  LEU A CD2 1 
ATOM   780  N  N   . CYS A 1 132 ? 3.187   4.640   8.905   1.00 15.00 ? 422  CYS A N   1 
ATOM   781  C  CA  A CYS A 1 132 ? 1.742   4.309   8.849   0.50 15.59 ? 422  CYS A CA  1 
ATOM   782  C  CA  B CYS A 1 132 ? 1.755   4.322   9.006   0.50 15.40 ? 422  CYS A CA  1 
ATOM   783  C  C   . CYS A 1 132 ? 1.601   2.822   8.922   1.00 15.77 ? 422  CYS A C   1 
ATOM   784  O  O   . CYS A 1 132 ? 2.597   2.105   8.758   1.00 17.84 ? 422  CYS A O   1 
ATOM   785  C  CB  A CYS A 1 132 ? 1.103   4.737   7.515   0.50 16.37 ? 422  CYS A CB  1 
ATOM   786  C  CB  B CYS A 1 132 ? 0.944   5.059   7.934   0.50 15.99 ? 422  CYS A CB  1 
ATOM   787  S  SG  A CYS A 1 132 ? 1.215   6.491   7.135   0.50 18.80 ? 422  CYS A SG  1 
ATOM   788  S  SG  B CYS A 1 132 ? 1.463   4.709   6.256   0.50 17.52 ? 422  CYS A SG  1 
ATOM   789  N  N   . MET A 1 133 ? 0.403   2.308   9.137   1.00 15.74 ? 423  MET A N   1 
ATOM   790  C  CA  . MET A 1 133 ? 0.155   0.878   8.958   1.00 16.29 ? 423  MET A CA  1 
ATOM   791  C  C   . MET A 1 133 ? -0.774  0.696   7.783   1.00 17.00 ? 423  MET A C   1 
ATOM   792  O  O   . MET A 1 133 ? -1.657  1.533   7.535   1.00 17.19 ? 423  MET A O   1 
ATOM   793  C  CB  . MET A 1 133 ? -0.398  0.234   10.184  1.00 17.98 ? 423  MET A CB  1 
ATOM   794  C  CG  . MET A 1 133 ? 0.601   0.303   11.369  1.00 19.58 ? 423  MET A CG  1 
ATOM   795  S  SD  . MET A 1 133 ? 0.343   -0.932  12.629  1.00 19.62 ? 423  MET A SD  1 
ATOM   796  C  CE  . MET A 1 133 ? 1.249   -2.292  11.841  1.00 19.43 ? 423  MET A CE  1 
ATOM   797  N  N   . MET A 1 134 ? -0.560  -0.353  7.039   1.00 15.95 ? 424  MET A N   1 
ATOM   798  C  CA  . MET A 1 134 ? -1.465  -0.680  5.930   1.00 17.16 ? 424  MET A CA  1 
ATOM   799  C  C   . MET A 1 134 ? -1.816  -2.118  5.911   1.00 16.35 ? 424  MET A C   1 
ATOM   800  O  O   . MET A 1 134 ? -1.088  -2.975  6.396   1.00 15.64 ? 424  MET A O   1 
ATOM   801  C  CB  . MET A 1 134 ? -0.967  -0.156  4.662   1.00 22.17 ? 424  MET A CB  1 
ATOM   802  C  CG  . MET A 1 134 ? 0.348   -0.610  4.261   1.00 21.45 ? 424  MET A CG  1 
ATOM   803  S  SD  . MET A 1 134 ? 0.905   0.169   2.698   1.00 25.46 ? 424  MET A SD  1 
ATOM   804  C  CE  . MET A 1 134 ? 0.964   1.910   2.960   1.00 24.04 ? 424  MET A CE  1 
ATOM   805  N  N   . GLN A 1 135 ? -2.992  -2.403  5.357   1.00 15.95 ? 425  GLN A N   1 
ATOM   806  C  CA  . GLN A 1 135 ? -3.537  -3.743  5.418   1.00 16.41 ? 425  GLN A CA  1 
ATOM   807  C  C   . GLN A 1 135 ? -4.440  -3.979  4.223   1.00 14.48 ? 425  GLN A C   1 
ATOM   808  O  O   . GLN A 1 135 ? -5.220  -3.105  3.888   1.00 17.39 ? 425  GLN A O   1 
ATOM   809  C  CB  . GLN A 1 135 ? -4.373  -3.865  6.709   1.00 18.90 ? 425  GLN A CB  1 
ATOM   810  C  CG  . GLN A 1 135 ? -4.931  -5.199  7.011   1.00 22.05 ? 425  GLN A CG  1 
ATOM   811  C  CD  . GLN A 1 135 ? -5.439  -5.291  8.440   1.00 22.88 ? 425  GLN A CD  1 
ATOM   812  O  OE1 . GLN A 1 135 ? -5.490  -4.292  9.171   1.00 30.71 ? 425  GLN A OE1 1 
ATOM   813  N  NE2 . GLN A 1 135 ? -5.701  -6.490  8.852   1.00 26.79 ? 425  GLN A NE2 1 
ATOM   814  N  N   . PHE A 1 136 ? -4.345  -5.138  3.607   1.00 15.06 ? 426  PHE A N   1 
ATOM   815  C  CA  . PHE A 1 136 ? -5.262  -5.531  2.510   1.00 16.05 ? 426  PHE A CA  1 
ATOM   816  C  C   . PHE A 1 136 ? -6.448  -6.241  3.167   1.00 16.91 ? 426  PHE A C   1 
ATOM   817  O  O   . PHE A 1 136 ? -6.280  -7.194  3.944   1.00 18.68 ? 426  PHE A O   1 
ATOM   818  C  CB  . PHE A 1 136 ? -4.567  -6.438  1.517   1.00 16.73 ? 426  PHE A CB  1 
ATOM   819  C  CG  . PHE A 1 136 ? -3.602  -5.739  0.614   1.00 16.85 ? 426  PHE A CG  1 
ATOM   820  C  CD1 . PHE A 1 136 ? -4.033  -5.170  -0.576  1.00 16.92 ? 426  PHE A CD1 1 
ATOM   821  C  CD2 . PHE A 1 136 ? -2.243  -5.654  0.939   1.00 18.17 ? 426  PHE A CD2 1 
ATOM   822  C  CE1 . PHE A 1 136 ? -3.154  -4.541  -1.435  1.00 17.93 ? 426  PHE A CE1 1 
ATOM   823  C  CE2 . PHE A 1 136 ? -1.363  -5.031  0.094   1.00 18.85 ? 426  PHE A CE2 1 
ATOM   824  C  CZ  . PHE A 1 136 ? -1.796  -4.486  -1.103  1.00 17.93 ? 426  PHE A CZ  1 
ATOM   825  N  N   . LEU A 1 137 ? -7.641  -5.803  2.804   1.00 18.07 ? 427  LEU A N   1 
ATOM   826  C  CA  . LEU A 1 137 ? -8.903  -6.351  3.352   1.00 20.18 ? 427  LEU A CA  1 
ATOM   827  C  C   . LEU A 1 137 ? -9.875  -6.556  2.192   1.00 21.72 ? 427  LEU A C   1 
ATOM   828  O  O   . LEU A 1 137 ? -9.749  -5.925  1.162   1.00 21.74 ? 427  LEU A O   1 
ATOM   829  C  CB  . LEU A 1 137 ? -9.502  -5.390  4.357   1.00 22.34 ? 427  LEU A CB  1 
ATOM   830  C  CG  . LEU A 1 137 ? -8.728  -5.118  5.642   1.00 23.56 ? 427  LEU A CG  1 
ATOM   831  C  CD1 . LEU A 1 137 ? -9.447  -4.044  6.447   1.00 27.71 ? 427  LEU A CD1 1 
ATOM   832  C  CD2 . LEU A 1 137 ? -8.561  -6.382  6.471   1.00 23.88 ? 427  LEU A CD2 1 
ATOM   833  N  N   . THR A 1 138 ? -10.820 -7.462  2.360   1.00 20.13 ? 428  THR A N   1 
ATOM   834  C  CA  . THR A 1 138 ? -11.895 -7.647  1.374   1.00 21.87 ? 428  THR A CA  1 
ATOM   835  C  C   . THR A 1 138 ? -13.191 -7.245  2.030   1.00 21.68 ? 428  THR A C   1 
ATOM   836  O  O   . THR A 1 138 ? -13.508 -7.675  3.129   1.00 22.43 ? 428  THR A O   1 
ATOM   837  C  CB  . THR A 1 138 ? -11.989 -9.093  0.938   1.00 23.36 ? 428  THR A CB  1 
ATOM   838  O  OG1 . THR A 1 138 ? -10.740 -9.535  0.464   1.00 26.25 ? 428  THR A OG1 1 
ATOM   839  C  CG2 . THR A 1 138 ? -13.020 -9.292  -0.188  1.00 24.78 ? 428  THR A CG2 1 
ATOM   840  N  N   . ASP A 1 139 ? -13.948 -6.410  1.327   1.00 22.74 ? 429  ASP A N   1 
ATOM   841  C  CA  . ASP A 1 139 ? -15.266 -5.931  1.772   1.00 24.64 ? 429  ASP A CA  1 
ATOM   842  C  C   . ASP A 1 139 ? -16.219 -7.126  1.830   1.00 27.23 ? 429  ASP A C   1 
ATOM   843  O  O   . ASP A 1 139 ? -16.024 -8.117  1.127   1.00 25.41 ? 429  ASP A O   1 
ATOM   844  C  CB  . ASP A 1 139 ? -15.726 -4.877  0.757   1.00 25.36 ? 429  ASP A CB  1 
ATOM   845  C  CG  . ASP A 1 139 ? -16.882 -3.988  1.233   1.00 26.92 ? 429  ASP A CG  1 
ATOM   846  O  OD1 . ASP A 1 139 ? -17.929 -4.514  1.704   1.00 27.57 ? 429  ASP A OD1 1 
ATOM   847  O  OD2 . ASP A 1 139 ? -16.769 -2.757  1.109   1.00 28.54 ? 429  ASP A OD2 1 
ATOM   848  N  N   . VAL A 1 140 ? -17.228 -7.045  2.704   1.00 29.59 ? 430  VAL A N   1 
ATOM   849  C  CA  . VAL A 1 140 ? -18.307 -8.064  2.673   1.00 31.97 ? 430  VAL A CA  1 
ATOM   850  C  C   . VAL A 1 140 ? -18.881 -8.218  1.248   1.00 33.30 ? 430  VAL A C   1 
ATOM   851  O  O   . VAL A 1 140 ? -19.215 -9.331  0.823   1.00 33.87 ? 430  VAL A O   1 
ATOM   852  C  CB  . VAL A 1 140 ? -19.444 -7.788  3.696   1.00 35.52 ? 430  VAL A CB  1 
ATOM   853  C  CG1 . VAL A 1 140 ? -18.908 -7.786  5.116   1.00 39.13 ? 430  VAL A CG1 1 
ATOM   854  C  CG2 . VAL A 1 140 ? -20.183 -6.498  3.403   1.00 37.60 ? 430  VAL A CG2 1 
ATOM   855  N  N   . ASP A 1 141 ? -18.906 -7.113  0.497   1.00 32.57 ? 431  ASP A N   1 
ATOM   856  C  CA  . ASP A 1 141 ? -19.353 -7.117  -0.905  1.00 33.57 ? 431  ASP A CA  1 
ATOM   857  C  C   . ASP A 1 141 ? -18.338 -7.681  -1.926  1.00 34.17 ? 431  ASP A C   1 
ATOM   858  O  O   . ASP A 1 141 ? -18.598 -7.618  -3.135  1.00 34.08 ? 431  ASP A O   1 
ATOM   859  C  CB  . ASP A 1 141 ? -19.949 -5.732  -1.280  1.00 33.91 ? 431  ASP A CB  1 
ATOM   860  C  CG  . ASP A 1 141 ? -18.905 -4.668  -1.650  1.00 35.61 ? 431  ASP A CG  1 
ATOM   861  O  OD1 . ASP A 1 141 ? -17.694 -4.979  -1.760  1.00 32.96 ? 431  ASP A OD1 1 
ATOM   862  O  OD2 . ASP A 1 141 ? -19.320 -3.504  -1.849  1.00 36.01 ? 431  ASP A OD2 1 
ATOM   863  N  N   . LYS A 1 142 ? -17.193 -8.201  -1.440  1.00 30.22 ? 432  LYS A N   1 
ATOM   864  C  CA  . LYS A 1 142 ? -16.113 -8.827  -2.215  1.00 30.54 ? 432  LYS A CA  1 
ATOM   865  C  C   . LYS A 1 142 ? -15.100 -7.858  -2.873  1.00 25.14 ? 432  LYS A C   1 
ATOM   866  O  O   . LYS A 1 142 ? -14.169 -8.330  -3.499  1.00 28.30 ? 432  LYS A O   1 
ATOM   867  C  CB  . LYS A 1 142 ? -16.628 -9.861  -3.247  1.00 34.97 ? 432  LYS A CB  1 
ATOM   868  C  CG  . LYS A 1 142 ? -17.542 -10.931 -2.646  1.00 39.87 ? 432  LYS A CG  1 
ATOM   869  C  CD  . LYS A 1 142 ? -16.957 -11.573 -1.388  1.00 42.07 ? 432  LYS A CD  1 
ATOM   870  C  CE  . LYS A 1 142 ? -17.835 -12.700 -0.853  1.00 46.27 ? 432  LYS A CE  1 
ATOM   871  N  NZ  . LYS A 1 142 ? -17.404 -13.081 0.520   1.00 46.81 ? 432  LYS A NZ  1 
ATOM   872  N  N   . THR A 1 143 ? -15.282 -6.566  -2.694  1.00 24.48 ? 433  THR A N   1 
ATOM   873  C  CA  . THR A 1 143 ? -14.358 -5.572  -3.262  1.00 22.44 ? 433  THR A CA  1 
ATOM   874  C  C   . THR A 1 143 ? -13.026 -5.638  -2.468  1.00 21.54 ? 433  THR A C   1 
ATOM   875  O  O   . THR A 1 143 ? -13.045 -5.532  -1.240  1.00 22.28 ? 433  THR A O   1 
ATOM   876  C  CB  . THR A 1 143 ? -14.909 -4.170  -3.136  1.00 25.47 ? 433  THR A CB  1 
ATOM   877  O  OG1 . THR A 1 143 ? -16.191 -4.098  -3.793  1.00 29.77 ? 433  THR A OG1 1 
ATOM   878  C  CG2 . THR A 1 143 ? -13.960 -3.128  -3.749  1.00 26.08 ? 433  THR A CG2 1 
ATOM   879  N  N   . PRO A 1 144 ? -11.901 -5.794  -3.152  1.00 20.72 ? 434  PRO A N   1 
ATOM   880  C  CA  . PRO A 1 144 ? -10.574 -5.671  -2.483  1.00 20.10 ? 434  PRO A CA  1 
ATOM   881  C  C   . PRO A 1 144 ? -10.265 -4.221  -2.145  1.00 18.92 ? 434  PRO A C   1 
ATOM   882  O  O   . PRO A 1 144 ? -10.506 -3.308  -2.947  1.00 19.11 ? 434  PRO A O   1 
ATOM   883  C  CB  . PRO A 1 144 ? -9.574  -6.209  -3.522  1.00 22.04 ? 434  PRO A CB  1 
ATOM   884  C  CG  . PRO A 1 144 ? -10.301 -6.177  -4.819  1.00 24.89 ? 434  PRO A CG  1 
ATOM   885  C  CD  . PRO A 1 144 ? -11.757 -6.066  -4.594  1.00 22.53 ? 434  PRO A CD  1 
ATOM   886  N  N   . PHE A 1 145 ? -9.704  -4.012  -0.945  1.00 17.70 ? 435  PHE A N   1 
ATOM   887  C  CA  . PHE A 1 145 ? -9.238  -2.711  -0.515  1.00 16.68 ? 435  PHE A CA  1 
ATOM   888  C  C   . PHE A 1 145 ? -7.823  -2.797  0.052   1.00 15.90 ? 435  PHE A C   1 
ATOM   889  O  O   . PHE A 1 145 ? -7.436  -3.815  0.631   1.00 17.69 ? 435  PHE A O   1 
ATOM   890  C  CB  . PHE A 1 145 ? -10.102 -2.165  0.622   1.00 18.65 ? 435  PHE A CB  1 
ATOM   891  C  CG  . PHE A 1 145 ? -11.394 -1.541  0.166   1.00 18.96 ? 435  PHE A CG  1 
ATOM   892  C  CD1 . PHE A 1 145 ? -12.492 -2.331  -0.023  1.00 20.25 ? 435  PHE A CD1 1 
ATOM   893  C  CD2 . PHE A 1 145 ? -11.497 -0.183  -0.037  1.00 19.54 ? 435  PHE A CD2 1 
ATOM   894  C  CE1 . PHE A 1 145 ? -13.697 -1.752  -0.430  1.00 20.69 ? 435  PHE A CE1 1 
ATOM   895  C  CE2 . PHE A 1 145 ? -12.684 0.405   -0.442  1.00 20.53 ? 435  PHE A CE2 1 
ATOM   896  C  CZ  . PHE A 1 145 ? -13.775 -0.398  -0.631  1.00 20.79 ? 435  PHE A CZ  1 
ATOM   897  N  N   . LEU A 1 146 ? -7.093  -1.718  -0.147  1.00 15.77 ? 436  LEU A N   1 
ATOM   898  C  CA  . LEU A 1 146 ? -5.899  -1.418  0.680   1.00 14.86 ? 436  LEU A CA  1 
ATOM   899  C  C   . LEU A 1 146 ? -6.262  -0.306  1.632   1.00 15.07 ? 436  LEU A C   1 
ATOM   900  O  O   . LEU A 1 146 ? -6.747  0.750   1.220   1.00 15.91 ? 436  LEU A O   1 
ATOM   901  C  CB  . LEU A 1 146 ? -4.739  -1.001  -0.224  1.00 15.90 ? 436  LEU A CB  1 
ATOM   902  C  CG  . LEU A 1 146 ? -3.428  -0.603  0.494   1.00 16.84 ? 436  LEU A CG  1 
ATOM   903  C  CD1 . LEU A 1 146 ? -2.916  -1.704  1.411   1.00 17.17 ? 436  LEU A CD1 1 
ATOM   904  C  CD2 . LEU A 1 146 ? -2.345  -0.215  -0.514  1.00 18.17 ? 436  LEU A CD2 1 
ATOM   905  N  N   . VAL A 1 147 ? -6.068  -0.532  2.924   1.00 15.90 ? 437  VAL A N   1 
ATOM   906  C  CA  . VAL A 1 147 ? -6.431  0.413   3.962   1.00 15.57 ? 437  VAL A CA  1 
ATOM   907  C  C   . VAL A 1 147 ? -5.158  0.960   4.569   1.00 16.52 ? 437  VAL A C   1 
ATOM   908  O  O   . VAL A 1 147 ? -4.224  0.178   4.815   1.00 16.41 ? 437  VAL A O   1 
ATOM   909  C  CB  . VAL A 1 147 ? -7.249  -0.284  5.064   1.00 18.62 ? 437  VAL A CB  1 
ATOM   910  C  CG1 . VAL A 1 147 ? -7.601  0.682   6.188   1.00 20.78 ? 437  VAL A CG1 1 
ATOM   911  C  CG2 . VAL A 1 147 ? -8.493  -0.940  4.448   1.00 22.62 ? 437  VAL A CG2 1 
ATOM   912  N  N   . VAL A 1 148 ? -5.118  2.274   4.775   1.00 15.26 ? 438  VAL A N   1 
ATOM   913  C  CA  . VAL A 1 148 ? -3.947  2.923   5.368   1.00 15.43 ? 438  VAL A CA  1 
ATOM   914  C  C   . VAL A 1 148 ? -4.410  3.617   6.624   1.00 15.80 ? 438  VAL A C   1 
ATOM   915  O  O   . VAL A 1 148 ? -5.366  4.405   6.587   1.00 16.56 ? 438  VAL A O   1 
ATOM   916  C  CB  . VAL A 1 148 ? -3.316  3.942   4.422   1.00 15.96 ? 438  VAL A CB  1 
ATOM   917  C  CG1 . VAL A 1 148 ? -2.047  4.557   5.004   1.00 16.31 ? 438  VAL A CG1 1 
ATOM   918  C  CG2 . VAL A 1 148 ? -3.008  3.319   3.063   1.00 17.76 ? 438  VAL A CG2 1 
ATOM   919  N  N   . LEU A 1 149 ? -3.741  3.336   7.746   1.00 15.54 ? 439  LEU A N   1 
ATOM   920  C  CA  . LEU A 1 149 ? -4.056  3.981   9.018   1.00 17.39 ? 439  LEU A CA  1 
ATOM   921  C  C   . LEU A 1 149 ? -2.941  4.906   9.418   1.00 17.04 ? 439  LEU A C   1 
ATOM   922  O  O   . LEU A 1 149 ? -1.769  4.542   9.364   1.00 17.44 ? 439  LEU A O   1 
ATOM   923  C  CB  . LEU A 1 149 ? -4.266  2.970   10.120  1.00 19.93 ? 439  LEU A CB  1 
ATOM   924  C  CG  . LEU A 1 149 ? -5.322  1.907   9.886   1.00 22.00 ? 439  LEU A CG  1 
ATOM   925  C  CD1 . LEU A 1 149 ? -5.445  1.054   11.151  1.00 27.17 ? 439  LEU A CD1 1 
ATOM   926  C  CD2 . LEU A 1 149 ? -6.672  2.534   9.613   1.00 22.71 ? 439  LEU A CD2 1 
ATOM   927  N  N   . ARG A 1 150 ? -3.276  6.128   9.798   1.00 17.95 ? 440  ARG A N   1 
ATOM   928  C  CA  . ARG A 1 150 ? -2.330  7.169   10.130  1.00 18.13 ? 440  ARG A CA  1 
ATOM   929  C  C   . ARG A 1 150 ? -2.580  7.691   11.529  1.00 19.04 ? 440  ARG A C   1 
ATOM   930  O  O   . ARG A 1 150 ? -3.646  7.426   12.122  1.00 19.05 ? 440  ARG A O   1 
ATOM   931  C  CB  . ARG A 1 150 ? -2.467  8.333   9.151   1.00 18.59 ? 440  ARG A CB  1 
ATOM   932  C  CG  . ARG A 1 150 ? -2.241  7.985   7.682   1.00 19.79 ? 440  ARG A CG  1 
ATOM   933  C  CD  . ARG A 1 150 ? -2.520  9.155   6.759   1.00 19.66 ? 440  ARG A CD  1 
ATOM   934  N  NE  . ARG A 1 150 ? -1.741  10.302  7.163   1.00 19.70 ? 440  ARG A NE  1 
ATOM   935  C  CZ  . ARG A 1 150 ? -2.210  11.399  7.726   1.00 19.67 ? 440  ARG A CZ  1 
ATOM   936  N  NH1 . ARG A 1 150 ? -3.513  11.571  7.931   1.00 20.74 ? 440  ARG A NH1 1 
ATOM   937  N  NH2 . ARG A 1 150 ? -1.371  12.360  8.127   1.00 22.10 ? 440  ARG A NH2 1 
ATOM   938  N  N   . SER A 1 151 ? -1.622  8.441   12.048  1.00 19.95 ? 441  SER A N   1 
ATOM   939  C  CA  A SER A 1 151 ? -1.730  9.043   13.389  0.50 20.76 ? 441  SER A CA  1 
ATOM   940  C  CA  B SER A 1 151 ? -1.756  9.010   13.387  0.50 21.42 ? 441  SER A CA  1 
ATOM   941  C  C   . SER A 1 151 ? -2.575  10.301  13.434  1.00 23.60 ? 441  SER A C   1 
ATOM   942  O  O   . SER A 1 151 ? -3.332  10.528  14.412  1.00 25.55 ? 441  SER A O   1 
ATOM   943  C  CB  A SER A 1 151 ? -0.356  9.407   13.934  0.50 23.18 ? 441  SER A CB  1 
ATOM   944  C  CB  B SER A 1 151 ? -0.371  9.206   13.978  0.50 24.41 ? 441  SER A CB  1 
ATOM   945  O  OG  A SER A 1 151 ? -0.512  10.094  15.175  0.50 22.80 ? 441  SER A OG  1 
ATOM   946  O  OG  B SER A 1 151 ? 0.280   7.957   14.073  0.50 26.32 ? 441  SER A OG  1 
ATOM   947  N  N   . GLU A 1 152 ? -2.451  11.153  12.415  1.00 21.97 ? 442  GLU A N   1 
ATOM   948  C  CA  . GLU A 1 152 ? -3.005  12.522  12.487  1.00 25.18 ? 442  GLU A CA  1 
ATOM   949  C  C   . GLU A 1 152 ? -3.745  13.006  11.250  1.00 25.21 ? 442  GLU A C   1 
ATOM   950  O  O   . GLU A 1 152 ? -3.107  13.252  10.207  1.00 26.31 ? 442  GLU A O   1 
ATOM   951  C  CB  . GLU A 1 152 ? -1.887  13.506  12.798  1.00 32.41 ? 442  GLU A CB  1 
ATOM   952  C  CG  . GLU A 1 152 ? -2.406  14.826  13.364  1.00 41.69 ? 442  GLU A CG  1 
ATOM   953  C  CD  . GLU A 1 152 ? -1.342  15.907  13.409  1.00 49.15 ? 442  GLU A CD  1 
ATOM   954  O  OE1 . GLU A 1 152 ? -0.158  15.591  13.706  1.00 55.89 ? 442  GLU A OE1 1 
ATOM   955  O  OE2 . GLU A 1 152 ? -1.701  17.075  13.124  1.00 53.87 ? 442  GLU A OE2 1 
ATOM   956  N  N   . SER A 1 153 ? -5.049  13.217  11.370  1.00 23.21 ? 443  SER A N   1 
ATOM   957  C  CA  . SER A 1 153 ? -5.851  13.769  10.275  1.00 24.46 ? 443  SER A CA  1 
ATOM   958  C  C   . SER A 1 153 ? -5.486  15.222  9.976   1.00 24.33 ? 443  SER A C   1 
ATOM   959  O  O   . SER A 1 153 ? -5.067  15.965  10.874  1.00 24.99 ? 443  SER A O   1 
ATOM   960  C  CB  . SER A 1 153 ? -7.348  13.653  10.552  1.00 26.99 ? 443  SER A CB  1 
ATOM   961  O  OG  . SER A 1 153 ? -7.695  14.522  11.601  1.00 33.19 ? 443  SER A OG  1 
ATOM   962  N  N   . LYS A 1 154 ? -5.578  15.580  8.693   1.00 23.95 ? 444  LYS A N   1 
ATOM   963  C  CA  . LYS A 1 154 ? -5.328  16.938  8.222   1.00 24.80 ? 444  LYS A CA  1 
ATOM   964  C  C   . LYS A 1 154 ? -6.499  17.327  7.345   1.00 24.33 ? 444  LYS A C   1 
ATOM   965  O  O   . LYS A 1 154 ? -7.017  16.497  6.582   1.00 25.82 ? 444  LYS A O   1 
ATOM   966  C  CB  . LYS A 1 154 ? -4.048  17.025  7.376   1.00 26.28 ? 444  LYS A CB  1 
ATOM   967  C  CG  . LYS A 1 154 ? -2.788  16.471  8.015   1.00 30.14 ? 444  LYS A CG  1 
ATOM   968  C  CD  . LYS A 1 154 ? -2.263  17.364  9.114   1.00 34.30 ? 444  LYS A CD  1 
ATOM   969  C  CE  . LYS A 1 154 ? -0.992  16.741  9.651   1.00 36.51 ? 444  LYS A CE  1 
ATOM   970  N  NZ  . LYS A 1 154 ? -0.417  17.551  10.746  1.00 39.20 ? 444  LYS A NZ  1 
ATOM   971  N  N   . HIS A 1 155 ? -6.890  18.600  7.397   1.00 27.37 ? 445  HIS A N   1 
ATOM   972  C  CA  . HIS A 1 155 ? -7.958  19.120  6.541   1.00 28.92 ? 445  HIS A CA  1 
ATOM   973  C  C   . HIS A 1 155 ? -7.360  19.593  5.233   1.00 27.81 ? 445  HIS A C   1 
ATOM   974  O  O   . HIS A 1 155 ? -7.304  20.796  4.927   1.00 26.53 ? 445  HIS A O   1 
ATOM   975  C  CB  . HIS A 1 155 ? -8.703  20.275  7.234   1.00 33.39 ? 445  HIS A CB  1 
ATOM   976  C  CG  . HIS A 1 155 ? -9.490  19.852  8.429   1.00 42.71 ? 445  HIS A CG  1 
ATOM   977  N  ND1 . HIS A 1 155 ? -10.469 18.881  8.371   1.00 47.61 ? 445  HIS A ND1 1 
ATOM   978  C  CD2 . HIS A 1 155 ? -9.463  20.288  9.712   1.00 49.85 ? 445  HIS A CD2 1 
ATOM   979  C  CE1 . HIS A 1 155 ? -11.001 18.726  9.572   1.00 52.72 ? 445  HIS A CE1 1 
ATOM   980  N  NE2 . HIS A 1 155 ? -10.409 19.570  10.403  1.00 52.03 ? 445  HIS A NE2 1 
ATOM   981  N  N   . GLU A 1 156 ? -6.825  18.620  4.497   1.00 23.95 ? 446  GLU A N   1 
ATOM   982  C  CA  . GLU A 1 156 ? -6.116  18.854  3.229   1.00 21.67 ? 446  GLU A CA  1 
ATOM   983  C  C   . GLU A 1 156 ? -6.409  17.703  2.305   1.00 21.44 ? 446  GLU A C   1 
ATOM   984  O  O   . GLU A 1 156 ? -6.770  16.623  2.739   1.00 21.91 ? 446  GLU A O   1 
ATOM   985  C  CB  . GLU A 1 156 ? -4.614  18.934  3.421   1.00 21.52 ? 446  GLU A CB  1 
ATOM   986  C  CG  . GLU A 1 156 ? -4.146  20.091  4.273   1.00 22.86 ? 446  GLU A CG  1 
ATOM   987  C  CD  . GLU A 1 156 ? -2.686  20.017  4.566   1.00 24.41 ? 446  GLU A CD  1 
ATOM   988  O  OE1 . GLU A 1 156 ? -1.874  20.306  3.651   1.00 23.73 ? 446  GLU A OE1 1 
ATOM   989  O  OE2 . GLU A 1 156 ? -2.305  19.711  5.711   1.00 26.56 ? 446  GLU A OE2 1 
ATOM   990  N  N   . THR A 1 157 ? -6.280  17.951  1.011   1.00 20.92 ? 447  THR A N   1 
ATOM   991  C  CA  . THR A 1 157 ? -6.497  16.957  -0.042  1.00 20.66 ? 447  THR A CA  1 
ATOM   992  C  C   . THR A 1 157 ? -5.176  16.275  -0.409  1.00 19.77 ? 447  THR A C   1 
ATOM   993  O  O   . THR A 1 157 ? -4.150  16.932  -0.597  1.00 19.52 ? 447  THR A O   1 
ATOM   994  C  CB  . THR A 1 157 ? -7.073  17.647  -1.289  1.00 21.40 ? 447  THR A CB  1 
ATOM   995  O  OG1 . THR A 1 157 ? -8.348  18.211  -0.912  1.00 24.49 ? 447  THR A OG1 1 
ATOM   996  C  CG2 . THR A 1 157 ? -7.275  16.726  -2.443  1.00 23.65 ? 447  THR A CG2 1 
ATOM   997  N  N   . ILE A 1 158 ? -5.235  14.949  -0.489  1.00 18.35 ? 448  ILE A N   1 
ATOM   998  C  CA  . ILE A 1 158 ? -4.083  14.186  -0.970  1.00 17.26 ? 448  ILE A CA  1 
ATOM   999  C  C   . ILE A 1 158 ? -3.918  14.425  -2.470  1.00 17.27 ? 448  ILE A C   1 
ATOM   1000 O  O   . ILE A 1 158 ? -4.843  14.188  -3.237  1.00 17.90 ? 448  ILE A O   1 
ATOM   1001 C  CB  . ILE A 1 158 ? -4.271  12.692  -0.713  1.00 17.29 ? 448  ILE A CB  1 
ATOM   1002 C  CG1 . ILE A 1 158 ? -4.398  12.386  0.790   1.00 18.63 ? 448  ILE A CG1 1 
ATOM   1003 C  CG2 . ILE A 1 158 ? -3.152  11.879  -1.344  1.00 16.84 ? 448  ILE A CG2 1 
ATOM   1004 C  CD1 . ILE A 1 158 ? -4.896  10.976  1.050   1.00 20.35 ? 448  ILE A CD1 1 
ATOM   1005 N  N   . GLN A 1 159 ? -2.726  14.881  -2.858  1.00 16.35 ? 449  GLN A N   1 
ATOM   1006 C  CA  . GLN A 1 159 ? -2.314  14.860  -4.247  1.00 16.00 ? 449  GLN A CA  1 
ATOM   1007 C  C   . GLN A 1 159 ? -1.656  13.525  -4.574  1.00 15.36 ? 449  GLN A C   1 
ATOM   1008 O  O   . GLN A 1 159 ? -2.048  12.858  -5.529  1.00 15.71 ? 449  GLN A O   1 
ATOM   1009 C  CB  . GLN A 1 159 ? -1.404  16.050  -4.555  1.00 16.27 ? 449  GLN A CB  1 
ATOM   1010 C  CG  . GLN A 1 159 ? -2.015  17.402  -4.214  1.00 18.33 ? 449  GLN A CG  1 
ATOM   1011 C  CD  . GLN A 1 159 ? -3.241  17.762  -5.025  1.00 20.19 ? 449  GLN A CD  1 
ATOM   1012 O  OE1 . GLN A 1 159 ? -3.383  17.380  -6.170  1.00 22.15 ? 449  GLN A OE1 1 
ATOM   1013 N  NE2 . GLN A 1 159 ? -4.172  18.477  -4.394  1.00 22.87 ? 449  GLN A NE2 1 
ATOM   1014 N  N   . TYR A 1 160 ? -0.681  13.117  -3.754  1.00 14.86 ? 450  TYR A N   1 
ATOM   1015 C  CA  . TYR A 1 160 ? -0.023  11.836  -3.909  1.00 15.71 ? 450  TYR A CA  1 
ATOM   1016 C  C   . TYR A 1 160 ? 0.250   11.196  -2.565  1.00 15.16 ? 450  TYR A C   1 
ATOM   1017 O  O   . TYR A 1 160 ? 0.502   11.917  -1.602  1.00 15.43 ? 450  TYR A O   1 
ATOM   1018 C  CB  . TYR A 1 160 ? 1.316   11.940  -4.680  1.00 16.15 ? 450  TYR A CB  1 
ATOM   1019 C  CG  . TYR A 1 160 ? 1.103   12.467  -6.069  1.00 15.90 ? 450  TYR A CG  1 
ATOM   1020 C  CD1 . TYR A 1 160 ? 0.776   11.595  -7.099  1.00 16.68 ? 450  TYR A CD1 1 
ATOM   1021 C  CD2 . TYR A 1 160 ? 1.160   13.812  -6.321  1.00 16.53 ? 450  TYR A CD2 1 
ATOM   1022 C  CE1 . TYR A 1 160 ? 0.515   12.082  -8.374  1.00 17.78 ? 450  TYR A CE1 1 
ATOM   1023 C  CE2 . TYR A 1 160 ? 0.906   14.315  -7.581  1.00 16.97 ? 450  TYR A CE2 1 
ATOM   1024 C  CZ  . TYR A 1 160 ? 0.589   13.438  -8.594  1.00 17.69 ? 450  TYR A CZ  1 
ATOM   1025 O  OH  . TYR A 1 160 ? 0.303   13.925  -9.885  1.00 20.21 ? 450  TYR A OH  1 
ATOM   1026 N  N   . MET A 1 161 ? 0.243   9.865   -2.569  1.00 15.30 ? 451  MET A N   1 
ATOM   1027 C  CA  . MET A 1 161 ? 0.871   9.097   -1.477  1.00 14.43 ? 451  MET A CA  1 
ATOM   1028 C  C   . MET A 1 161 ? 1.946   8.254   -2.079  1.00 14.85 ? 451  MET A C   1 
ATOM   1029 O  O   . MET A 1 161 ? 1.635   7.416   -2.929  1.00 16.39 ? 451  MET A O   1 
ATOM   1030 C  CB  . MET A 1 161 ? -0.141  8.204   -0.760  1.00 15.29 ? 451  MET A CB  1 
ATOM   1031 C  CG  . MET A 1 161 ? 0.481   7.360   0.353   1.00 15.42 ? 451  MET A CG  1 
ATOM   1032 S  SD  . MET A 1 161 ? -0.627  6.162   1.147   1.00 16.63 ? 451  MET A SD  1 
ATOM   1033 C  CE  . MET A 1 161 ? -0.709  4.920   -0.099  1.00 17.69 ? 451  MET A CE  1 
ATOM   1034 N  N   . HIS A 1 162 ? 3.163   8.406   -1.589  1.00 14.25 ? 452  HIS A N   1 
ATOM   1035 C  CA  . HIS A 1 162 ? 4.272   7.571   -2.020  1.00 14.99 ? 452  HIS A CA  1 
ATOM   1036 C  C   . HIS A 1 162 ? 4.597   6.564   -0.928  1.00 15.60 ? 452  HIS A C   1 
ATOM   1037 O  O   . HIS A 1 162 ? 4.904   6.984   0.179   1.00 16.60 ? 452  HIS A O   1 
ATOM   1038 C  CB  . HIS A 1 162 ? 5.516   8.408   -2.314  1.00 16.24 ? 452  HIS A CB  1 
ATOM   1039 C  CG  . HIS A 1 162 ? 5.301   9.500   -3.323  1.00 16.60 ? 452  HIS A CG  1 
ATOM   1040 N  ND1 . HIS A 1 162 ? 5.042   9.228   -4.648  1.00 18.96 ? 452  HIS A ND1 1 
ATOM   1041 C  CD2 . HIS A 1 162 ? 5.307   10.849  -3.204  1.00 19.06 ? 452  HIS A CD2 1 
ATOM   1042 C  CE1 . HIS A 1 162 ? 4.926   10.375  -5.305  1.00 19.15 ? 452  HIS A CE1 1 
ATOM   1043 N  NE2 . HIS A 1 162 ? 5.067   11.367  -4.458  1.00 19.44 ? 452  HIS A NE2 1 
ATOM   1044 N  N   . ILE A 1 163 ? 4.542   5.287   -1.232  1.00 15.42 ? 453  ILE A N   1 
ATOM   1045 C  CA  . ILE A 1 163 ? 5.050   4.251   -0.314  1.00 15.55 ? 453  ILE A CA  1 
ATOM   1046 C  C   . ILE A 1 163 ? 6.539   4.091   -0.591  1.00 15.95 ? 453  ILE A C   1 
ATOM   1047 O  O   . ILE A 1 163 ? 6.919   3.640   -1.673  1.00 17.68 ? 453  ILE A O   1 
ATOM   1048 C  CB  . ILE A 1 163 ? 4.327   2.896   -0.482  1.00 16.59 ? 453  ILE A CB  1 
ATOM   1049 C  CG1 . ILE A 1 163 ? 2.800   3.054   -0.368  1.00 17.66 ? 453  ILE A CG1 1 
ATOM   1050 C  CG2 . ILE A 1 163 ? 4.918   1.862   0.465   1.00 17.50 ? 453  ILE A CG2 1 
ATOM   1051 C  CD1 . ILE A 1 163 ? 2.031   1.775   -0.500  1.00 19.58 ? 453  ILE A CD1 1 
ATOM   1052 N  N   . VAL A 1 164 ? 7.364   4.456   0.364   1.00 16.10 ? 454  VAL A N   1 
ATOM   1053 C  CA  . VAL A 1 164 ? 8.803   4.384   0.233   1.00 16.78 ? 454  VAL A CA  1 
ATOM   1054 C  C   . VAL A 1 164 ? 9.307   2.973   0.532   1.00 18.31 ? 454  VAL A C   1 
ATOM   1055 O  O   . VAL A 1 164 ? 10.054  2.386   -0.243  1.00 19.62 ? 454  VAL A O   1 
ATOM   1056 C  CB  . VAL A 1 164 ? 9.488   5.394   1.144   1.00 17.78 ? 454  VAL A CB  1 
ATOM   1057 C  CG1 . VAL A 1 164 ? 11.015  5.235   1.061   1.00 18.70 ? 454  VAL A CG1 1 
ATOM   1058 C  CG2 . VAL A 1 164 ? 9.054   6.815   0.797   1.00 19.52 ? 454  VAL A CG2 1 
ATOM   1059 N  N   . THR A 1 165 ? 8.854   2.429   1.645   1.00 18.32 ? 455  THR A N   1 
ATOM   1060 C  CA  . THR A 1 165 ? 9.191   1.035   1.982   1.00 20.24 ? 455  THR A CA  1 
ATOM   1061 C  C   . THR A 1 165 ? 8.105   0.514   2.940   1.00 16.52 ? 455  THR A C   1 
ATOM   1062 O  O   . THR A 1 165 ? 7.433   1.286   3.605   1.00 17.96 ? 455  THR A O   1 
ATOM   1063 C  CB  . THR A 1 165 ? 10.642  0.936   2.470   1.00 24.28 ? 455  THR A CB  1 
ATOM   1064 O  OG1 . THR A 1 165 ? 11.143  -0.416  2.286   1.00 25.27 ? 455  THR A OG1 1 
ATOM   1065 C  CG2 . THR A 1 165 ? 10.691  1.419   3.842   1.00 23.66 ? 455  THR A CG2 1 
ATOM   1066 N  N   . VAL A 1 166 ? 7.878   -0.800  2.865   1.00 15.98 ? 456  VAL A N   1 
ATOM   1067 C  CA  . VAL A 1 166 ? 6.841   -1.439  3.696   1.00 15.86 ? 456  VAL A CA  1 
ATOM   1068 C  C   . VAL A 1 166 ? 7.320   -2.835  4.080   1.00 14.82 ? 456  VAL A C   1 
ATOM   1069 O  O   . VAL A 1 166 ? 7.944   -3.558  3.309   1.00 15.59 ? 456  VAL A O   1 
ATOM   1070 C  CB  . VAL A 1 166 ? 5.452   -1.427  3.000   1.00 17.45 ? 456  VAL A CB  1 
ATOM   1071 C  CG1 . VAL A 1 166 ? 5.501   -2.068  1.634   1.00 20.41 ? 456  VAL A CG1 1 
ATOM   1072 C  CG2 . VAL A 1 166 ? 4.377   -2.052  3.860   1.00 16.87 ? 456  VAL A CG2 1 
ATOM   1073 N  N   . HIS A 1 167 ? 7.045   -3.209  5.318   1.00 14.20 ? 457  HIS A N   1 
ATOM   1074 C  CA  . HIS A 1 167 ? 7.367   -4.562  5.780   1.00 14.06 ? 457  HIS A CA  1 
ATOM   1075 C  C   . HIS A 1 167 ? 6.473   -5.559  5.017   1.00 14.34 ? 457  HIS A C   1 
ATOM   1076 O  O   . HIS A 1 167 ? 5.317   -5.247  4.722   1.00 14.47 ? 457  HIS A O   1 
ATOM   1077 C  CB  . HIS A 1 167 ? 7.133   -4.679  7.294   1.00 14.26 ? 457  HIS A CB  1 
ATOM   1078 C  CG  . HIS A 1 167 ? 7.625   -5.964  7.885   1.00 14.87 ? 457  HIS A CG  1 
ATOM   1079 N  ND1 . HIS A 1 167 ? 8.958   -6.213  8.123   1.00 15.13 ? 457  HIS A ND1 1 
ATOM   1080 C  CD2 . HIS A 1 167 ? 6.974   -7.098  8.212   1.00 16.03 ? 457  HIS A CD2 1 
ATOM   1081 C  CE1 . HIS A 1 167 ? 9.106   -7.434  8.592   1.00 16.48 ? 457  HIS A CE1 1 
ATOM   1082 N  NE2 . HIS A 1 167 ? 7.910   -7.989  8.674   1.00 15.71 ? 457  HIS A NE2 1 
ATOM   1083 N  N   . PRO A 1 168 ? 6.972   -6.767  4.726   1.00 14.78 ? 458  PRO A N   1 
ATOM   1084 C  CA  . PRO A 1 168 ? 6.144   -7.696  3.977   1.00 15.25 ? 458  PRO A CA  1 
ATOM   1085 C  C   . PRO A 1 168 ? 4.802   -7.974  4.658   1.00 15.01 ? 458  PRO A C   1 
ATOM   1086 O  O   . PRO A 1 168 ? 4.667   -7.903  5.881   1.00 15.09 ? 458  PRO A O   1 
ATOM   1087 C  CB  . PRO A 1 168 ? 7.013   -8.958  3.932   1.00 16.56 ? 458  PRO A CB  1 
ATOM   1088 C  CG  . PRO A 1 168 ? 8.406   -8.427  3.942   1.00 16.57 ? 458  PRO A CG  1 
ATOM   1089 C  CD  . PRO A 1 168 ? 8.337   -7.280  4.923   1.00 15.75 ? 458  PRO A CD  1 
ATOM   1090 N  N   . PHE A 1 169 ? 3.811   -8.344  3.851   1.00 15.66 ? 459  PHE A N   1 
ATOM   1091 C  CA  . PHE A 1 169 ? 2.478   -8.609  4.352   1.00 16.05 ? 459  PHE A CA  1 
ATOM   1092 C  C   . PHE A 1 169 ? 2.280   -10.074 4.718   1.00 17.48 ? 459  PHE A C   1 
ATOM   1093 O  O   . PHE A 1 169 ? 2.556   -10.939 3.877   1.00 19.85 ? 459  PHE A O   1 
ATOM   1094 C  CB  . PHE A 1 169 ? 1.417   -8.183  3.338   1.00 16.65 ? 459  PHE A CB  1 
ATOM   1095 C  CG  . PHE A 1 169 ? 1.383   -6.727  3.060   1.00 16.23 ? 459  PHE A CG  1 
ATOM   1096 C  CD1 . PHE A 1 169 ? 0.652   -5.879  3.873   1.00 17.43 ? 459  PHE A CD1 1 
ATOM   1097 C  CD2 . PHE A 1 169 ? 2.131   -6.173  2.041   1.00 18.38 ? 459  PHE A CD2 1 
ATOM   1098 C  CE1 . PHE A 1 169 ? 0.602   -4.530  3.639   1.00 16.73 ? 459  PHE A CE1 1 
ATOM   1099 C  CE2 . PHE A 1 169 ? 2.137   -4.789  1.806   1.00 18.49 ? 459  PHE A CE2 1 
ATOM   1100 C  CZ  . PHE A 1 169 ? 1.353   -3.960  2.626   1.00 17.51 ? 459  PHE A CZ  1 
ATOM   1101 N  N   . LEU A 1 170 ? 1.816   -10.357 5.928   1.00 16.96 ? 460  LEU A N   1 
ATOM   1102 C  CA  . LEU A 1 170 ? 1.600   -11.710 6.394   1.00 17.92 ? 460  LEU A CA  1 
ATOM   1103 C  C   . LEU A 1 170 ? 0.113   -12.037 6.345   1.00 18.49 ? 460  LEU A C   1 
ATOM   1104 O  O   . LEU A 1 170 ? -0.745  -11.196 6.676   1.00 18.68 ? 460  LEU A O   1 
ATOM   1105 C  CB  . LEU A 1 170 ? 2.126   -11.901 7.825   1.00 19.17 ? 460  LEU A CB  1 
ATOM   1106 C  CG  . LEU A 1 170 ? 3.600   -12.231 8.008   1.00 23.22 ? 460  LEU A CG  1 
ATOM   1107 C  CD1 . LEU A 1 170 ? 4.550   -11.356 7.241   1.00 27.98 ? 460  LEU A CD1 1 
ATOM   1108 C  CD2 . LEU A 1 170 ? 3.928   -12.253 9.506   1.00 22.13 ? 460  LEU A CD2 1 
ATOM   1109 N  N   . SER A 1 171 ? -0.172  -13.283 5.941   1.00 20.14 ? 461  SER A N   1 
ATOM   1110 C  CA  . SER A 1 171 ? -1.534  -13.826 6.009   1.00 23.16 ? 461  SER A CA  1 
ATOM   1111 C  C   . SER A 1 171 ? -1.440  -15.218 6.625   1.00 23.99 ? 461  SER A C   1 
ATOM   1112 O  O   . SER A 1 171 ? -0.574  -15.989 6.247   1.00 24.76 ? 461  SER A O   1 
ATOM   1113 C  CB  . SER A 1 171 ? -2.150  -13.959 4.618   1.00 23.39 ? 461  SER A CB  1 
ATOM   1114 O  OG  . SER A 1 171 ? -2.109  -12.766 3.844   1.00 26.04 ? 461  SER A OG  1 
ATOM   1115 N  N   . LEU A 1 172 ? -2.285  -15.486 7.605   1.00 28.45 ? 462  LEU A N   1 
ATOM   1116 C  CA  . LEU A 1 172 ? -2.351  -16.806 8.254   1.00 31.67 ? 462  LEU A CA  1 
ATOM   1117 C  C   . LEU A 1 172 ? -3.575  -17.543 7.720   1.00 36.42 ? 462  LEU A C   1 
ATOM   1118 O  O   . LEU A 1 172 ? -4.674  -16.999 7.789   1.00 41.88 ? 462  LEU A O   1 
ATOM   1119 C  CB  . LEU A 1 172 ? -2.427  -16.637 9.780   1.00 33.70 ? 462  LEU A CB  1 
ATOM   1120 C  CG  . LEU A 1 172 ? -1.189  -16.162 10.556  1.00 37.58 ? 462  LEU A CG  1 
ATOM   1121 C  CD1 . LEU A 1 172 ? -0.120  -17.235 10.551  1.00 37.96 ? 462  LEU A CD1 1 
ATOM   1122 C  CD2 . LEU A 1 172 ? -0.600  -14.839 10.069  1.00 37.64 ? 462  LEU A CD2 1 
HETATM 1123 CL CL  . CL  B 2 .   ? -10.446 7.251   1.874   1.00 25.86 ? 1463 CL  A CL  1 
HETATM 1124 CL CL  . CL  C 2 .   ? 5.153   -4.504  10.209  0.50 20.44 ? 1464 CL  A CL  1 
HETATM 1125 CL CL  . CL  D 2 .   ? -14.625 4.919   -4.406  1.00 30.34 ? 1465 CL  A CL  1 
HETATM 1126 CL CL  . CL  E 2 .   ? -5.673  21.035  0.312   1.00 31.01 ? 1466 CL  A CL  1 
HETATM 1127 O  O   . HOH F 3 .   ? -15.169 -0.163  -5.478  1.00 45.75 ? 2001 HOH A O   1 
HETATM 1128 O  O   . HOH F 3 .   ? -13.503 -7.803  -14.123 1.00 60.19 ? 2002 HOH A O   1 
HETATM 1129 O  O   . HOH F 3 .   ? 9.750   15.612  4.424   0.50 29.71 ? 2003 HOH A O   1 
HETATM 1130 O  O   . HOH F 3 .   ? 9.825   13.990  -0.424  1.00 40.02 ? 2004 HOH A O   1 
HETATM 1131 O  O   . HOH F 3 .   ? 2.461   10.575  12.345  1.00 47.70 ? 2005 HOH A O   1 
HETATM 1132 O  O   . HOH F 3 .   ? 10.670  -5.713  0.585   1.00 36.46 ? 2006 HOH A O   1 
HETATM 1133 O  O   . HOH F 3 .   ? 5.258   -25.074 1.748   1.00 63.20 ? 2007 HOH A O   1 
HETATM 1134 O  O   . HOH F 3 .   ? 9.610   -27.347 -0.895  1.00 63.88 ? 2008 HOH A O   1 
HETATM 1135 O  O   . HOH F 3 .   ? 0.753   -20.759 -4.257  1.00 54.44 ? 2009 HOH A O   1 
HETATM 1136 O  O   . HOH F 3 .   ? 4.896   -22.454 -7.368  1.00 43.36 ? 2010 HOH A O   1 
HETATM 1137 O  O   . HOH F 3 .   ? -2.320  -19.620 -7.249  1.00 55.76 ? 2011 HOH A O   1 
HETATM 1138 O  O   . HOH F 3 .   ? -2.703  -14.840 -5.916  1.00 37.41 ? 2012 HOH A O   1 
HETATM 1139 O  O   . HOH F 3 .   ? 1.426   -17.107 -10.557 1.00 38.86 ? 2013 HOH A O   1 
HETATM 1140 O  O   . HOH F 3 .   ? -3.156  -13.817 -8.738  1.00 29.45 ? 2014 HOH A O   1 
HETATM 1141 O  O   . HOH F 3 .   ? 2.964   -9.719  -10.249 0.50 23.60 ? 2015 HOH A O   1 
HETATM 1142 O  O   . HOH F 3 .   ? 2.151   -9.397  -11.253 0.50 31.93 ? 2016 HOH A O   1 
HETATM 1143 O  O   . HOH F 3 .   ? -4.231  -11.237 -9.426  1.00 23.73 ? 2017 HOH A O   1 
HETATM 1144 O  O   . HOH F 3 .   ? -0.679  -10.689 -12.366 0.50 21.79 ? 2018 HOH A O   1 
HETATM 1145 O  O   . HOH F 3 .   ? -2.035  -10.968 -12.645 0.50 28.97 ? 2019 HOH A O   1 
HETATM 1146 O  O   . HOH F 3 .   ? -5.897  -9.752  -7.750  1.00 20.30 ? 2020 HOH A O   1 
HETATM 1147 O  O   . HOH F 3 .   ? -5.776  -9.205  -11.352 1.00 17.98 ? 2021 HOH A O   1 
HETATM 1148 O  O   . HOH F 3 .   ? 0.753   -6.987  -13.951 0.50 24.31 ? 2022 HOH A O   1 
HETATM 1149 O  O   . HOH F 3 .   ? -9.897  0.233   -8.529  1.00 27.17 ? 2023 HOH A O   1 
HETATM 1150 O  O   . HOH F 3 .   ? -9.354  1.797   -13.276 1.00 39.83 ? 2024 HOH A O   1 
HETATM 1151 O  O   . HOH F 3 .   ? -2.587  4.425   -9.064  1.00 23.26 ? 2025 HOH A O   1 
HETATM 1152 O  O   . HOH F 3 .   ? -8.026  2.900   -6.302  1.00 17.98 ? 2026 HOH A O   1 
HETATM 1153 O  O   . HOH F 3 .   ? -9.800  8.473   -11.771 0.50 31.63 ? 2027 HOH A O   1 
HETATM 1154 O  O   . HOH F 3 .   ? -12.077 4.336   -12.297 1.00 44.61 ? 2028 HOH A O   1 
HETATM 1155 O  O   . HOH F 3 .   ? -9.328  5.092   -14.717 1.00 47.58 ? 2029 HOH A O   1 
HETATM 1156 O  O   . HOH F 3 .   ? -13.670 9.122   -4.809  1.00 44.59 ? 2030 HOH A O   1 
HETATM 1157 O  O   . HOH F 3 .   ? -11.595 8.797   -7.959  1.00 40.06 ? 2031 HOH A O   1 
HETATM 1158 O  O   . HOH F 3 .   ? -13.972 8.046   -7.793  1.00 51.91 ? 2032 HOH A O   1 
HETATM 1159 O  O   . HOH F 3 .   ? -2.025  6.053   -11.461 1.00 36.48 ? 2033 HOH A O   1 
HETATM 1160 O  O   . HOH F 3 .   ? -4.965  9.692   -13.799 1.00 52.86 ? 2034 HOH A O   1 
HETATM 1161 O  O   . HOH F 3 .   ? 0.713   1.545   -13.277 1.00 27.98 ? 2035 HOH A O   1 
HETATM 1162 O  O   . HOH F 3 .   ? 1.036   1.918   -9.841  1.00 37.59 ? 2036 HOH A O   1 
HETATM 1163 O  O   . HOH F 3 .   ? 3.033   -0.720  -12.288 1.00 39.98 ? 2037 HOH A O   1 
HETATM 1164 O  O   . HOH F 3 .   ? 3.589   -2.708  -8.208  1.00 31.95 ? 2038 HOH A O   1 
HETATM 1165 O  O   . HOH F 3 .   ? 2.444   -5.254  -14.898 0.50 32.71 ? 2039 HOH A O   1 
HETATM 1166 O  O   . HOH F 3 .   ? 6.573   -13.208 -1.870  1.00 31.23 ? 2040 HOH A O   1 
HETATM 1167 O  O   . HOH F 3 .   ? 8.928   -12.147 -3.500  1.00 39.10 ? 2041 HOH A O   1 
HETATM 1168 O  O   . HOH F 3 .   ? -5.242  -13.609 0.707   1.00 30.42 ? 2042 HOH A O   1 
HETATM 1169 O  O   . HOH F 3 .   ? -2.975  -14.943 1.266   0.50 35.44 ? 2043 HOH A O   1 
HETATM 1170 O  O   . HOH F 3 .   ? -2.552  -17.589 0.044   1.00 49.75 ? 2044 HOH A O   1 
HETATM 1171 O  O   . HOH F 3 .   ? -4.000  -13.019 -3.515  1.00 41.74 ? 2045 HOH A O   1 
HETATM 1172 O  O   . HOH F 3 .   ? -4.582  -16.487 -4.574  1.00 46.65 ? 2046 HOH A O   1 
HETATM 1173 O  O   . HOH F 3 .   ? -2.078  -20.016 9.958   1.00 43.12 ? 2047 HOH A O   1 
HETATM 1174 O  O   . HOH F 3 .   ? -3.785  -19.956 5.091   1.00 53.27 ? 2048 HOH A O   1 
HETATM 1175 O  O   . HOH F 3 .   ? 0.257   -12.323 2.563   1.00 22.48 ? 2049 HOH A O   1 
HETATM 1176 O  O   . HOH F 3 .   ? 6.715   -8.436  -5.728  1.00 34.62 ? 2050 HOH A O   1 
HETATM 1177 O  O   . HOH F 3 .   ? 6.120   -4.932  -0.327  1.00 29.30 ? 2051 HOH A O   1 
HETATM 1178 O  O   . HOH F 3 .   ? 9.493   -4.644  -4.492  1.00 42.52 ? 2052 HOH A O   1 
HETATM 1179 O  O   . HOH F 3 .   ? 9.530   -5.907  -8.858  1.00 45.17 ? 2053 HOH A O   1 
HETATM 1180 O  O   . HOH F 3 .   ? 6.677   2.168   -8.714  1.00 43.70 ? 2054 HOH A O   1 
HETATM 1181 O  O   . HOH F 3 .   ? 6.628   -6.878  -10.323 1.00 45.31 ? 2055 HOH A O   1 
HETATM 1182 O  O   . HOH F 3 .   ? 6.425   -5.391  -14.075 1.00 52.87 ? 2056 HOH A O   1 
HETATM 1183 O  O   . HOH F 3 .   ? 12.407  -0.802  -8.171  1.00 51.36 ? 2057 HOH A O   1 
HETATM 1184 O  O   . HOH F 3 .   ? 9.768   -2.076  0.871   1.00 38.75 ? 2058 HOH A O   1 
HETATM 1185 O  O   . HOH F 3 .   ? 11.021  3.543   -2.426  1.00 22.91 ? 2059 HOH A O   1 
HETATM 1186 O  O   . HOH F 3 .   ? 14.494  0.246   -6.377  1.00 50.19 ? 2060 HOH A O   1 
HETATM 1187 O  O   . HOH F 3 .   ? 12.958  -0.960  0.409   1.00 36.80 ? 2061 HOH A O   1 
HETATM 1188 O  O   . HOH F 3 .   ? 14.511  -2.670  -1.628  1.00 44.86 ? 2062 HOH A O   1 
HETATM 1189 O  O   . HOH F 3 .   ? 18.429  -2.770  -3.147  1.00 37.95 ? 2063 HOH A O   1 
HETATM 1190 O  O   . HOH F 3 .   ? 31.536  3.076   -5.224  1.00 48.94 ? 2064 HOH A O   1 
HETATM 1191 O  O   . HOH F 3 .   ? 26.564  6.712   -8.990  1.00 50.66 ? 2065 HOH A O   1 
HETATM 1192 O  O   . HOH F 3 .   ? 26.631  1.702   -10.648 1.00 50.18 ? 2066 HOH A O   1 
HETATM 1193 O  O   . HOH F 3 .   ? 24.934  9.219   0.935   1.00 40.97 ? 2067 HOH A O   1 
HETATM 1194 O  O   . HOH F 3 .   ? 22.190  9.067   -0.044  1.00 39.08 ? 2068 HOH A O   1 
HETATM 1195 O  O   . HOH F 3 .   ? 16.206  7.887   -2.019  1.00 48.45 ? 2069 HOH A O   1 
HETATM 1196 O  O   . HOH F 3 .   ? 18.196  9.937   -1.474  1.00 51.62 ? 2070 HOH A O   1 
HETATM 1197 O  O   . HOH F 3 .   ? 16.012  8.320   -5.739  1.00 38.72 ? 2071 HOH A O   1 
HETATM 1198 O  O   . HOH F 3 .   ? 9.959   8.870   -2.659  1.00 30.13 ? 2072 HOH A O   1 
HETATM 1199 O  O   . HOH F 3 .   ? 4.396   4.025   -8.697  0.50 20.46 ? 2073 HOH A O   1 
HETATM 1200 O  O   . HOH F 3 .   ? 3.217   3.164   -8.680  0.50 32.78 ? 2074 HOH A O   1 
HETATM 1201 O  O   . HOH F 3 .   ? -0.551  2.935   -8.009  1.00 33.51 ? 2075 HOH A O   1 
HETATM 1202 O  O   . HOH F 3 .   ? 0.180   6.906   -9.530  1.00 39.41 ? 2076 HOH A O   1 
HETATM 1203 O  O   . HOH F 3 .   ? 6.251   7.829   -8.540  1.00 40.16 ? 2077 HOH A O   1 
HETATM 1204 O  O   . HOH F 3 .   ? -2.829  13.363  -8.183  1.00 22.94 ? 2078 HOH A O   1 
HETATM 1205 O  O   . HOH F 3 .   ? -3.512  14.415  -12.008 1.00 48.30 ? 2079 HOH A O   1 
HETATM 1206 O  O   . HOH F 3 .   ? -0.429  14.497  -12.962 1.00 49.15 ? 2080 HOH A O   1 
HETATM 1207 O  O   . HOH F 3 .   ? -5.536  12.912  -7.824  1.00 23.64 ? 2081 HOH A O   1 
HETATM 1208 O  O   . HOH F 3 .   ? -10.614 10.413  -4.355  1.00 29.06 ? 2082 HOH A O   1 
HETATM 1209 O  O   . HOH F 3 .   ? -15.548 10.918  -1.728  1.00 56.91 ? 2083 HOH A O   1 
HETATM 1210 O  O   . HOH F 3 .   ? -15.144 2.647   -2.325  1.00 41.45 ? 2084 HOH A O   1 
HETATM 1211 O  O   . HOH F 3 .   ? -14.929 8.491   2.468   1.00 57.93 ? 2085 HOH A O   1 
HETATM 1212 O  O   . HOH F 3 .   ? -13.010 13.074  -2.432  1.00 46.01 ? 2086 HOH A O   1 
HETATM 1213 O  O   . HOH F 3 .   ? -10.248 16.179  -0.497  1.00 36.52 ? 2087 HOH A O   1 
HETATM 1214 O  O   . HOH F 3 .   ? -9.030  13.554  -5.571  0.50 26.49 ? 2088 HOH A O   1 
HETATM 1215 O  O   . HOH F 3 .   ? -9.093  14.927  -5.054  0.50 26.62 ? 2089 HOH A O   1 
HETATM 1216 O  O   . HOH F 3 .   ? -9.806  11.416  10.109  1.00 33.00 ? 2090 HOH A O   1 
HETATM 1217 O  O   . HOH F 3 .   ? -10.639 7.502   12.632  1.00 38.52 ? 2091 HOH A O   1 
HETATM 1218 O  O   . HOH F 3 .   ? -11.451 9.092   9.892   1.00 54.56 ? 2092 HOH A O   1 
HETATM 1219 O  O   . HOH F 3 .   ? -9.784  9.422   14.803  1.00 42.42 ? 2093 HOH A O   1 
HETATM 1220 O  O   . HOH F 3 .   ? -11.770 6.661   5.540   1.00 41.82 ? 2094 HOH A O   1 
HETATM 1221 O  O   . HOH F 3 .   ? -9.043  3.860   12.453  1.00 39.76 ? 2095 HOH A O   1 
HETATM 1222 O  O   . HOH F 3 .   ? -13.733 -4.631  -7.129  1.00 49.13 ? 2096 HOH A O   1 
HETATM 1223 O  O   . HOH F 3 .   ? -13.112 -1.385  -6.678  1.00 29.94 ? 2097 HOH A O   1 
HETATM 1224 O  O   . HOH F 3 .   ? -13.547 -5.341  -11.893 1.00 52.40 ? 2098 HOH A O   1 
HETATM 1225 O  O   . HOH F 3 .   ? -9.876  -2.407  -13.467 1.00 33.48 ? 2099 HOH A O   1 
HETATM 1226 O  O   . HOH F 3 .   ? -14.170 2.231   -8.759  1.00 54.99 ? 2100 HOH A O   1 
HETATM 1227 O  O   . HOH F 3 .   ? -12.383 -6.970  -8.568  1.00 31.59 ? 2101 HOH A O   1 
HETATM 1228 O  O   . HOH F 3 .   ? -12.650 -10.632 -8.521  0.50 36.00 ? 2102 HOH A O   1 
HETATM 1229 O  O   . HOH F 3 .   ? -12.159 -9.540  -7.010  0.50 31.34 ? 2103 HOH A O   1 
HETATM 1230 O  O   . HOH F 3 .   ? -12.274 -8.490  -11.652 1.00 34.26 ? 2104 HOH A O   1 
HETATM 1231 O  O   . HOH F 3 .   ? -10.036 -14.975 -4.446  1.00 34.62 ? 2105 HOH A O   1 
HETATM 1232 O  O   . HOH F 3 .   ? -13.991 -13.011 -4.251  1.00 49.07 ? 2106 HOH A O   1 
HETATM 1233 O  O   . HOH F 3 .   ? -9.176  -8.606  -1.476  1.00 26.34 ? 2107 HOH A O   1 
HETATM 1234 O  O   . HOH F 3 .   ? -7.441  -6.591  -0.865  1.00 21.94 ? 2108 HOH A O   1 
HETATM 1235 O  O   . HOH F 3 .   ? -5.101  -12.071 7.051   0.50 30.80 ? 2109 HOH A O   1 
HETATM 1236 O  O   . HOH F 3 .   ? -10.421 -9.205  4.734   1.00 34.47 ? 2110 HOH A O   1 
HETATM 1237 O  O   . HOH F 3 .   ? -10.017 -13.192 5.541   1.00 56.76 ? 2111 HOH A O   1 
HETATM 1238 O  O   . HOH F 3 .   ? -7.294  -9.451  6.169   1.00 45.87 ? 2112 HOH A O   1 
HETATM 1239 O  O   . HOH F 3 .   ? 1.182   -7.993  7.427   1.00 17.14 ? 2113 HOH A O   1 
HETATM 1240 O  O   . HOH F 3 .   ? -2.673  21.747  1.276   1.00 23.45 ? 2114 HOH A O   1 
HETATM 1241 O  O   . HOH F 3 .   ? -3.932  19.309  -1.576  1.00 22.21 ? 2115 HOH A O   1 
HETATM 1242 O  O   . HOH F 3 .   ? -5.661  22.028  -3.045  1.00 40.59 ? 2116 HOH A O   1 
HETATM 1243 O  O   . HOH F 3 .   ? 5.107   23.879  0.673   1.00 28.03 ? 2117 HOH A O   1 
HETATM 1244 O  O   . HOH F 3 .   ? -3.394  23.681  3.606   1.00 51.49 ? 2118 HOH A O   1 
HETATM 1245 O  O   . HOH F 3 .   ? 0.203   26.701  4.333   1.00 49.86 ? 2119 HOH A O   1 
HETATM 1246 O  O   . HOH F 3 .   ? -1.864  28.618  1.172   1.00 59.57 ? 2120 HOH A O   1 
HETATM 1247 O  O   . HOH F 3 .   ? 5.614   20.786  4.545   1.00 26.70 ? 2121 HOH A O   1 
HETATM 1248 O  O   . HOH F 3 .   ? 5.606   17.931  7.651   1.00 48.31 ? 2122 HOH A O   1 
HETATM 1249 O  O   . HOH F 3 .   ? 8.443   16.325  5.363   0.50 35.29 ? 2123 HOH A O   1 
HETATM 1250 O  O   . HOH F 3 .   ? 1.082   21.146  8.568   1.00 44.69 ? 2124 HOH A O   1 
HETATM 1251 O  O   . HOH F 3 .   ? 5.537   14.911  8.506   1.00 32.06 ? 2125 HOH A O   1 
HETATM 1252 O  O   . HOH F 3 .   ? 10.043  13.404  2.445   1.00 21.40 ? 2126 HOH A O   1 
HETATM 1253 O  O   . HOH F 3 .   ? 12.255  9.347   0.200   0.50 30.76 ? 2127 HOH A O   1 
HETATM 1254 O  O   . HOH F 3 .   ? 0.032   11.284  10.930  1.00 26.64 ? 2128 HOH A O   1 
HETATM 1255 O  O   . HOH F 3 .   ? 3.094   13.630  9.401   1.00 32.96 ? 2129 HOH A O   1 
HETATM 1256 O  O   . HOH F 3 .   ? 0.787   8.127   10.370  1.00 22.42 ? 2130 HOH A O   1 
HETATM 1257 O  O   . HOH F 3 .   ? 3.350   7.893   12.770  1.00 30.06 ? 2131 HOH A O   1 
HETATM 1258 O  O   . HOH F 3 .   ? -5.766  -7.913  11.327  1.00 51.05 ? 2132 HOH A O   1 
HETATM 1259 O  O   . HOH F 3 .   ? -13.176 -6.696  5.658   1.00 32.61 ? 2133 HOH A O   1 
HETATM 1260 O  O   . HOH F 3 .   ? -15.545 -10.687 2.258   1.00 48.76 ? 2134 HOH A O   1 
HETATM 1261 O  O   . HOH F 3 .   ? -17.433 -1.615  -1.320  1.00 36.13 ? 2135 HOH A O   1 
HETATM 1262 O  O   . HOH F 3 .   ? -16.062 -7.458  6.006   1.00 48.00 ? 2136 HOH A O   1 
HETATM 1263 O  O   . HOH F 3 .   ? -17.332 -6.694  -5.734  1.00 49.15 ? 2137 HOH A O   1 
HETATM 1264 O  O   . HOH F 3 .   ? -17.136 -2.327  -5.522  1.00 52.16 ? 2138 HOH A O   1 
HETATM 1265 O  O   . HOH F 3 .   ? 1.927   9.989   17.073  1.00 50.66 ? 2139 HOH A O   1 
HETATM 1266 O  O   . HOH F 3 .   ? 2.649   7.689   15.568  1.00 22.55 ? 2140 HOH A O   1 
HETATM 1267 O  O   . HOH F 3 .   ? 5.587   -8.576  -8.043  1.00 35.25 ? 2141 HOH A O   1 
HETATM 1268 O  O   . HOH F 3 .   ? -0.143  -12.491 -13.065 0.50 38.70 ? 2142 HOH A O   1 
HETATM 1269 O  O   . HOH F 3 .   ? -10.066 11.941  12.628  1.00 43.13 ? 2143 HOH A O   1 
HETATM 1270 O  O   . HOH F 3 .   ? -8.434  13.862  13.779  1.00 43.91 ? 2144 HOH A O   1 
HETATM 1271 O  O   . HOH F 3 .   ? -6.364  11.958  13.794  1.00 36.81 ? 2145 HOH A O   1 
HETATM 1272 O  O   . HOH F 3 .   ? -9.352  15.380  7.705   1.00 50.32 ? 2146 HOH A O   1 
HETATM 1273 O  O   . HOH F 3 .   ? 2.120   16.359  10.932  1.00 43.20 ? 2147 HOH A O   1 
HETATM 1274 O  O   . HOH F 3 .   ? -8.670  9.301   -12.200 0.50 32.72 ? 2148 HOH A O   1 
HETATM 1275 O  O   . HOH F 3 .   ? -7.779  3.926   -16.658 1.00 45.41 ? 2149 HOH A O   1 
HETATM 1276 O  O   . HOH F 3 .   ? -5.463  20.474  9.373   1.00 32.51 ? 2150 HOH A O   1 
HETATM 1277 O  O   . HOH F 3 .   ? 4.207   -5.750  -17.146 1.00 50.10 ? 2151 HOH A O   1 
HETATM 1278 O  O   . HOH F 3 .   ? -3.178  21.115  7.903   1.00 44.61 ? 2152 HOH A O   1 
HETATM 1279 O  O   . HOH F 3 .   ? -9.760  19.159  2.262   1.00 52.34 ? 2153 HOH A O   1 
HETATM 1280 O  O   . HOH F 3 .   ? -6.279  14.759  -5.562  1.00 28.57 ? 2154 HOH A O   1 
HETATM 1281 O  O   . HOH F 3 .   ? -6.323  17.004  -7.084  1.00 50.15 ? 2155 HOH A O   1 
HETATM 1282 O  O   . HOH F 3 .   ? -2.406  16.052  -8.339  1.00 26.39 ? 2156 HOH A O   1 
HETATM 1283 O  O   . HOH F 3 .   ? -6.812  19.651  -5.381  1.00 39.59 ? 2157 HOH A O   1 
HETATM 1284 O  O   . HOH F 3 .   ? 5.507   14.218  -5.582  1.00 24.48 ? 2158 HOH A O   1 
HETATM 1285 O  O   . HOH F 3 .   ? 9.130   10.519  -5.075  1.00 50.81 ? 2159 HOH A O   1 
HETATM 1286 O  O   . HOH F 3 .   ? 3.506   6.001   -10.525 1.00 50.44 ? 2160 HOH A O   1 
HETATM 1287 O  O   . HOH F 3 .   ? 8.025   -5.740  1.652   1.00 27.13 ? 2161 HOH A O   1 
HETATM 1288 O  O   . HOH F 3 .   ? 1.269   9.329   -10.478 1.00 43.34 ? 2162 HOH A O   1 
HETATM 1289 O  O   . HOH F 3 .   ? 4.861   11.071  -8.732  1.00 41.96 ? 2163 HOH A O   1 
HETATM 1290 O  O   . HOH F 3 .   ? 7.972   -3.994  10.855  0.50 11.17 ? 2164 HOH A O   1 
HETATM 1291 O  O   . HOH F 3 .   ? 6.924   -10.140 10.088  0.33 16.81 ? 2165 HOH A O   1 
HETATM 1292 O  O   . HOH F 3 .   ? -6.656  13.515  -10.247 1.00 52.27 ? 2166 HOH A O   1 
HETATM 1293 O  O   . HOH F 3 .   ? -16.682 9.085   0.511   1.00 54.29 ? 2167 HOH A O   1 
HETATM 1294 O  O   . HOH F 3 .   ? -16.198 0.198   -3.099  1.00 48.26 ? 2168 HOH A O   1 
HETATM 1295 O  O   . HOH F 3 .   ? -15.248 2.564   -6.172  1.00 50.72 ? 2169 HOH A O   1 
HETATM 1296 O  O   . HOH F 3 .   ? -13.811 15.457  -6.721  1.00 59.44 ? 2170 HOH A O   1 
HETATM 1297 O  O   . HOH F 3 .   ? -11.188 6.417   16.035  1.00 51.07 ? 2171 HOH A O   1 
HETATM 1298 O  O   . HOH F 3 .   ? -3.640  -12.825 9.363   0.50 29.59 ? 2172 HOH A O   1 
HETATM 1299 O  O   . HOH F 3 .   ? -13.026 6.801   3.167   1.00 33.41 ? 2173 HOH A O   1 
HETATM 1300 O  O   . HOH F 3 .   ? 23.799  1.309   -11.090 1.00 57.45 ? 2174 HOH A O   1 
# 
